data_5MUO
#
_entry.id   5MUO
#
_cell.length_a   180.980
_cell.length_b   132.900
_cell.length_c   159.920
_cell.angle_alpha   90.00
_cell.angle_beta   101.84
_cell.angle_gamma   90.00
#
_symmetry.space_group_name_H-M   'C 1 2 1'
#
loop_
_entity.id
_entity.type
_entity.pdbx_description
1 polymer 'Proton-gated ion channel'
2 non-polymer DODECYL-BETA-D-MALTOSIDE
3 non-polymer 'CHLORIDE ION'
4 non-polymer 'ACETATE ION'
5 non-polymer 2,6-BIS(1-METHYLETHYL)PHENOL
6 water water
#
_entity_poly.entity_id   1
_entity_poly.type   'polypeptide(L)'
_entity_poly.pdbx_seq_one_letter_code
;GSAAAQDMVSPPPPIADEPLTVNTGIYLIESYSLDDCAETFKVNAFLSLSWKDRRLAFDPVRSGVRVKTYEPEAIWIPEI
RFVNVENARDADVVDISVSPDGTVQYLERFSARVLSPLDFRRYPFDSQTLHIYLIVRSVDTRNIVLAVDLEKVGKNDDVF
LTGWDIESFTAVVKPANFALEDRLESKLDYQLRISRQYFSYIPNIILPMLFILFISWTAFWSTSYEANVTLVVSTLIAHI
AFNILVETNCPKTPYMTYTGAIIFMIYLFYFVAVIEVTVQHYLKVESQPARAASITRASRIAFPVVFLLANIILAFLFFG
F
;
_entity_poly.pdbx_strand_id   A,B,C,D,E
#
loop_
_chem_comp.id
_chem_comp.type
_chem_comp.name
_chem_comp.formula
ACT non-polymer 'ACETATE ION' 'C2 H3 O2 -1'
CL non-polymer 'CHLORIDE ION' 'Cl -1'
LMT D-saccharide DODECYL-BETA-D-MALTOSIDE 'C24 H46 O11'
PFL non-polymer 2,6-BIS(1-METHYLETHYL)PHENOL 'C12 H18 O'
#
# COMPACT_ATOMS: atom_id res chain seq x y z
N VAL A 9 -25.83 -27.59 23.85
CA VAL A 9 -24.75 -27.60 22.87
C VAL A 9 -24.66 -28.97 22.18
N SER A 10 -25.68 -29.21 21.33
CA SER A 10 -25.93 -30.39 20.48
C SER A 10 -27.08 -29.95 19.55
N PRO A 11 -27.15 -30.37 18.27
CA PRO A 11 -28.25 -29.91 17.41
C PRO A 11 -29.66 -30.30 17.86
N PRO A 12 -30.71 -29.53 17.52
CA PRO A 12 -32.07 -29.91 17.94
C PRO A 12 -32.54 -31.21 17.31
N PRO A 13 -33.38 -32.00 18.01
CA PRO A 13 -33.80 -33.29 17.42
C PRO A 13 -34.99 -33.17 16.46
N PRO A 14 -35.01 -34.00 15.38
CA PRO A 14 -36.14 -33.93 14.45
C PRO A 14 -37.41 -34.64 14.94
N ILE A 15 -38.58 -34.00 14.74
CA ILE A 15 -39.88 -34.58 15.13
C ILE A 15 -40.10 -35.89 14.38
N ALA A 16 -39.72 -35.90 13.11
CA ALA A 16 -39.68 -37.02 12.21
C ALA A 16 -38.32 -36.89 11.57
N ASP A 17 -38.19 -37.31 10.34
CA ASP A 17 -36.95 -37.32 9.55
C ASP A 17 -36.50 -35.99 8.86
N GLU A 18 -37.25 -34.91 9.03
CA GLU A 18 -37.03 -33.60 8.41
C GLU A 18 -35.65 -32.94 8.69
N PRO A 19 -35.09 -32.12 7.76
CA PRO A 19 -33.83 -31.44 8.07
C PRO A 19 -34.12 -30.10 8.77
N LEU A 20 -33.12 -29.55 9.43
CA LEU A 20 -33.32 -28.27 10.12
C LEU A 20 -33.26 -27.13 9.11
N THR A 21 -34.33 -26.33 9.03
CA THR A 21 -34.36 -25.18 8.12
C THR A 21 -34.01 -23.90 8.90
N VAL A 22 -32.88 -23.28 8.49
CA VAL A 22 -32.38 -22.03 9.07
C VAL A 22 -32.75 -20.92 8.11
N ASN A 23 -33.55 -19.98 8.60
CA ASN A 23 -34.03 -18.83 7.83
C ASN A 23 -33.06 -17.70 7.95
N THR A 24 -32.50 -17.33 6.81
CA THR A 24 -31.48 -16.32 6.69
C THR A 24 -32.01 -15.02 6.11
N GLY A 25 -31.20 -13.99 6.24
CA GLY A 25 -31.48 -12.64 5.77
C GLY A 25 -30.30 -11.72 6.03
N ILE A 26 -29.85 -11.04 4.97
CA ILE A 26 -28.76 -10.09 5.07
C ILE A 26 -29.33 -8.70 4.81
N TYR A 27 -29.03 -7.74 5.68
CA TYR A 27 -29.48 -6.37 5.50
C TYR A 27 -28.24 -5.47 5.43
N LEU A 28 -27.87 -4.97 4.21
CA LEU A 28 -26.71 -4.09 4.02
C LEU A 28 -26.89 -2.79 4.70
N ILE A 29 -25.96 -2.47 5.60
CA ILE A 29 -25.93 -1.20 6.33
C ILE A 29 -25.03 -0.25 5.52
N GLU A 30 -23.82 -0.72 5.17
CA GLU A 30 -22.81 0.01 4.41
C GLU A 30 -22.10 -0.92 3.45
N SER A 31 -21.81 -0.41 2.26
CA SER A 31 -21.05 -1.05 1.21
C SER A 31 -19.96 -0.05 0.93
N TYR A 32 -18.74 -0.52 0.82
CA TYR A 32 -17.60 0.35 0.58
C TYR A 32 -16.45 -0.42 -0.06
N SER A 33 -15.31 0.27 -0.26
CA SER A 33 -14.06 -0.24 -0.81
C SER A 33 -14.25 -1.31 -1.88
N LEU A 34 -14.91 -0.94 -2.99
CA LEU A 34 -15.04 -1.86 -4.14
C LEU A 34 -13.76 -1.70 -4.92
N ASP A 35 -12.93 -2.75 -4.90
CA ASP A 35 -11.66 -2.74 -5.60
C ASP A 35 -11.82 -3.49 -6.89
N ASP A 36 -11.82 -2.74 -8.01
CA ASP A 36 -11.99 -3.32 -9.33
C ASP A 36 -10.83 -4.27 -9.65
N CYS A 37 -9.60 -3.89 -9.25
CA CYS A 37 -8.35 -4.64 -9.45
C CYS A 37 -8.35 -5.93 -8.69
N ALA A 38 -8.59 -5.86 -7.36
CA ALA A 38 -8.58 -6.99 -6.44
C ALA A 38 -9.80 -7.89 -6.53
N GLU A 39 -10.88 -7.37 -7.15
CA GLU A 39 -12.16 -8.03 -7.34
C GLU A 39 -12.80 -8.37 -6.00
N THR A 40 -12.72 -7.42 -5.06
CA THR A 40 -13.31 -7.53 -3.73
C THR A 40 -14.12 -6.28 -3.44
N PHE A 41 -14.90 -6.31 -2.36
CA PHE A 41 -15.69 -5.19 -1.86
C PHE A 41 -15.99 -5.45 -0.39
N LYS A 42 -16.04 -4.39 0.39
CA LYS A 42 -16.27 -4.51 1.82
C LYS A 42 -17.73 -4.17 2.11
N VAL A 43 -18.28 -4.83 3.15
CA VAL A 43 -19.68 -4.70 3.55
C VAL A 43 -19.82 -4.69 5.08
N ASN A 44 -20.78 -3.91 5.61
CA ASN A 44 -21.23 -3.85 7.01
C ASN A 44 -22.67 -4.24 6.88
N ALA A 45 -23.07 -5.33 7.50
CA ALA A 45 -24.45 -5.78 7.37
C ALA A 45 -24.92 -6.55 8.60
N PHE A 46 -26.24 -6.78 8.66
CA PHE A 46 -26.89 -7.59 9.70
C PHE A 46 -27.10 -8.94 9.06
N LEU A 47 -26.82 -10.01 9.81
CA LEU A 47 -27.10 -11.38 9.37
C LEU A 47 -28.11 -11.91 10.38
N SER A 48 -29.32 -12.19 9.91
CA SER A 48 -30.36 -12.68 10.79
C SER A 48 -30.60 -14.13 10.52
N LEU A 49 -30.53 -14.96 11.58
CA LEU A 49 -30.75 -16.39 11.48
C LEU A 49 -31.97 -16.78 12.34
N SER A 50 -32.79 -17.73 11.86
CA SER A 50 -33.97 -18.21 12.59
C SER A 50 -34.24 -19.71 12.39
N TRP A 51 -34.25 -20.48 13.48
CA TRP A 51 -34.49 -21.92 13.43
C TRP A 51 -35.36 -22.39 14.62
N LYS A 52 -35.90 -23.64 14.58
CA LYS A 52 -36.75 -24.21 15.66
C LYS A 52 -36.04 -25.24 16.55
N ASP A 53 -35.80 -24.86 17.83
CA ASP A 53 -35.19 -25.75 18.82
C ASP A 53 -36.21 -25.99 19.94
N ARG A 54 -36.84 -27.18 19.91
CA ARG A 54 -37.87 -27.57 20.88
C ARG A 54 -37.36 -27.66 22.30
N ARG A 55 -36.10 -28.09 22.51
CA ARG A 55 -35.44 -28.20 23.82
C ARG A 55 -35.51 -26.86 24.60
N LEU A 56 -35.87 -25.78 23.89
CA LEU A 56 -35.94 -24.40 24.38
C LEU A 56 -37.36 -23.85 24.49
N ALA A 57 -38.36 -24.63 24.05
CA ALA A 57 -39.75 -24.23 24.13
C ALA A 57 -40.21 -24.04 25.59
N PHE A 58 -41.18 -23.14 25.82
CA PHE A 58 -41.69 -22.80 27.15
C PHE A 58 -43.17 -22.35 27.13
N ASP A 59 -43.87 -22.51 28.27
CA ASP A 59 -45.26 -22.09 28.45
C ASP A 59 -45.20 -20.62 28.89
N PRO A 60 -45.71 -19.66 28.06
CA PRO A 60 -45.63 -18.24 28.42
C PRO A 60 -46.37 -17.84 29.70
N VAL A 61 -47.37 -18.67 30.10
CA VAL A 61 -48.19 -18.48 31.30
C VAL A 61 -47.36 -18.78 32.56
N ARG A 62 -46.74 -19.97 32.62
CA ARG A 62 -45.89 -20.42 33.73
C ARG A 62 -44.61 -19.61 33.83
N SER A 63 -44.11 -19.09 32.68
CA SER A 63 -42.88 -18.29 32.60
C SER A 63 -43.13 -16.81 32.80
N GLY A 64 -44.37 -16.39 32.54
CA GLY A 64 -44.84 -15.01 32.68
C GLY A 64 -44.17 -14.03 31.75
N VAL A 65 -43.38 -14.56 30.81
CA VAL A 65 -42.61 -13.78 29.84
C VAL A 65 -42.96 -14.22 28.41
N ARG A 66 -43.06 -13.23 27.50
CA ARG A 66 -43.37 -13.38 26.08
C ARG A 66 -42.22 -14.11 25.37
N VAL A 67 -40.96 -13.60 25.55
CA VAL A 67 -39.73 -14.11 24.95
C VAL A 67 -38.55 -14.17 25.94
N LYS A 68 -37.66 -15.17 25.76
CA LYS A 68 -36.47 -15.37 26.60
C LYS A 68 -35.21 -15.10 25.79
N THR A 69 -34.38 -14.20 26.30
CA THR A 69 -33.11 -13.80 25.68
C THR A 69 -32.00 -14.72 26.19
N TYR A 70 -31.18 -15.23 25.27
CA TYR A 70 -30.04 -16.10 25.59
C TYR A 70 -28.70 -15.51 25.14
N GLU A 71 -27.61 -16.05 25.73
CA GLU A 71 -26.24 -15.72 25.36
C GLU A 71 -25.76 -16.79 24.38
N PRO A 72 -24.95 -16.42 23.35
CA PRO A 72 -24.52 -17.40 22.34
C PRO A 72 -24.02 -18.77 22.85
N GLU A 73 -23.31 -18.73 23.99
CA GLU A 73 -22.72 -19.89 24.68
C GLU A 73 -23.81 -20.82 25.18
N ALA A 74 -24.88 -20.25 25.78
CA ALA A 74 -26.00 -20.95 26.40
C ALA A 74 -26.76 -21.88 25.49
N ILE A 75 -26.85 -21.56 24.20
CA ILE A 75 -27.63 -22.39 23.29
C ILE A 75 -26.87 -22.81 22.04
N TRP A 76 -27.46 -23.81 21.36
CA TRP A 76 -26.97 -24.35 20.10
C TRP A 76 -27.32 -23.36 18.99
N ILE A 77 -26.29 -22.83 18.30
CA ILE A 77 -26.44 -21.94 17.16
C ILE A 77 -25.77 -22.61 15.94
N PRO A 78 -26.42 -22.65 14.75
CA PRO A 78 -25.78 -23.30 13.59
C PRO A 78 -24.56 -22.54 13.11
N GLU A 79 -23.51 -23.28 12.69
CA GLU A 79 -22.28 -22.68 12.19
C GLU A 79 -22.48 -22.22 10.73
N ILE A 80 -22.99 -20.99 10.56
CA ILE A 80 -23.18 -20.35 9.24
C ILE A 80 -21.87 -19.63 8.91
N ARG A 81 -21.37 -19.87 7.71
CA ARG A 81 -20.13 -19.29 7.23
C ARG A 81 -20.35 -18.67 5.84
N PHE A 82 -19.44 -17.77 5.42
CA PHE A 82 -19.47 -17.16 4.10
C PHE A 82 -18.47 -17.91 3.24
N VAL A 83 -18.83 -18.17 1.98
CA VAL A 83 -17.96 -18.93 1.10
C VAL A 83 -16.83 -18.06 0.54
N ASN A 84 -17.19 -16.88 0.02
CA ASN A 84 -16.25 -15.99 -0.64
C ASN A 84 -15.77 -14.80 0.21
N VAL A 85 -15.29 -15.05 1.42
CA VAL A 85 -14.71 -13.95 2.21
C VAL A 85 -13.20 -14.07 2.28
N GLU A 86 -12.42 -12.95 2.37
CA GLU A 86 -10.95 -13.06 2.45
C GLU A 86 -10.59 -13.64 3.85
N ASN A 87 -10.68 -12.81 4.89
CA ASN A 87 -10.48 -13.29 6.25
C ASN A 87 -11.87 -13.64 6.80
N ALA A 88 -11.94 -14.45 7.87
CA ALA A 88 -13.20 -14.80 8.51
C ALA A 88 -13.92 -13.51 8.95
N ARG A 89 -15.26 -13.42 8.72
CA ARG A 89 -16.07 -12.23 9.07
C ARG A 89 -15.92 -11.76 10.55
N ASP A 90 -15.98 -10.44 10.77
CA ASP A 90 -15.89 -9.85 12.11
C ASP A 90 -17.33 -9.72 12.56
N ALA A 91 -17.81 -10.69 13.36
CA ALA A 91 -19.19 -10.74 13.83
C ALA A 91 -19.33 -10.30 15.26
N ASP A 92 -20.49 -9.70 15.55
CA ASP A 92 -20.88 -9.24 16.87
C ASP A 92 -22.35 -9.56 17.03
N VAL A 93 -22.69 -10.46 17.99
CA VAL A 93 -24.08 -10.84 18.23
C VAL A 93 -24.82 -9.67 18.84
N VAL A 94 -25.88 -9.26 18.14
CA VAL A 94 -26.73 -8.13 18.52
C VAL A 94 -27.81 -8.63 19.48
N ASP A 95 -28.47 -9.74 19.11
CA ASP A 95 -29.58 -10.30 19.88
C ASP A 95 -29.90 -11.76 19.52
N ILE A 96 -30.27 -12.54 20.56
CA ILE A 96 -30.77 -13.91 20.49
C ILE A 96 -32.06 -13.92 21.30
N SER A 97 -33.18 -14.32 20.67
CA SER A 97 -34.51 -14.32 21.29
C SER A 97 -35.32 -15.57 20.97
N VAL A 98 -35.78 -16.25 22.03
CA VAL A 98 -36.58 -17.44 21.88
C VAL A 98 -38.03 -17.15 22.19
N SER A 99 -38.91 -17.53 21.25
CA SER A 99 -40.35 -17.38 21.36
C SER A 99 -40.87 -18.63 22.10
N PRO A 100 -42.15 -18.70 22.54
CA PRO A 100 -42.59 -19.86 23.32
C PRO A 100 -42.42 -21.23 22.66
N ASP A 101 -42.63 -21.33 21.33
CA ASP A 101 -42.54 -22.59 20.59
C ASP A 101 -41.11 -23.08 20.30
N GLY A 102 -40.11 -22.28 20.67
CA GLY A 102 -38.71 -22.61 20.48
C GLY A 102 -38.07 -22.03 19.23
N THR A 103 -38.75 -21.04 18.59
CA THR A 103 -38.24 -20.38 17.40
C THR A 103 -37.17 -19.37 17.83
N VAL A 104 -35.91 -19.67 17.51
CA VAL A 104 -34.77 -18.83 17.84
C VAL A 104 -34.73 -17.69 16.82
N GLN A 105 -34.40 -16.50 17.29
CA GLN A 105 -34.24 -15.33 16.46
C GLN A 105 -32.91 -14.69 16.79
N TYR A 106 -31.91 -15.06 15.97
CA TYR A 106 -30.52 -14.63 16.06
C TYR A 106 -30.34 -13.47 15.11
N LEU A 107 -29.50 -12.50 15.52
CA LEU A 107 -29.14 -11.34 14.73
C LEU A 107 -27.76 -10.91 15.13
N GLU A 108 -26.89 -10.75 14.15
CA GLU A 108 -25.52 -10.32 14.36
C GLU A 108 -25.15 -9.24 13.36
N ARG A 109 -24.23 -8.38 13.74
CA ARG A 109 -23.73 -7.38 12.83
C ARG A 109 -22.31 -7.78 12.44
N PHE A 110 -22.06 -7.87 11.12
CA PHE A 110 -20.77 -8.29 10.60
C PHE A 110 -20.23 -7.34 9.56
N SER A 111 -18.91 -7.42 9.34
CA SER A 111 -18.23 -6.70 8.30
C SER A 111 -17.34 -7.72 7.61
N ALA A 112 -17.35 -7.73 6.25
CA ALA A 112 -16.56 -8.71 5.48
C ALA A 112 -16.05 -8.19 4.15
N ARG A 113 -14.81 -8.58 3.79
CA ARG A 113 -14.23 -8.25 2.48
C ARG A 113 -14.56 -9.46 1.58
N VAL A 114 -15.56 -9.27 0.72
CA VAL A 114 -16.15 -10.29 -0.15
C VAL A 114 -15.44 -10.31 -1.49
N LEU A 115 -15.03 -11.51 -1.93
CA LEU A 115 -14.37 -11.72 -3.21
C LEU A 115 -15.43 -12.06 -4.28
N SER A 116 -15.67 -11.15 -5.21
CA SER A 116 -16.61 -11.44 -6.29
C SER A 116 -15.98 -10.99 -7.59
N PRO A 117 -15.88 -11.90 -8.58
CA PRO A 117 -15.23 -11.53 -9.85
C PRO A 117 -15.99 -10.46 -10.64
N LEU A 118 -15.26 -9.70 -11.47
CA LEU A 118 -15.85 -8.64 -12.27
C LEU A 118 -15.57 -8.82 -13.77
N ASP A 119 -16.56 -8.48 -14.62
CA ASP A 119 -16.47 -8.58 -16.07
C ASP A 119 -16.35 -7.20 -16.72
N PHE A 120 -15.12 -6.84 -17.14
CA PHE A 120 -14.78 -5.54 -17.71
C PHE A 120 -14.89 -5.45 -19.21
N ARG A 121 -15.38 -6.52 -19.86
CA ARG A 121 -15.57 -6.56 -21.31
C ARG A 121 -16.32 -5.32 -21.86
N ARG A 122 -17.38 -4.85 -21.17
CA ARG A 122 -18.17 -3.70 -21.58
C ARG A 122 -17.85 -2.39 -20.81
N TYR A 123 -16.70 -2.33 -20.09
CA TYR A 123 -16.25 -1.15 -19.36
C TYR A 123 -16.07 0.02 -20.35
N PRO A 124 -16.48 1.28 -19.99
CA PRO A 124 -17.07 1.76 -18.71
C PRO A 124 -18.59 1.78 -18.67
N PHE A 125 -19.22 1.01 -19.56
CA PHE A 125 -20.67 0.93 -19.65
C PHE A 125 -21.13 -0.41 -19.10
N ASP A 126 -20.40 -0.89 -18.07
CA ASP A 126 -20.62 -2.18 -17.46
C ASP A 126 -21.52 -2.13 -16.25
N SER A 127 -22.19 -3.28 -16.05
CA SER A 127 -23.03 -3.63 -14.92
C SER A 127 -22.41 -4.88 -14.34
N GLN A 128 -22.47 -4.99 -13.00
CA GLN A 128 -21.89 -6.09 -12.26
C GLN A 128 -22.90 -6.65 -11.28
N THR A 129 -22.77 -7.96 -10.97
CA THR A 129 -23.57 -8.68 -9.99
C THR A 129 -22.61 -9.20 -8.93
N LEU A 130 -22.55 -8.51 -7.80
CA LEU A 130 -21.70 -8.89 -6.66
C LEU A 130 -22.38 -10.01 -5.85
N HIS A 131 -21.59 -11.02 -5.42
CA HIS A 131 -22.14 -12.18 -4.71
C HIS A 131 -21.71 -12.31 -3.27
N ILE A 132 -22.63 -12.78 -2.43
CA ILE A 132 -22.36 -13.06 -1.03
C ILE A 132 -22.96 -14.43 -0.83
N TYR A 133 -22.10 -15.46 -0.74
CA TYR A 133 -22.53 -16.85 -0.56
C TYR A 133 -22.52 -17.29 0.91
N LEU A 134 -23.70 -17.72 1.41
CA LEU A 134 -23.90 -18.21 2.77
C LEU A 134 -23.90 -19.72 2.72
N ILE A 135 -23.21 -20.39 3.64
CA ILE A 135 -23.16 -21.85 3.64
C ILE A 135 -23.29 -22.44 5.05
N VAL A 136 -23.83 -23.67 5.17
CA VAL A 136 -23.95 -24.42 6.44
C VAL A 136 -23.61 -25.89 6.19
N ARG A 137 -22.71 -26.45 7.02
CA ARG A 137 -22.34 -27.85 6.84
C ARG A 137 -23.16 -28.68 7.79
N SER A 138 -23.93 -29.66 7.24
CA SER A 138 -24.79 -30.59 7.97
C SER A 138 -24.01 -31.43 8.96
N VAL A 139 -24.53 -31.54 10.19
CA VAL A 139 -23.91 -32.29 11.29
C VAL A 139 -24.23 -33.77 11.26
N ASP A 140 -23.59 -34.49 12.19
CA ASP A 140 -23.63 -35.93 12.42
C ASP A 140 -25.05 -36.41 12.66
N THR A 141 -25.71 -35.83 13.68
CA THR A 141 -27.07 -36.16 14.10
C THR A 141 -28.11 -35.82 13.02
N ARG A 142 -28.14 -34.55 12.54
CA ARG A 142 -29.12 -34.18 11.51
C ARG A 142 -28.60 -33.16 10.46
N ASN A 143 -29.29 -33.11 9.29
CA ASN A 143 -28.96 -32.26 8.14
C ASN A 143 -29.53 -30.87 8.28
N ILE A 144 -28.74 -29.86 7.84
CA ILE A 144 -29.16 -28.44 7.90
C ILE A 144 -29.29 -27.87 6.49
N VAL A 145 -30.45 -27.21 6.25
CA VAL A 145 -30.82 -26.54 5.00
C VAL A 145 -31.11 -25.04 5.26
N LEU A 146 -30.57 -24.16 4.39
CA LEU A 146 -30.78 -22.71 4.47
C LEU A 146 -32.02 -22.30 3.67
N ALA A 147 -32.69 -21.25 4.13
CA ALA A 147 -33.90 -20.71 3.52
C ALA A 147 -33.83 -19.21 3.62
N VAL A 148 -34.55 -18.50 2.74
CA VAL A 148 -34.51 -17.03 2.77
C VAL A 148 -35.76 -16.44 3.40
N ASP A 149 -35.60 -15.51 4.36
CA ASP A 149 -36.72 -14.77 4.93
C ASP A 149 -36.67 -13.45 4.19
N LEU A 150 -37.54 -13.27 3.18
CA LEU A 150 -37.56 -12.08 2.33
C LEU A 150 -37.80 -10.76 3.08
N GLU A 151 -38.47 -10.85 4.25
CA GLU A 151 -38.73 -9.71 5.12
C GLU A 151 -37.44 -9.22 5.83
N LYS A 152 -36.41 -10.10 5.87
CA LYS A 152 -35.12 -9.87 6.55
C LYS A 152 -33.94 -9.56 5.57
N VAL A 153 -34.24 -9.40 4.26
CA VAL A 153 -33.29 -9.05 3.20
C VAL A 153 -33.63 -7.64 2.73
N GLY A 154 -32.60 -6.81 2.61
CA GLY A 154 -32.71 -5.44 2.15
C GLY A 154 -31.41 -4.68 2.27
N LYS A 155 -31.50 -3.36 2.16
CA LYS A 155 -30.37 -2.45 2.27
C LYS A 155 -30.86 -1.08 2.68
N ASN A 156 -30.04 -0.36 3.45
CA ASN A 156 -30.32 1.01 3.88
C ASN A 156 -30.33 1.89 2.60
N ASP A 157 -31.18 2.91 2.55
CA ASP A 157 -31.27 3.81 1.37
C ASP A 157 -29.96 4.60 1.14
N ASP A 158 -29.26 4.97 2.23
CA ASP A 158 -27.95 5.63 2.26
C ASP A 158 -26.82 4.77 1.65
N VAL A 159 -27.04 3.43 1.45
CA VAL A 159 -26.07 2.49 0.86
C VAL A 159 -25.62 3.03 -0.50
N PHE A 160 -24.30 3.28 -0.63
CA PHE A 160 -23.66 3.84 -1.82
C PHE A 160 -22.31 3.20 -2.13
N LEU A 161 -21.95 3.22 -3.40
CA LEU A 161 -20.63 2.85 -3.91
C LEU A 161 -20.31 4.02 -4.83
N THR A 162 -19.26 4.81 -4.53
CA THR A 162 -18.94 5.97 -5.39
C THR A 162 -18.65 5.49 -6.81
N GLY A 163 -19.34 6.11 -7.77
CA GLY A 163 -19.21 5.77 -9.19
C GLY A 163 -20.08 4.63 -9.68
N TRP A 164 -21.06 4.19 -8.87
CA TRP A 164 -21.97 3.12 -9.25
C TRP A 164 -23.37 3.46 -8.83
N ASP A 165 -24.36 2.96 -9.59
CA ASP A 165 -25.77 3.09 -9.23
C ASP A 165 -26.10 1.73 -8.64
N ILE A 166 -26.53 1.71 -7.35
CA ILE A 166 -26.88 0.47 -6.67
C ILE A 166 -28.33 0.15 -7.01
N GLU A 167 -28.52 -0.79 -7.94
CA GLU A 167 -29.83 -1.20 -8.45
C GLU A 167 -30.64 -2.00 -7.41
N SER A 168 -30.14 -3.20 -7.03
CA SER A 168 -30.86 -4.07 -6.10
C SER A 168 -29.97 -4.94 -5.23
N PHE A 169 -30.54 -5.35 -4.09
CA PHE A 169 -29.96 -6.32 -3.17
C PHE A 169 -31.07 -7.33 -2.93
N THR A 170 -30.88 -8.53 -3.51
CA THR A 170 -31.84 -9.65 -3.49
C THR A 170 -31.14 -10.98 -3.27
N ALA A 171 -31.90 -12.01 -2.91
CA ALA A 171 -31.34 -13.34 -2.69
C ALA A 171 -32.05 -14.40 -3.50
N VAL A 172 -31.27 -15.37 -4.02
CA VAL A 172 -31.75 -16.53 -4.80
C VAL A 172 -32.28 -17.50 -3.75
N VAL A 173 -33.61 -17.42 -3.51
CA VAL A 173 -34.41 -18.10 -2.49
C VAL A 173 -34.20 -19.64 -2.43
N LYS A 174 -33.90 -20.29 -3.56
CA LYS A 174 -33.66 -21.73 -3.59
C LYS A 174 -32.18 -22.04 -3.33
N PRO A 175 -31.85 -22.67 -2.19
CA PRO A 175 -30.44 -22.98 -1.91
C PRO A 175 -29.85 -24.08 -2.79
N ALA A 176 -28.54 -24.04 -2.95
CA ALA A 176 -27.76 -24.99 -3.74
C ALA A 176 -27.22 -26.07 -2.82
N ASN A 177 -28.06 -27.07 -2.51
CA ASN A 177 -27.68 -28.18 -1.63
C ASN A 177 -26.86 -29.18 -2.41
N PHE A 178 -25.71 -29.58 -1.86
CA PHE A 178 -24.74 -30.49 -2.47
C PHE A 178 -23.91 -31.21 -1.41
N ALA A 179 -23.28 -32.33 -1.81
CA ALA A 179 -22.45 -33.12 -0.91
C ALA A 179 -21.00 -32.74 -1.08
N LEU A 180 -20.32 -32.57 0.06
CA LEU A 180 -18.90 -32.26 0.15
C LEU A 180 -18.29 -33.01 1.34
N GLU A 181 -17.26 -33.83 1.07
CA GLU A 181 -16.54 -34.70 2.00
C GLU A 181 -17.49 -35.57 2.85
N ASP A 182 -18.42 -36.24 2.17
CA ASP A 182 -19.48 -37.11 2.69
C ASP A 182 -20.43 -36.40 3.70
N ARG A 183 -20.66 -35.08 3.53
CA ARG A 183 -21.60 -34.31 4.34
C ARG A 183 -22.38 -33.33 3.46
N LEU A 184 -23.65 -33.07 3.80
CA LEU A 184 -24.50 -32.15 3.03
C LEU A 184 -24.18 -30.67 3.34
N GLU A 185 -24.14 -29.82 2.29
CA GLU A 185 -23.90 -28.38 2.39
C GLU A 185 -25.08 -27.58 1.78
N SER A 186 -25.58 -26.55 2.46
CA SER A 186 -26.68 -25.74 1.94
C SER A 186 -26.16 -24.35 1.68
N LYS A 187 -26.02 -23.97 0.38
CA LYS A 187 -25.47 -22.67 -0.09
C LYS A 187 -26.54 -21.67 -0.62
N LEU A 188 -26.53 -20.45 -0.11
CA LEU A 188 -27.44 -19.39 -0.53
C LEU A 188 -26.71 -18.27 -1.25
N ASP A 189 -27.31 -17.74 -2.33
CA ASP A 189 -26.71 -16.66 -3.11
C ASP A 189 -27.41 -15.30 -2.94
N TYR A 190 -26.69 -14.33 -2.36
CA TYR A 190 -27.15 -12.96 -2.18
C TYR A 190 -26.45 -12.14 -3.25
N GLN A 191 -27.24 -11.38 -4.02
CA GLN A 191 -26.75 -10.59 -5.16
C GLN A 191 -26.94 -9.10 -5.04
N LEU A 192 -25.84 -8.37 -5.25
CA LEU A 192 -25.82 -6.93 -5.25
C LEU A 192 -25.58 -6.44 -6.67
N ARG A 193 -26.65 -5.97 -7.33
CA ARG A 193 -26.58 -5.46 -8.70
C ARG A 193 -26.29 -3.97 -8.73
N ILE A 194 -25.18 -3.65 -9.38
CA ILE A 194 -24.64 -2.30 -9.52
C ILE A 194 -24.34 -2.07 -11.00
N SER A 195 -24.58 -0.85 -11.48
CA SER A 195 -24.26 -0.45 -12.85
C SER A 195 -23.35 0.77 -12.74
N ARG A 196 -22.43 0.96 -13.68
CA ARG A 196 -21.45 2.03 -13.60
C ARG A 196 -21.99 3.45 -13.97
N GLN A 197 -21.29 4.50 -13.45
CA GLN A 197 -21.51 5.93 -13.68
C GLN A 197 -20.43 6.50 -14.68
N TYR A 198 -20.63 6.15 -15.96
CA TYR A 198 -19.77 6.46 -17.12
C TYR A 198 -19.78 7.91 -17.66
N PHE A 199 -20.45 8.91 -17.03
CA PHE A 199 -20.47 10.18 -17.76
C PHE A 199 -19.14 10.90 -17.77
N SER A 200 -18.49 11.10 -16.63
CA SER A 200 -17.21 11.82 -16.63
C SER A 200 -16.13 11.17 -17.51
N TYR A 201 -16.33 9.93 -17.95
CA TYR A 201 -15.39 9.19 -18.80
C TYR A 201 -15.15 9.89 -20.16
N ILE A 202 -16.24 10.41 -20.80
CA ILE A 202 -16.22 11.12 -22.07
C ILE A 202 -15.27 12.34 -22.02
N PRO A 203 -15.51 13.37 -21.16
CA PRO A 203 -14.62 14.54 -21.16
C PRO A 203 -13.24 14.29 -20.59
N ASN A 204 -13.14 13.37 -19.60
CA ASN A 204 -11.87 13.08 -18.91
C ASN A 204 -10.94 12.16 -19.70
N ILE A 205 -11.48 11.06 -20.29
CA ILE A 205 -10.64 10.10 -21.04
C ILE A 205 -10.87 10.08 -22.57
N ILE A 206 -12.09 9.80 -23.07
CA ILE A 206 -12.32 9.66 -24.52
C ILE A 206 -11.93 10.90 -25.37
N LEU A 207 -12.47 12.08 -25.04
CA LEU A 207 -12.25 13.29 -25.84
C LEU A 207 -10.81 13.73 -25.96
N PRO A 208 -9.97 13.80 -24.87
CA PRO A 208 -8.57 14.23 -25.07
C PRO A 208 -7.78 13.21 -25.89
N MET A 209 -8.06 11.89 -25.66
CA MET A 209 -7.41 10.83 -26.44
C MET A 209 -7.67 10.92 -27.95
N LEU A 210 -8.93 11.33 -28.32
CA LEU A 210 -9.41 11.60 -29.68
C LEU A 210 -8.80 12.87 -30.25
N PHE A 211 -8.67 13.95 -29.44
CA PHE A 211 -8.04 15.19 -29.89
C PHE A 211 -6.60 14.91 -30.27
N ILE A 212 -5.88 14.09 -29.45
CA ILE A 212 -4.47 13.74 -29.68
C ILE A 212 -4.33 12.98 -30.99
N LEU A 213 -5.28 12.06 -31.27
CA LEU A 213 -5.31 11.29 -32.52
C LEU A 213 -5.55 12.18 -33.75
N PHE A 214 -6.49 13.14 -33.61
CA PHE A 214 -6.84 14.07 -34.68
C PHE A 214 -5.65 14.95 -34.98
N ILE A 215 -4.92 15.42 -33.93
CA ILE A 215 -3.73 16.26 -34.11
C ILE A 215 -2.74 15.58 -35.09
N SER A 216 -2.59 14.24 -35.00
CA SER A 216 -1.73 13.46 -35.91
C SER A 216 -2.26 13.52 -37.36
N TRP A 217 -3.61 13.43 -37.55
CA TRP A 217 -4.25 13.49 -38.87
C TRP A 217 -4.06 14.84 -39.61
N THR A 218 -3.56 15.88 -38.92
CA THR A 218 -3.30 17.15 -39.62
C THR A 218 -2.09 17.00 -40.58
N ALA A 219 -1.32 15.88 -40.45
CA ALA A 219 -0.18 15.60 -41.34
C ALA A 219 -0.66 15.26 -42.77
N PHE A 220 -1.98 15.11 -42.96
CA PHE A 220 -2.56 14.85 -44.28
C PHE A 220 -2.85 16.18 -45.00
N TRP A 221 -2.48 17.31 -44.38
CA TRP A 221 -2.65 18.66 -44.93
C TRP A 221 -1.31 19.38 -45.00
N SER A 222 -0.22 18.60 -44.89
CA SER A 222 1.14 19.09 -44.93
C SER A 222 1.97 18.18 -45.81
N THR A 223 3.02 18.74 -46.44
CA THR A 223 3.98 18.04 -47.31
C THR A 223 5.37 18.01 -46.68
N SER A 224 5.54 18.75 -45.55
CA SER A 224 6.80 18.85 -44.83
C SER A 224 7.02 17.56 -44.07
N TYR A 225 7.91 16.67 -44.59
CA TYR A 225 8.22 15.39 -43.96
C TYR A 225 8.75 15.61 -42.54
N GLU A 226 9.53 16.68 -42.33
CA GLU A 226 10.03 17.01 -41.00
C GLU A 226 8.90 17.41 -40.03
N ALA A 227 7.92 18.21 -40.51
CA ALA A 227 6.77 18.60 -39.69
C ALA A 227 5.82 17.43 -39.47
N ASN A 228 5.73 16.51 -40.46
CA ASN A 228 4.87 15.34 -40.41
C ASN A 228 5.41 14.27 -39.50
N VAL A 229 6.74 14.05 -39.50
CA VAL A 229 7.38 13.06 -38.61
C VAL A 229 7.10 13.51 -37.17
N THR A 230 7.34 14.83 -36.90
CA THR A 230 7.09 15.49 -35.62
C THR A 230 5.63 15.32 -35.22
N LEU A 231 4.67 15.67 -36.10
CA LEU A 231 3.24 15.45 -35.84
C LEU A 231 2.88 14.02 -35.39
N VAL A 232 2.97 13.02 -36.27
CA VAL A 232 2.59 11.64 -35.90
C VAL A 232 3.40 11.08 -34.70
N VAL A 233 4.73 11.19 -34.68
CA VAL A 233 5.51 10.61 -33.56
C VAL A 233 5.25 11.36 -32.23
N SER A 234 5.28 12.72 -32.22
CA SER A 234 5.03 13.51 -31.01
C SER A 234 3.64 13.29 -30.45
N THR A 235 2.62 13.12 -31.33
CA THR A 235 1.27 12.77 -30.86
C THR A 235 1.25 11.35 -30.32
N LEU A 236 2.07 10.42 -30.90
CA LEU A 236 2.13 9.06 -30.37
C LEU A 236 2.69 9.08 -28.93
N ILE A 237 3.68 9.97 -28.64
CA ILE A 237 4.21 10.12 -27.27
C ILE A 237 3.12 10.70 -26.37
N ALA A 238 2.45 11.77 -26.85
CA ALA A 238 1.33 12.42 -26.13
C ALA A 238 0.24 11.42 -25.75
N HIS A 239 -0.16 10.56 -26.74
CA HIS A 239 -1.15 9.49 -26.55
C HIS A 239 -0.73 8.58 -25.38
N ILE A 240 0.52 8.07 -25.39
CA ILE A 240 1.06 7.18 -24.35
C ILE A 240 1.09 7.92 -23.00
N ALA A 241 1.66 9.16 -22.96
CA ALA A 241 1.73 9.93 -21.72
C ALA A 241 0.33 10.14 -21.15
N PHE A 242 -0.67 10.44 -22.04
CA PHE A 242 -2.05 10.62 -21.60
C PHE A 242 -2.60 9.34 -20.98
N ASN A 243 -2.28 8.16 -21.58
CA ASN A 243 -2.69 6.85 -21.06
C ASN A 243 -2.04 6.51 -19.71
N ILE A 244 -0.80 7.02 -19.46
CA ILE A 244 -0.10 6.86 -18.18
C ILE A 244 -0.86 7.74 -17.16
N LEU A 245 -1.37 8.92 -17.62
CA LEU A 245 -2.12 9.86 -16.80
C LEU A 245 -3.49 9.32 -16.39
N VAL A 246 -4.20 8.62 -17.28
CA VAL A 246 -5.55 8.10 -16.98
C VAL A 246 -5.56 6.56 -16.65
N GLU A 247 -4.37 5.98 -16.41
CA GLU A 247 -4.09 4.57 -16.06
C GLU A 247 -5.10 4.05 -15.01
N THR A 248 -5.69 2.86 -15.30
CA THR A 248 -6.66 2.18 -14.41
C THR A 248 -5.98 1.64 -13.13
N ASN A 249 -4.60 1.55 -13.11
CA ASN A 249 -3.69 1.05 -12.03
C ASN A 249 -3.95 -0.46 -11.68
N CYS A 250 -4.81 -1.10 -12.51
CA CYS A 250 -5.26 -2.50 -12.45
C CYS A 250 -4.31 -3.39 -13.25
N PRO A 251 -4.02 -4.64 -12.76
CA PRO A 251 -3.19 -5.55 -13.58
C PRO A 251 -3.91 -5.77 -14.91
N LYS A 252 -3.15 -6.14 -15.93
CA LYS A 252 -3.77 -6.35 -17.22
C LYS A 252 -4.81 -7.50 -17.11
N THR A 253 -5.92 -7.25 -17.78
CA THR A 253 -7.07 -8.12 -17.87
C THR A 253 -6.71 -9.23 -18.87
N PRO A 254 -6.87 -10.53 -18.49
CA PRO A 254 -6.50 -11.62 -19.41
C PRO A 254 -7.27 -11.70 -20.73
N TYR A 255 -8.52 -11.16 -20.73
CA TYR A 255 -9.45 -11.09 -21.84
C TYR A 255 -9.50 -9.70 -22.49
N MET A 256 -9.98 -9.65 -23.74
CA MET A 256 -10.10 -8.44 -24.52
C MET A 256 -11.39 -7.70 -24.15
N THR A 257 -11.24 -6.44 -23.75
CA THR A 257 -12.30 -5.51 -23.36
C THR A 257 -12.64 -4.58 -24.55
N TYR A 258 -13.76 -3.86 -24.45
CA TYR A 258 -14.21 -2.91 -25.46
C TYR A 258 -13.20 -1.78 -25.60
N THR A 259 -12.83 -1.16 -24.44
CA THR A 259 -11.85 -0.08 -24.36
CA THR A 259 -11.85 -0.08 -24.34
C THR A 259 -10.45 -0.57 -24.76
N GLY A 260 -10.16 -1.85 -24.50
CA GLY A 260 -8.89 -2.48 -24.85
C GLY A 260 -8.65 -2.51 -26.34
N ALA A 261 -9.74 -2.86 -27.07
CA ALA A 261 -9.82 -2.95 -28.53
C ALA A 261 -9.64 -1.57 -29.16
N ILE A 262 -10.39 -0.54 -28.65
CA ILE A 262 -10.32 0.84 -29.14
C ILE A 262 -8.88 1.35 -29.07
N ILE A 263 -8.23 1.17 -27.89
CA ILE A 263 -6.84 1.58 -27.66
C ILE A 263 -5.90 0.85 -28.62
N PHE A 264 -6.10 -0.48 -28.80
CA PHE A 264 -5.29 -1.25 -29.74
C PHE A 264 -5.41 -0.65 -31.14
N MET A 265 -6.66 -0.37 -31.56
CA MET A 265 -6.99 0.21 -32.86
C MET A 265 -6.32 1.59 -33.05
N ILE A 266 -6.28 2.41 -31.96
CA ILE A 266 -5.59 3.72 -31.93
C ILE A 266 -4.07 3.56 -32.21
N TYR A 267 -3.43 2.55 -31.58
CA TYR A 267 -2.02 2.27 -31.81
C TYR A 267 -1.80 1.88 -33.25
N LEU A 268 -2.72 1.11 -33.81
CA LEU A 268 -2.65 0.69 -35.19
C LEU A 268 -2.83 1.91 -36.15
N PHE A 269 -3.66 2.89 -35.75
CA PHE A 269 -3.89 4.10 -36.52
C PHE A 269 -2.66 5.01 -36.55
N TYR A 270 -1.87 5.02 -35.44
CA TYR A 270 -0.65 5.82 -35.38
C TYR A 270 0.36 5.18 -36.30
N PHE A 271 0.34 3.84 -36.37
CA PHE A 271 1.25 3.07 -37.20
C PHE A 271 1.01 3.30 -38.68
N VAL A 272 -0.25 3.16 -39.11
CA VAL A 272 -0.69 3.37 -40.49
C VAL A 272 -0.43 4.83 -40.92
N ALA A 273 -0.67 5.82 -40.03
CA ALA A 273 -0.42 7.25 -40.28
C ALA A 273 1.06 7.46 -40.64
N VAL A 274 1.99 6.79 -39.91
CA VAL A 274 3.43 6.86 -40.18
C VAL A 274 3.70 6.27 -41.57
N ILE A 275 3.03 5.12 -41.90
CA ILE A 275 3.19 4.51 -43.23
C ILE A 275 2.84 5.53 -44.32
N GLU A 276 1.64 6.17 -44.22
CA GLU A 276 1.22 7.22 -45.16
C GLU A 276 2.29 8.30 -45.31
N VAL A 277 2.73 8.91 -44.17
CA VAL A 277 3.73 9.98 -44.11
C VAL A 277 4.99 9.54 -44.83
N THR A 278 5.45 8.30 -44.52
CA THR A 278 6.65 7.73 -45.13
C THR A 278 6.48 7.62 -46.68
N VAL A 279 5.36 7.00 -47.13
CA VAL A 279 5.01 6.81 -48.55
C VAL A 279 4.96 8.14 -49.28
N GLN A 280 4.13 9.10 -48.80
CA GLN A 280 3.98 10.46 -49.34
C GLN A 280 5.35 11.08 -49.63
N HIS A 281 6.27 11.02 -48.65
CA HIS A 281 7.64 11.52 -48.80
C HIS A 281 8.43 10.75 -49.85
N TYR A 282 8.41 9.38 -49.79
CA TYR A 282 9.16 8.56 -50.75
C TYR A 282 8.75 8.80 -52.20
N LEU A 283 7.44 8.95 -52.43
CA LEU A 283 6.89 9.25 -53.75
C LEU A 283 7.33 10.63 -54.21
N LYS A 284 7.39 11.62 -53.28
CA LYS A 284 7.84 12.97 -53.59
C LYS A 284 9.30 12.96 -53.95
N VAL A 285 10.13 12.24 -53.15
CA VAL A 285 11.57 12.11 -53.43
C VAL A 285 11.81 11.39 -54.79
N GLU A 286 11.00 10.34 -55.10
CA GLU A 286 11.07 9.59 -56.36
C GLU A 286 10.36 10.33 -57.54
N SER A 287 10.17 11.67 -57.39
CA SER A 287 9.52 12.56 -58.35
C SER A 287 8.26 11.95 -58.94
N GLN A 288 7.28 11.71 -58.07
CA GLN A 288 5.96 11.17 -58.39
C GLN A 288 4.97 11.95 -57.50
N PRO A 289 4.91 13.30 -57.61
CA PRO A 289 4.03 14.07 -56.72
C PRO A 289 2.55 13.95 -57.06
N ALA A 290 2.21 13.15 -58.08
CA ALA A 290 0.85 12.88 -58.47
C ALA A 290 0.26 11.84 -57.52
N ARG A 291 0.99 10.73 -57.28
CA ARG A 291 0.60 9.66 -56.37
C ARG A 291 0.73 10.13 -54.92
N ALA A 292 1.80 10.89 -54.61
CA ALA A 292 2.02 11.44 -53.29
C ALA A 292 0.85 12.31 -52.88
N ALA A 293 0.38 13.21 -53.76
CA ALA A 293 -0.77 14.09 -53.50
C ALA A 293 -2.09 13.37 -53.43
N SER A 294 -2.31 12.35 -54.28
CA SER A 294 -3.57 11.62 -54.27
C SER A 294 -3.77 10.80 -52.99
N ILE A 295 -2.71 10.11 -52.51
CA ILE A 295 -2.70 9.31 -51.29
C ILE A 295 -3.07 10.20 -50.12
N THR A 296 -2.32 11.32 -49.94
CA THR A 296 -2.54 12.33 -48.89
C THR A 296 -3.99 12.81 -48.90
N ARG A 297 -4.50 13.14 -50.11
CA ARG A 297 -5.88 13.60 -50.31
C ARG A 297 -6.91 12.55 -49.87
N ALA A 298 -6.65 11.25 -50.17
CA ALA A 298 -7.53 10.13 -49.79
C ALA A 298 -7.57 9.97 -48.27
N SER A 299 -6.37 9.89 -47.65
CA SER A 299 -6.14 9.78 -46.22
C SER A 299 -6.94 10.78 -45.39
N ARG A 300 -7.19 11.99 -45.94
CA ARG A 300 -7.96 13.05 -45.29
C ARG A 300 -9.39 12.59 -44.99
N ILE A 301 -9.93 11.67 -45.81
CA ILE A 301 -11.28 11.09 -45.66
C ILE A 301 -11.16 9.63 -45.17
N ALA A 302 -10.16 8.88 -45.71
CA ALA A 302 -9.89 7.47 -45.38
C ALA A 302 -9.73 7.22 -43.89
N PHE A 303 -8.88 8.04 -43.23
CA PHE A 303 -8.63 7.90 -41.80
C PHE A 303 -9.87 8.16 -40.96
N PRO A 304 -10.56 9.32 -41.06
CA PRO A 304 -11.77 9.52 -40.23
C PRO A 304 -12.87 8.46 -40.47
N VAL A 305 -13.14 8.12 -41.75
CA VAL A 305 -14.16 7.16 -42.14
C VAL A 305 -13.85 5.78 -41.59
N VAL A 306 -12.66 5.22 -41.89
CA VAL A 306 -12.30 3.90 -41.40
C VAL A 306 -12.37 3.84 -39.86
N PHE A 307 -11.85 4.89 -39.17
CA PHE A 307 -11.91 5.00 -37.72
C PHE A 307 -13.36 4.93 -37.23
N LEU A 308 -14.26 5.80 -37.77
CA LEU A 308 -15.69 5.85 -37.45
C LEU A 308 -16.40 4.52 -37.66
N LEU A 309 -16.19 3.86 -38.81
CA LEU A 309 -16.78 2.56 -39.11
C LEU A 309 -16.26 1.48 -38.16
N ALA A 310 -14.92 1.37 -38.00
CA ALA A 310 -14.26 0.39 -37.12
C ALA A 310 -14.75 0.50 -35.69
N ASN A 311 -15.10 1.70 -35.25
CA ASN A 311 -15.67 1.91 -33.92
C ASN A 311 -17.05 1.35 -33.91
N ILE A 312 -17.88 1.73 -34.90
CA ILE A 312 -19.26 1.26 -35.02
C ILE A 312 -19.27 -0.25 -34.96
N ILE A 313 -18.36 -0.93 -35.71
CA ILE A 313 -18.22 -2.38 -35.71
C ILE A 313 -17.95 -2.89 -34.29
N LEU A 314 -16.94 -2.33 -33.59
CA LEU A 314 -16.57 -2.71 -32.21
C LEU A 314 -17.69 -2.53 -31.22
N ALA A 315 -18.32 -1.33 -31.22
CA ALA A 315 -19.44 -1.00 -30.33
C ALA A 315 -20.56 -2.02 -30.52
N PHE A 316 -20.85 -2.37 -31.79
CA PHE A 316 -21.85 -3.37 -32.13
C PHE A 316 -21.46 -4.75 -31.55
N LEU A 317 -20.18 -5.17 -31.76
CA LEU A 317 -19.62 -6.43 -31.29
C LEU A 317 -19.70 -6.59 -29.78
N PHE A 318 -19.40 -5.53 -29.00
CA PHE A 318 -19.41 -5.62 -27.55
C PHE A 318 -20.79 -5.37 -26.93
N PHE A 319 -21.65 -4.59 -27.59
CA PHE A 319 -22.97 -4.25 -27.05
C PHE A 319 -24.13 -4.60 -28.00
N VAL B 9 -27.08 -8.48 33.60
CA VAL B 9 -26.98 -8.54 32.14
C VAL B 9 -28.36 -8.83 31.51
N SER B 10 -29.23 -7.81 31.61
CA SER B 10 -30.60 -7.68 31.12
C SER B 10 -30.94 -6.17 31.19
N PRO B 11 -31.72 -5.56 30.28
CA PRO B 11 -31.97 -4.11 30.37
C PRO B 11 -32.69 -3.64 31.63
N PRO B 12 -32.48 -2.38 32.10
CA PRO B 12 -33.19 -1.91 33.31
C PRO B 12 -34.69 -1.84 33.10
N PRO B 13 -35.51 -2.08 34.16
CA PRO B 13 -36.97 -2.05 33.97
C PRO B 13 -37.60 -0.66 34.03
N PRO B 14 -38.66 -0.40 33.23
CA PRO B 14 -39.27 0.93 33.24
C PRO B 14 -40.19 1.19 34.43
N ILE B 15 -40.10 2.40 35.04
CA ILE B 15 -40.99 2.77 36.17
C ILE B 15 -42.44 2.76 35.71
N ALA B 16 -42.69 3.36 34.56
CA ALA B 16 -43.92 3.41 33.79
C ALA B 16 -43.40 2.87 32.49
N ASP B 17 -44.17 3.09 31.42
CA ASP B 17 -43.97 2.64 30.05
C ASP B 17 -42.88 3.37 29.22
N GLU B 18 -42.16 4.33 29.84
CA GLU B 18 -41.13 5.17 29.22
C GLU B 18 -39.96 4.41 28.52
N PRO B 19 -39.35 4.98 27.43
CA PRO B 19 -38.18 4.29 26.82
C PRO B 19 -36.90 4.72 27.55
N LEU B 20 -35.86 3.88 27.48
CA LEU B 20 -34.61 4.20 28.17
C LEU B 20 -33.81 5.21 27.34
N THR B 21 -33.56 6.39 27.91
CA THR B 21 -32.80 7.44 27.23
C THR B 21 -31.32 7.32 27.59
N VAL B 22 -30.49 7.08 26.57
CA VAL B 22 -29.04 7.01 26.72
C VAL B 22 -28.48 8.34 26.23
N ASN B 23 -27.82 9.08 27.14
CA ASN B 23 -27.20 10.35 26.83
C ASN B 23 -25.80 10.09 26.29
N THR B 24 -25.57 10.54 25.05
CA THR B 24 -24.34 10.35 24.32
C THR B 24 -23.55 11.65 24.21
N GLY B 25 -22.29 11.50 23.81
CA GLY B 25 -21.36 12.59 23.62
C GLY B 25 -20.05 12.08 23.11
N ILE B 26 -19.59 12.69 22.00
CA ILE B 26 -18.33 12.34 21.37
C ILE B 26 -17.41 13.54 21.53
N TYR B 27 -16.19 13.31 22.03
CA TYR B 27 -15.17 14.35 22.17
C TYR B 27 -13.96 13.95 21.35
N LEU B 28 -13.74 14.61 20.16
CA LEU B 28 -12.58 14.32 19.29
C LEU B 28 -11.30 14.68 19.96
N ILE B 29 -10.44 13.68 20.17
CA ILE B 29 -9.10 13.83 20.73
C ILE B 29 -8.15 14.11 19.56
N GLU B 30 -8.21 13.29 18.48
CA GLU B 30 -7.38 13.37 17.27
C GLU B 30 -8.18 12.97 16.04
N SER B 31 -7.94 13.67 14.94
CA SER B 31 -8.52 13.41 13.62
C SER B 31 -7.32 13.29 12.76
N TYR B 32 -7.32 12.29 11.88
CA TYR B 32 -6.20 12.04 11.00
C TYR B 32 -6.62 11.24 9.79
N SER B 33 -5.64 10.85 8.96
CA SER B 33 -5.76 10.06 7.74
C SER B 33 -7.08 10.29 6.99
N LEU B 34 -7.32 11.53 6.53
CA LEU B 34 -8.49 11.80 5.70
C LEU B 34 -8.07 11.41 4.30
N ASP B 35 -8.67 10.35 3.79
CA ASP B 35 -8.38 9.84 2.46
C ASP B 35 -9.47 10.35 1.54
N ASP B 36 -9.12 11.30 0.68
CA ASP B 36 -10.05 11.90 -0.26
C ASP B 36 -10.57 10.84 -1.24
N CYS B 37 -9.67 9.94 -1.69
CA CYS B 37 -9.95 8.86 -2.64
C CYS B 37 -10.90 7.85 -2.06
N ALA B 38 -10.60 7.34 -0.85
CA ALA B 38 -11.38 6.34 -0.15
C ALA B 38 -12.63 6.84 0.56
N GLU B 39 -12.76 8.17 0.72
CA GLU B 39 -13.86 8.87 1.41
C GLU B 39 -13.96 8.41 2.85
N THR B 40 -12.80 8.22 3.46
CA THR B 40 -12.69 7.80 4.85
C THR B 40 -11.80 8.76 5.63
N PHE B 41 -11.91 8.72 6.94
CA PHE B 41 -11.08 9.51 7.84
C PHE B 41 -11.01 8.78 9.16
N LYS B 42 -9.87 8.87 9.83
CA LYS B 42 -9.67 8.19 11.09
C LYS B 42 -9.82 9.18 12.21
N VAL B 43 -10.32 8.69 13.36
CA VAL B 43 -10.58 9.49 14.55
C VAL B 43 -10.20 8.73 15.84
N ASN B 44 -9.69 9.45 16.85
CA ASN B 44 -9.42 9.02 18.24
C ASN B 44 -10.37 9.89 19.03
N ALA B 45 -11.30 9.31 19.75
CA ALA B 45 -12.26 10.12 20.51
C ALA B 45 -12.76 9.41 21.76
N PHE B 46 -13.42 10.17 22.63
CA PHE B 46 -14.07 9.67 23.83
C PHE B 46 -15.54 9.54 23.48
N LEU B 47 -16.16 8.44 23.86
CA LEU B 47 -17.61 8.28 23.70
C LEU B 47 -18.15 8.13 25.12
N SER B 48 -18.96 9.10 25.55
CA SER B 48 -19.50 9.08 26.89
C SER B 48 -20.97 8.70 26.82
N LEU B 49 -21.36 7.69 27.59
CA LEU B 49 -22.72 7.21 27.66
C LEU B 49 -23.24 7.34 29.08
N SER B 50 -24.50 7.77 29.25
CA SER B 50 -25.12 7.86 30.57
C SER B 50 -26.60 7.52 30.56
N TRP B 51 -26.99 6.59 31.42
CA TRP B 51 -28.35 6.08 31.56
C TRP B 51 -28.62 5.66 33.00
N LYS B 52 -29.91 5.57 33.39
CA LYS B 52 -30.29 5.18 34.75
C LYS B 52 -30.78 3.75 34.83
N ASP B 53 -30.00 2.90 35.53
CA ASP B 53 -30.30 1.51 35.84
C ASP B 53 -30.48 1.45 37.34
N ARG B 54 -31.73 1.50 37.80
CA ARG B 54 -31.96 1.51 39.24
C ARG B 54 -31.44 0.28 39.95
N ARG B 55 -31.49 -0.89 39.27
CA ARG B 55 -30.99 -2.14 39.85
C ARG B 55 -29.65 -1.99 40.56
N LEU B 56 -28.89 -0.94 40.18
CA LEU B 56 -27.55 -0.62 40.67
C LEU B 56 -27.47 0.38 41.83
N ALA B 57 -28.64 0.93 42.26
CA ALA B 57 -28.77 1.90 43.35
C ALA B 57 -28.16 1.41 44.63
N PHE B 58 -27.50 2.31 45.36
CA PHE B 58 -26.84 1.94 46.62
C PHE B 58 -26.95 3.05 47.67
N ASP B 59 -26.77 2.71 48.97
CA ASP B 59 -26.78 3.72 50.03
C ASP B 59 -25.34 4.11 50.30
N PRO B 60 -24.98 5.41 50.13
CA PRO B 60 -23.58 5.82 50.37
C PRO B 60 -23.06 5.60 51.79
N VAL B 61 -23.99 5.52 52.77
CA VAL B 61 -23.70 5.30 54.19
C VAL B 61 -23.28 3.83 54.40
N ARG B 62 -24.12 2.88 53.93
CA ARG B 62 -23.87 1.42 54.01
C ARG B 62 -22.68 0.99 53.15
N SER B 63 -22.40 1.74 52.06
CA SER B 63 -21.32 1.45 51.13
C SER B 63 -20.01 2.14 51.49
N GLY B 64 -20.10 3.31 52.13
CA GLY B 64 -18.93 4.10 52.48
C GLY B 64 -18.53 5.04 51.37
N VAL B 65 -18.54 4.53 50.11
CA VAL B 65 -18.24 5.25 48.88
C VAL B 65 -19.41 6.10 48.42
N ARG B 66 -19.13 7.28 47.85
CA ARG B 66 -20.18 8.19 47.36
C ARG B 66 -20.54 7.84 45.90
N VAL B 67 -19.66 7.08 45.20
CA VAL B 67 -19.80 6.58 43.82
C VAL B 67 -19.10 5.22 43.72
N LYS B 68 -19.73 4.27 43.01
CA LYS B 68 -19.22 2.92 42.81
C LYS B 68 -18.72 2.76 41.38
N THR B 69 -17.54 2.15 41.23
CA THR B 69 -16.93 1.86 39.94
C THR B 69 -17.16 0.39 39.61
N TYR B 70 -17.60 0.10 38.38
CA TYR B 70 -17.85 -1.26 37.90
C TYR B 70 -16.99 -1.61 36.68
N GLU B 71 -16.89 -2.94 36.43
CA GLU B 71 -16.22 -3.48 35.25
C GLU B 71 -17.32 -3.75 34.20
N PRO B 72 -17.02 -3.52 32.89
CA PRO B 72 -18.05 -3.69 31.85
C PRO B 72 -18.89 -4.95 31.90
N GLU B 73 -18.25 -6.07 32.31
CA GLU B 73 -18.85 -7.40 32.44
C GLU B 73 -19.90 -7.42 33.52
N ALA B 74 -19.61 -6.77 34.68
CA ALA B 74 -20.46 -6.70 35.87
C ALA B 74 -21.84 -6.11 35.66
N ILE B 75 -21.99 -5.12 34.77
CA ILE B 75 -23.29 -4.50 34.57
C ILE B 75 -23.78 -4.46 33.12
N TRP B 76 -25.08 -4.14 32.96
CA TRP B 76 -25.77 -3.98 31.68
C TRP B 76 -25.34 -2.65 31.09
N ILE B 77 -24.72 -2.69 29.89
CA ILE B 77 -24.29 -1.52 29.14
C ILE B 77 -25.01 -1.56 27.79
N PRO B 78 -25.62 -0.46 27.30
CA PRO B 78 -26.34 -0.53 26.02
C PRO B 78 -25.41 -0.77 24.86
N GLU B 79 -25.84 -1.60 23.91
CA GLU B 79 -25.07 -1.92 22.71
C GLU B 79 -25.14 -0.75 21.72
N ILE B 80 -24.26 0.26 21.90
CA ILE B 80 -24.13 1.44 21.02
C ILE B 80 -23.13 1.06 19.96
N ARG B 81 -23.50 1.25 18.69
CA ARG B 81 -22.66 0.92 17.54
C ARG B 81 -22.58 2.14 16.61
N PHE B 82 -21.56 2.18 15.74
CA PHE B 82 -21.41 3.22 14.74
C PHE B 82 -21.93 2.67 13.43
N VAL B 83 -22.67 3.49 12.67
CA VAL B 83 -23.27 3.02 11.42
C VAL B 83 -22.25 2.95 10.29
N ASN B 84 -21.47 4.03 10.12
CA ASN B 84 -20.52 4.18 9.02
C ASN B 84 -19.04 3.95 9.41
N VAL B 85 -18.73 2.82 10.04
CA VAL B 85 -17.32 2.53 10.32
C VAL B 85 -16.86 1.37 9.45
N GLU B 86 -15.55 1.31 9.05
CA GLU B 86 -15.06 0.19 8.20
C GLU B 86 -15.06 -1.10 9.05
N ASN B 87 -14.07 -1.24 9.94
CA ASN B 87 -14.06 -2.37 10.86
C ASN B 87 -14.73 -1.87 12.14
N ALA B 88 -15.16 -2.79 13.01
CA ALA B 88 -15.75 -2.45 14.32
C ALA B 88 -14.74 -1.59 15.12
N ARG B 89 -15.22 -0.50 15.77
CA ARG B 89 -14.37 0.43 16.54
C ARG B 89 -13.46 -0.28 17.59
N ASP B 90 -12.24 0.25 17.78
CA ASP B 90 -11.30 -0.26 18.76
C ASP B 90 -11.57 0.53 20.04
N ALA B 91 -12.36 -0.05 20.95
CA ALA B 91 -12.77 0.61 22.17
C ALA B 91 -11.98 0.13 23.39
N ASP B 92 -11.79 1.06 24.33
CA ASP B 92 -11.13 0.81 25.60
C ASP B 92 -11.93 1.58 26.63
N VAL B 93 -12.56 0.86 27.59
CA VAL B 93 -13.35 1.51 28.64
C VAL B 93 -12.42 2.23 29.58
N VAL B 94 -12.65 3.54 29.72
CA VAL B 94 -11.86 4.44 30.55
C VAL B 94 -12.41 4.42 31.97
N ASP B 95 -13.75 4.54 32.09
CA ASP B 95 -14.42 4.60 33.38
C ASP B 95 -15.91 4.28 33.29
N ILE B 96 -16.42 3.54 34.29
CA ILE B 96 -17.83 3.22 34.54
C ILE B 96 -18.07 3.62 35.98
N SER B 97 -19.04 4.53 36.24
CA SER B 97 -19.33 5.06 37.58
C SER B 97 -20.81 5.20 37.83
N VAL B 98 -21.33 4.54 38.87
CA VAL B 98 -22.73 4.58 39.26
C VAL B 98 -22.90 5.48 40.49
N SER B 99 -23.84 6.43 40.46
CA SER B 99 -24.10 7.27 41.64
C SER B 99 -25.35 6.67 42.35
N PRO B 100 -25.56 6.89 43.70
CA PRO B 100 -26.65 6.22 44.42
C PRO B 100 -27.97 5.99 43.69
N ASP B 101 -28.45 6.97 42.90
CA ASP B 101 -29.73 6.88 42.19
C ASP B 101 -29.84 5.78 41.13
N GLY B 102 -28.69 5.25 40.70
CA GLY B 102 -28.59 4.25 39.63
C GLY B 102 -28.14 4.85 38.31
N THR B 103 -27.65 6.11 38.30
CA THR B 103 -27.18 6.77 37.09
C THR B 103 -25.77 6.29 36.75
N VAL B 104 -25.64 5.63 35.59
CA VAL B 104 -24.39 5.06 35.10
C VAL B 104 -23.70 6.07 34.22
N GLN B 105 -22.40 6.28 34.46
CA GLN B 105 -21.57 7.20 33.71
C GLN B 105 -20.42 6.40 33.11
N TYR B 106 -20.60 6.03 31.84
CA TYR B 106 -19.69 5.27 31.02
C TYR B 106 -18.89 6.25 30.18
N LEU B 107 -17.62 5.93 29.96
CA LEU B 107 -16.69 6.69 29.13
C LEU B 107 -15.68 5.72 28.56
N GLU B 108 -15.50 5.80 27.24
CA GLU B 108 -14.58 4.95 26.54
C GLU B 108 -13.74 5.76 25.62
N ARG B 109 -12.59 5.23 25.29
CA ARG B 109 -11.78 5.87 24.28
C ARG B 109 -11.74 4.93 23.07
N PHE B 110 -12.13 5.44 21.91
CA PHE B 110 -12.18 4.64 20.69
C PHE B 110 -11.43 5.29 19.54
N SER B 111 -11.07 4.48 18.55
CA SER B 111 -10.48 4.93 17.31
C SER B 111 -11.27 4.23 16.22
N ALA B 112 -11.66 4.97 15.17
CA ALA B 112 -12.46 4.41 14.08
C ALA B 112 -12.19 5.05 12.72
N ARG B 113 -12.20 4.22 11.65
CA ARG B 113 -12.06 4.69 10.27
C ARG B 113 -13.49 4.86 9.78
N VAL B 114 -13.92 6.11 9.73
CA VAL B 114 -15.29 6.51 9.39
C VAL B 114 -15.45 6.75 7.90
N LEU B 115 -16.48 6.17 7.30
CA LEU B 115 -16.79 6.34 5.89
C LEU B 115 -17.80 7.49 5.71
N SER B 116 -17.34 8.59 5.13
CA SER B 116 -18.25 9.69 4.85
C SER B 116 -17.97 10.18 3.44
N PRO B 117 -19.00 10.22 2.55
CA PRO B 117 -18.76 10.66 1.17
C PRO B 117 -18.30 12.11 1.04
N LEU B 118 -17.56 12.40 -0.05
CA LEU B 118 -17.05 13.75 -0.30
C LEU B 118 -17.48 14.28 -1.67
N ASP B 119 -17.79 15.60 -1.74
CA ASP B 119 -18.23 16.31 -2.95
C ASP B 119 -17.11 17.22 -3.48
N PHE B 120 -16.44 16.76 -4.54
CA PHE B 120 -15.30 17.45 -5.15
C PHE B 120 -15.65 18.41 -6.27
N ARG B 121 -16.94 18.61 -6.53
CA ARG B 121 -17.42 19.53 -7.57
C ARG B 121 -16.75 20.92 -7.51
N ARG B 122 -16.56 21.48 -6.30
CA ARG B 122 -15.93 22.81 -6.11
C ARG B 122 -14.46 22.74 -5.65
N TYR B 123 -13.79 21.58 -5.79
CA TYR B 123 -12.38 21.40 -5.43
C TYR B 123 -11.51 22.34 -6.28
N PRO B 124 -10.47 22.99 -5.71
CA PRO B 124 -9.94 22.92 -4.33
C PRO B 124 -10.49 23.96 -3.36
N PHE B 125 -11.64 24.56 -3.71
CA PHE B 125 -12.30 25.57 -2.91
C PHE B 125 -13.54 24.98 -2.24
N ASP B 126 -13.47 23.68 -1.92
CA ASP B 126 -14.57 22.93 -1.34
C ASP B 126 -14.55 22.87 0.18
N SER B 127 -15.77 22.68 0.73
CA SER B 127 -16.06 22.47 2.13
C SER B 127 -16.80 21.14 2.19
N GLN B 128 -16.56 20.38 3.27
CA GLN B 128 -17.14 19.05 3.49
C GLN B 128 -17.76 18.96 4.88
N THR B 129 -18.80 18.11 5.01
CA THR B 129 -19.44 17.80 6.30
C THR B 129 -19.27 16.31 6.55
N LEU B 130 -18.31 15.95 7.42
CA LEU B 130 -18.02 14.57 7.77
C LEU B 130 -19.04 14.06 8.82
N HIS B 131 -19.51 12.81 8.66
CA HIS B 131 -20.52 12.28 9.56
C HIS B 131 -20.08 11.12 10.41
N ILE B 132 -20.58 11.07 11.64
CA ILE B 132 -20.32 9.97 12.57
C ILE B 132 -21.70 9.63 13.09
N TYR B 133 -22.26 8.50 12.63
CA TYR B 133 -23.59 8.05 13.03
C TYR B 133 -23.55 7.02 14.15
N LEU B 134 -24.22 7.35 15.27
CA LEU B 134 -24.35 6.51 16.46
C LEU B 134 -25.71 5.84 16.39
N ILE B 135 -25.79 4.54 16.66
CA ILE B 135 -27.07 3.83 16.62
C ILE B 135 -27.23 2.87 17.80
N VAL B 136 -28.48 2.64 18.24
CA VAL B 136 -28.80 1.67 19.29
C VAL B 136 -30.08 0.94 18.92
N ARG B 137 -30.03 -0.38 18.99
CA ARG B 137 -31.21 -1.16 18.66
C ARG B 137 -31.98 -1.54 19.89
N SER B 138 -33.28 -1.21 19.89
CA SER B 138 -34.19 -1.49 20.99
C SER B 138 -34.39 -2.98 21.21
N VAL B 139 -34.45 -3.36 22.48
CA VAL B 139 -34.61 -4.75 22.92
C VAL B 139 -36.07 -5.15 23.12
N ASP B 140 -36.26 -6.44 23.40
CA ASP B 140 -37.52 -7.13 23.65
C ASP B 140 -38.32 -6.49 24.81
N THR B 141 -37.67 -6.41 25.99
CA THR B 141 -38.22 -5.87 27.22
C THR B 141 -38.60 -4.39 27.09
N ARG B 142 -37.68 -3.52 26.59
CA ARG B 142 -37.98 -2.08 26.43
C ARG B 142 -37.24 -1.41 25.28
N ASN B 143 -37.77 -0.26 24.83
CA ASN B 143 -37.19 0.55 23.76
C ASN B 143 -36.09 1.47 24.26
N ILE B 144 -35.03 1.62 23.45
CA ILE B 144 -33.92 2.51 23.79
C ILE B 144 -33.83 3.67 22.76
N VAL B 145 -33.73 4.88 23.30
CA VAL B 145 -33.65 6.14 22.57
C VAL B 145 -32.34 6.87 22.95
N LEU B 146 -31.62 7.39 21.94
CA LEU B 146 -30.39 8.16 22.15
C LEU B 146 -30.70 9.64 22.31
N ALA B 147 -29.87 10.33 23.10
CA ALA B 147 -30.02 11.76 23.39
C ALA B 147 -28.63 12.36 23.42
N VAL B 148 -28.50 13.66 23.17
CA VAL B 148 -27.19 14.29 23.16
C VAL B 148 -26.93 15.11 24.44
N ASP B 149 -25.78 14.88 25.10
CA ASP B 149 -25.37 15.67 26.25
C ASP B 149 -24.40 16.67 25.64
N LEU B 150 -24.85 17.92 25.40
CA LEU B 150 -24.02 18.94 24.73
C LEU B 150 -22.75 19.30 25.49
N GLU B 151 -22.74 19.07 26.80
CA GLU B 151 -21.58 19.32 27.67
C GLU B 151 -20.46 18.29 27.40
N LYS B 152 -20.84 17.14 26.81
CA LYS B 152 -19.98 16.00 26.53
C LYS B 152 -19.56 15.87 25.03
N VAL B 153 -19.88 16.92 24.23
CA VAL B 153 -19.60 17.02 22.79
C VAL B 153 -18.68 18.21 22.49
N GLY B 154 -17.54 17.91 21.89
CA GLY B 154 -16.56 18.89 21.48
C GLY B 154 -15.38 18.26 20.78
N LYS B 155 -14.27 18.99 20.77
CA LYS B 155 -13.00 18.58 20.17
C LYS B 155 -11.86 19.32 20.82
N ASN B 156 -10.70 18.69 20.89
CA ASN B 156 -9.48 19.29 21.42
C ASN B 156 -9.08 20.41 20.45
N ASP B 157 -8.53 21.54 20.95
CA ASP B 157 -8.15 22.68 20.09
C ASP B 157 -7.03 22.30 19.09
N ASP B 158 -6.09 21.42 19.52
CA ASP B 158 -4.99 20.84 18.76
C ASP B 158 -5.45 19.97 17.57
N VAL B 159 -6.74 19.54 17.55
CA VAL B 159 -7.35 18.70 16.49
C VAL B 159 -7.17 19.37 15.14
N PHE B 160 -6.41 18.69 14.24
CA PHE B 160 -6.02 19.15 12.91
C PHE B 160 -6.16 18.09 11.83
N LEU B 161 -6.35 18.56 10.62
CA LEU B 161 -6.37 17.76 9.40
C LEU B 161 -5.49 18.58 8.44
N THR B 162 -4.27 18.08 8.10
CA THR B 162 -3.37 18.83 7.22
C THR B 162 -4.11 19.21 5.92
N GLY B 163 -4.07 20.49 5.59
CA GLY B 163 -4.72 21.05 4.42
C GLY B 163 -6.19 21.41 4.55
N TRP B 164 -6.73 21.40 5.79
CA TRP B 164 -8.13 21.73 6.04
C TRP B 164 -8.25 22.60 7.24
N ASP B 165 -9.27 23.46 7.25
CA ASP B 165 -9.59 24.25 8.41
C ASP B 165 -10.74 23.51 9.05
N ILE B 166 -10.58 23.13 10.33
CA ILE B 166 -11.64 22.42 11.04
C ILE B 166 -12.53 23.47 11.67
N GLU B 167 -13.69 23.69 11.05
CA GLU B 167 -14.66 24.69 11.46
C GLU B 167 -15.37 24.31 12.77
N SER B 168 -16.15 23.20 12.77
CA SER B 168 -16.92 22.79 13.93
C SER B 168 -17.12 21.29 14.08
N PHE B 169 -17.38 20.87 15.34
CA PHE B 169 -17.78 19.51 15.69
C PHE B 169 -19.03 19.64 16.56
N THR B 170 -20.16 19.31 15.95
CA THR B 170 -21.48 19.45 16.58
C THR B 170 -22.33 18.20 16.33
N ALA B 171 -23.43 18.04 17.08
CA ALA B 171 -24.34 16.91 16.90
C ALA B 171 -25.77 17.38 16.71
N VAL B 172 -26.49 16.68 15.82
CA VAL B 172 -27.91 16.89 15.53
C VAL B 172 -28.66 16.20 16.69
N VAL B 173 -28.98 17.01 17.70
CA VAL B 173 -29.59 16.68 18.99
C VAL B 173 -30.88 15.80 18.89
N LYS B 174 -31.68 15.95 17.81
CA LYS B 174 -32.90 15.15 17.61
C LYS B 174 -32.55 13.84 16.92
N PRO B 175 -32.68 12.69 17.63
CA PRO B 175 -32.35 11.39 17.00
C PRO B 175 -33.37 10.96 15.95
N ALA B 176 -32.89 10.18 14.97
CA ALA B 176 -33.71 9.64 13.89
C ALA B 176 -34.20 8.26 14.28
N ASN B 177 -35.29 8.20 15.06
CA ASN B 177 -35.87 6.93 15.50
C ASN B 177 -36.71 6.37 14.36
N PHE B 178 -36.45 5.09 14.00
CA PHE B 178 -37.11 4.38 12.88
C PHE B 178 -37.15 2.89 13.13
N ALA B 179 -38.01 2.18 12.38
CA ALA B 179 -38.16 0.74 12.55
C ALA B 179 -37.36 0.01 11.53
N LEU B 180 -36.65 -1.01 11.98
CA LEU B 180 -35.82 -1.87 11.14
C LEU B 180 -35.93 -3.30 11.66
N GLU B 181 -36.36 -4.23 10.77
CA GLU B 181 -36.57 -5.66 11.03
C GLU B 181 -37.42 -5.91 12.30
N ASP B 182 -38.58 -5.23 12.36
CA ASP B 182 -39.58 -5.26 13.45
C ASP B 182 -39.05 -4.76 14.81
N ARG B 183 -38.02 -3.91 14.83
CA ARG B 183 -37.48 -3.33 16.08
C ARG B 183 -37.10 -1.87 15.91
N LEU B 184 -37.20 -1.08 16.99
CA LEU B 184 -36.88 0.36 16.95
C LEU B 184 -35.38 0.61 16.97
N GLU B 185 -34.92 1.55 16.15
CA GLU B 185 -33.53 1.98 16.07
C GLU B 185 -33.49 3.49 16.35
N SER B 186 -32.58 3.95 17.21
CA SER B 186 -32.39 5.37 17.49
C SER B 186 -31.04 5.75 16.91
N LYS B 187 -31.00 6.72 15.98
CA LYS B 187 -29.78 7.13 15.31
C LYS B 187 -29.44 8.57 15.62
N LEU B 188 -28.15 8.86 15.88
CA LEU B 188 -27.65 10.20 16.14
C LEU B 188 -26.58 10.63 15.12
N ASP B 189 -26.66 11.89 14.65
CA ASP B 189 -25.72 12.43 13.67
C ASP B 189 -24.72 13.44 14.25
N TYR B 190 -23.43 13.06 14.24
CA TYR B 190 -22.34 13.93 14.69
C TYR B 190 -21.68 14.43 13.41
N GLN B 191 -21.50 15.77 13.30
CA GLN B 191 -20.97 16.42 12.11
C GLN B 191 -19.67 17.18 12.30
N LEU B 192 -18.67 16.85 11.47
CA LEU B 192 -17.39 17.50 11.46
C LEU B 192 -17.26 18.35 10.18
N ARG B 193 -17.41 19.68 10.35
CA ARG B 193 -17.32 20.61 9.24
C ARG B 193 -15.91 21.10 9.03
N ILE B 194 -15.39 20.84 7.83
CA ILE B 194 -14.04 21.18 7.38
C ILE B 194 -14.11 21.91 6.04
N SER B 195 -13.23 22.90 5.82
CA SER B 195 -13.12 23.63 4.54
C SER B 195 -11.66 23.51 4.10
N ARG B 196 -11.34 23.61 2.80
CA ARG B 196 -9.97 23.39 2.40
C ARG B 196 -9.06 24.62 2.40
N GLN B 197 -7.76 24.30 2.44
CA GLN B 197 -6.64 25.19 2.40
C GLN B 197 -6.06 24.91 1.09
N TYR B 198 -6.23 25.93 0.18
N TYR B 198 -5.57 25.82 0.52
CA TYR B 198 -6.07 26.14 -1.29
CA TYR B 198 -4.57 25.39 -0.35
C TYR B 198 -5.07 27.20 -1.76
C TYR B 198 -3.84 26.47 -0.94
N PHE B 199 -4.21 27.79 -0.87
CA PHE B 199 -3.37 28.84 -1.41
C PHE B 199 -2.22 28.29 -2.21
N SER B 200 -1.32 27.43 -1.67
CA SER B 200 -0.30 26.77 -2.47
C SER B 200 -0.81 26.14 -3.83
N TYR B 201 -2.14 26.05 -4.13
CA TYR B 201 -2.65 25.54 -5.39
C TYR B 201 -2.20 26.40 -6.55
N ILE B 202 -2.45 27.70 -6.40
CA ILE B 202 -2.14 28.70 -7.39
C ILE B 202 -0.68 28.56 -7.88
N PRO B 203 0.35 28.72 -7.03
CA PRO B 203 1.73 28.61 -7.55
C PRO B 203 2.18 27.20 -7.94
N ASN B 204 1.66 26.17 -7.26
CA ASN B 204 2.07 24.78 -7.50
C ASN B 204 1.39 24.13 -8.67
N ILE B 205 0.05 24.33 -8.85
CA ILE B 205 -0.67 23.69 -9.95
C ILE B 205 -1.15 24.64 -11.05
N ILE B 206 -2.01 25.64 -10.71
CA ILE B 206 -2.62 26.53 -11.71
C ILE B 206 -1.59 27.31 -12.55
N LEU B 207 -0.64 27.97 -11.91
CA LEU B 207 0.27 28.83 -12.65
C LEU B 207 1.15 28.08 -13.61
N PRO B 208 1.84 26.95 -13.23
CA PRO B 208 2.74 26.30 -14.22
C PRO B 208 1.96 25.72 -15.39
N MET B 209 0.71 25.25 -15.12
CA MET B 209 -0.20 24.76 -16.18
C MET B 209 -0.57 25.83 -17.20
N LEU B 210 -0.75 27.08 -16.71
CA LEU B 210 -1.02 28.28 -17.51
C LEU B 210 0.19 28.74 -18.28
N PHE B 211 1.42 28.65 -17.70
CA PHE B 211 2.67 29.02 -18.39
C PHE B 211 2.85 28.14 -19.60
N ILE B 212 2.65 26.80 -19.42
CA ILE B 212 2.78 25.83 -20.50
C ILE B 212 1.78 26.17 -21.63
N LEU B 213 0.51 26.45 -21.25
CA LEU B 213 -0.52 26.81 -22.22
C LEU B 213 -0.15 28.09 -23.00
N PHE B 214 0.39 29.11 -22.29
CA PHE B 214 0.82 30.36 -22.89
C PHE B 214 1.96 30.12 -23.85
N ILE B 215 2.92 29.23 -23.48
CA ILE B 215 4.06 28.88 -24.35
C ILE B 215 3.55 28.41 -25.75
N SER B 216 2.42 27.65 -25.79
CA SER B 216 1.79 27.24 -27.04
C SER B 216 1.30 28.45 -27.84
N TRP B 217 0.69 29.45 -27.15
CA TRP B 217 0.15 30.64 -27.82
C TRP B 217 1.23 31.52 -28.48
N THR B 218 2.53 31.28 -28.23
CA THR B 218 3.56 32.05 -28.91
C THR B 218 3.64 31.66 -30.42
N ALA B 219 2.97 30.55 -30.82
CA ALA B 219 2.92 30.12 -32.21
C ALA B 219 2.05 31.08 -33.07
N PHE B 220 1.37 32.04 -32.40
CA PHE B 220 0.57 33.06 -33.07
C PHE B 220 1.44 34.26 -33.46
N TRP B 221 2.76 34.18 -33.19
CA TRP B 221 3.75 35.22 -33.51
C TRP B 221 4.85 34.65 -34.37
N SER B 222 4.59 33.46 -34.96
CA SER B 222 5.52 32.78 -35.84
C SER B 222 4.79 32.25 -37.06
N THR B 223 5.51 32.13 -38.18
CA THR B 223 5.01 31.61 -39.48
C THR B 223 5.68 30.26 -39.83
N SER B 224 6.72 29.87 -39.02
CA SER B 224 7.45 28.64 -39.22
C SER B 224 6.59 27.48 -38.78
N TYR B 225 6.00 26.73 -39.75
CA TYR B 225 5.13 25.58 -39.47
C TYR B 225 5.89 24.55 -38.65
N GLU B 226 7.20 24.36 -38.94
CA GLU B 226 8.02 23.43 -38.19
C GLU B 226 8.22 23.86 -36.73
N ALA B 227 8.45 25.18 -36.49
CA ALA B 227 8.58 25.72 -35.13
C ALA B 227 7.23 25.73 -34.40
N ASN B 228 6.12 25.92 -35.15
CA ASN B 228 4.77 25.96 -34.61
C ASN B 228 4.25 24.59 -34.24
N VAL B 229 4.56 23.55 -35.07
CA VAL B 229 4.17 22.16 -34.78
C VAL B 229 4.83 21.77 -33.46
N THR B 230 6.15 22.06 -33.36
CA THR B 230 7.00 21.82 -32.19
C THR B 230 6.40 22.54 -30.97
N LEU B 231 6.12 23.85 -31.07
CA LEU B 231 5.47 24.61 -30.00
C LEU B 231 4.18 23.96 -29.45
N VAL B 232 3.08 23.93 -30.23
CA VAL B 232 1.82 23.36 -29.74
C VAL B 232 1.93 21.87 -29.30
N VAL B 233 2.52 20.98 -30.12
CA VAL B 233 2.59 19.55 -29.74
C VAL B 233 3.51 19.33 -28.51
N SER B 234 4.73 19.92 -28.50
CA SER B 234 5.67 19.75 -27.38
C SER B 234 5.12 20.29 -26.07
N THR B 235 4.39 21.44 -26.13
CA THR B 235 3.70 21.96 -24.94
C THR B 235 2.55 21.04 -24.54
N LEU B 236 1.87 20.37 -25.52
CA LEU B 236 0.81 19.43 -25.17
C LEU B 236 1.41 18.26 -24.39
N ILE B 237 2.64 17.76 -24.76
CA ILE B 237 3.30 16.70 -24.00
C ILE B 237 3.67 17.22 -22.61
N ALA B 238 4.27 18.44 -22.54
CA ALA B 238 4.64 19.09 -21.28
C ALA B 238 3.44 19.21 -20.32
N HIS B 239 2.28 19.64 -20.87
CA HIS B 239 1.04 19.78 -20.12
C HIS B 239 0.67 18.44 -19.47
N ILE B 240 0.67 17.34 -20.25
CA ILE B 240 0.33 16.00 -19.78
C ILE B 240 1.36 15.55 -18.70
N ALA B 241 2.69 15.68 -19.00
CA ALA B 241 3.73 15.31 -18.04
C ALA B 241 3.56 16.07 -16.73
N PHE B 242 3.22 17.40 -16.81
CA PHE B 242 2.98 18.21 -15.63
C PHE B 242 1.80 17.67 -14.82
N ASN B 243 0.72 17.21 -15.51
CA ASN B 243 -0.47 16.64 -14.87
C ASN B 243 -0.19 15.31 -14.21
N ILE B 244 0.79 14.52 -14.78
CA ILE B 244 1.25 13.25 -14.18
C ILE B 244 2.01 13.61 -12.89
N LEU B 245 2.75 14.75 -12.91
CA LEU B 245 3.52 15.27 -11.79
C LEU B 245 2.64 15.76 -10.64
N VAL B 246 1.52 16.43 -10.93
CA VAL B 246 0.64 16.96 -9.88
C VAL B 246 -0.66 16.08 -9.62
N GLU B 247 -0.69 14.86 -10.20
CA GLU B 247 -1.74 13.84 -10.12
C GLU B 247 -2.34 13.72 -8.71
N THR B 248 -3.70 13.74 -8.61
CA THR B 248 -4.47 13.60 -7.35
C THR B 248 -4.36 12.17 -6.76
N ASN B 249 -3.90 11.16 -7.57
CA ASN B 249 -3.71 9.71 -7.28
C ASN B 249 -5.06 8.98 -6.92
N CYS B 250 -6.18 9.74 -7.10
CA CYS B 250 -7.58 9.37 -6.85
C CYS B 250 -8.21 8.74 -8.09
N PRO B 251 -9.07 7.68 -7.91
CA PRO B 251 -9.77 7.13 -9.09
C PRO B 251 -10.59 8.25 -9.72
N LYS B 252 -10.94 8.08 -11.00
CA LYS B 252 -11.74 9.09 -11.67
C LYS B 252 -13.08 9.28 -10.92
N THR B 253 -13.43 10.55 -10.76
CA THR B 253 -14.63 11.00 -10.11
C THR B 253 -15.77 10.79 -11.12
N PRO B 254 -16.90 10.12 -10.73
CA PRO B 254 -18.00 9.88 -11.69
C PRO B 254 -18.70 11.10 -12.28
N TYR B 255 -18.65 12.22 -11.52
CA TYR B 255 -19.21 13.52 -11.86
C TYR B 255 -18.14 14.54 -12.30
N MET B 256 -18.59 15.60 -12.99
CA MET B 256 -17.71 16.64 -13.50
C MET B 256 -17.48 17.68 -12.41
N THR B 257 -16.19 17.94 -12.14
CA THR B 257 -15.68 18.87 -11.14
C THR B 257 -15.27 20.18 -11.84
N TYR B 258 -15.07 21.25 -11.05
CA TYR B 258 -14.64 22.56 -11.54
C TYR B 258 -13.28 22.46 -12.22
N THR B 259 -12.30 21.84 -11.52
CA THR B 259 -10.93 21.58 -11.99
C THR B 259 -10.93 20.64 -13.21
N GLY B 260 -11.87 19.70 -13.22
CA GLY B 260 -12.02 18.75 -14.31
C GLY B 260 -12.36 19.42 -15.62
N ALA B 261 -13.27 20.42 -15.52
CA ALA B 261 -13.76 21.25 -16.63
C ALA B 261 -12.63 22.09 -17.18
N ILE B 262 -11.89 22.82 -16.29
CA ILE B 262 -10.75 23.67 -16.68
C ILE B 262 -9.73 22.87 -17.51
N ILE B 263 -9.33 21.68 -16.99
CA ILE B 263 -8.39 20.79 -17.65
C ILE B 263 -8.95 20.34 -19.00
N PHE B 264 -10.25 19.98 -19.06
CA PHE B 264 -10.87 19.58 -20.31
C PHE B 264 -10.76 20.70 -21.32
N MET B 265 -11.09 21.94 -20.87
CA MET B 265 -11.05 23.15 -21.68
C MET B 265 -9.63 23.40 -22.22
N ILE B 266 -8.58 23.17 -21.38
CA ILE B 266 -7.17 23.29 -21.75
C ILE B 266 -6.82 22.31 -22.89
N TYR B 267 -7.31 21.04 -22.80
CA TYR B 267 -7.10 20.05 -23.86
C TYR B 267 -7.76 20.52 -25.16
N LEU B 268 -8.95 21.12 -25.03
CA LEU B 268 -9.65 21.63 -26.17
C LEU B 268 -8.90 22.83 -26.82
N PHE B 269 -8.23 23.64 -25.97
CA PHE B 269 -7.45 24.78 -26.44
C PHE B 269 -6.21 24.36 -27.19
N TYR B 270 -5.59 23.20 -26.79
CA TYR B 270 -4.41 22.66 -27.49
C TYR B 270 -4.86 22.16 -28.84
N PHE B 271 -6.08 21.60 -28.91
CA PHE B 271 -6.65 21.09 -30.14
C PHE B 271 -6.93 22.18 -31.14
N VAL B 272 -7.63 23.24 -30.72
CA VAL B 272 -7.96 24.40 -31.53
C VAL B 272 -6.67 25.13 -32.01
N ALA B 273 -5.65 25.23 -31.13
CA ALA B 273 -4.36 25.85 -31.47
C ALA B 273 -3.70 25.12 -32.63
N VAL B 274 -3.78 23.75 -32.65
CA VAL B 274 -3.25 22.93 -33.74
C VAL B 274 -4.03 23.24 -35.01
N ILE B 275 -5.39 23.36 -34.90
CA ILE B 275 -6.22 23.72 -36.06
C ILE B 275 -5.73 25.03 -36.67
N GLU B 276 -5.56 26.10 -35.84
CA GLU B 276 -5.03 27.39 -36.30
C GLU B 276 -3.72 27.22 -37.05
N VAL B 277 -2.73 26.55 -36.41
CA VAL B 277 -1.38 26.32 -36.97
C VAL B 277 -1.50 25.63 -38.32
N THR B 278 -2.35 24.58 -38.38
CA THR B 278 -2.58 23.82 -39.61
C THR B 278 -3.17 24.75 -40.73
N VAL B 279 -4.26 25.51 -40.41
CA VAL B 279 -4.93 26.46 -41.30
C VAL B 279 -3.94 27.51 -41.83
N GLN B 280 -3.27 28.24 -40.92
CA GLN B 280 -2.25 29.26 -41.23
C GLN B 280 -1.27 28.74 -42.29
N HIS B 281 -0.73 27.52 -42.08
CA HIS B 281 0.18 26.88 -43.03
C HIS B 281 -0.49 26.56 -44.35
N TYR B 282 -1.69 25.92 -44.33
CA TYR B 282 -2.41 25.55 -45.56
C TYR B 282 -2.72 26.75 -46.43
N LEU B 283 -3.14 27.87 -45.82
CA LEU B 283 -3.43 29.12 -46.50
C LEU B 283 -2.16 29.69 -47.12
N LYS B 284 -1.02 29.59 -46.41
CA LYS B 284 0.27 30.06 -46.90
C LYS B 284 0.70 29.24 -48.08
N VAL B 285 0.60 27.89 -47.97
CA VAL B 285 0.94 26.99 -49.08
C VAL B 285 0.01 27.25 -50.31
N GLU B 286 -1.29 27.50 -50.08
CA GLU B 286 -2.28 27.81 -51.12
C GLU B 286 -2.21 29.29 -51.60
N SER B 287 -1.06 29.95 -51.34
CA SER B 287 -0.76 31.34 -51.70
C SER B 287 -1.94 32.26 -51.39
N GLN B 288 -2.27 32.36 -50.11
CA GLN B 288 -3.32 33.21 -49.55
C GLN B 288 -2.75 33.76 -48.23
N PRO B 289 -1.59 34.47 -48.27
CA PRO B 289 -0.99 34.93 -47.01
C PRO B 289 -1.71 36.11 -46.37
N ALA B 290 -2.82 36.56 -46.97
CA ALA B 290 -3.65 37.62 -46.44
C ALA B 290 -4.54 37.03 -45.35
N ARG B 291 -5.21 35.88 -45.64
CA ARG B 291 -6.07 35.16 -44.69
C ARG B 291 -5.23 34.49 -43.62
N ALA B 292 -4.08 33.92 -44.02
CA ALA B 292 -3.15 33.27 -43.11
C ALA B 292 -2.69 34.27 -42.04
N ALA B 293 -2.30 35.51 -42.44
CA ALA B 293 -1.87 36.55 -41.51
C ALA B 293 -2.99 37.10 -40.65
N SER B 294 -4.19 37.26 -41.21
CA SER B 294 -5.32 37.81 -40.45
C SER B 294 -5.77 36.88 -39.31
N ILE B 295 -5.87 35.55 -39.60
CA ILE B 295 -6.27 34.51 -38.64
C ILE B 295 -5.30 34.52 -37.47
N THR B 296 -3.98 34.40 -37.75
CA THR B 296 -2.91 34.42 -36.76
C THR B 296 -3.01 35.67 -35.90
N ARG B 297 -3.20 36.85 -36.54
CA ARG B 297 -3.36 38.13 -35.85
C ARG B 297 -4.55 38.14 -34.89
N ALA B 298 -5.69 37.54 -35.31
CA ALA B 298 -6.89 37.45 -34.48
C ALA B 298 -6.64 36.55 -33.26
N SER B 299 -6.11 35.34 -33.52
CA SER B 299 -5.75 34.31 -32.54
C SER B 299 -4.94 34.86 -31.36
N ARG B 300 -4.09 35.88 -31.62
CA ARG B 300 -3.27 36.56 -30.61
C ARG B 300 -4.13 37.16 -29.48
N ILE B 301 -5.37 37.58 -29.82
CA ILE B 301 -6.33 38.17 -28.89
C ILE B 301 -7.46 37.16 -28.61
N ALA B 302 -7.90 36.42 -29.66
CA ALA B 302 -8.97 35.42 -29.62
C ALA B 302 -8.75 34.37 -28.55
N PHE B 303 -7.53 33.77 -28.53
CA PHE B 303 -7.19 32.73 -27.57
C PHE B 303 -7.19 33.25 -26.13
N PRO B 304 -6.44 34.31 -25.75
CA PRO B 304 -6.50 34.79 -24.35
C PRO B 304 -7.90 35.22 -23.89
N VAL B 305 -8.63 35.97 -24.75
CA VAL B 305 -9.97 36.47 -24.43
C VAL B 305 -10.96 35.32 -24.23
N VAL B 306 -11.10 34.42 -25.21
CA VAL B 306 -12.02 33.29 -25.09
C VAL B 306 -11.70 32.46 -23.84
N PHE B 307 -10.39 32.19 -23.58
CA PHE B 307 -9.94 31.45 -22.41
C PHE B 307 -10.40 32.15 -21.13
N LEU B 308 -10.10 33.47 -20.98
CA LEU B 308 -10.49 34.30 -19.84
C LEU B 308 -12.01 34.29 -19.57
N LEU B 309 -12.79 34.52 -20.62
CA LEU B 309 -14.25 34.47 -20.59
C LEU B 309 -14.76 33.11 -20.16
N ALA B 310 -14.34 32.03 -20.88
CA ALA B 310 -14.72 30.63 -20.63
C ALA B 310 -14.44 30.19 -19.19
N ASN B 311 -13.34 30.69 -18.59
CA ASN B 311 -13.05 30.44 -17.18
C ASN B 311 -14.02 31.17 -16.26
N ILE B 312 -14.33 32.47 -16.60
CA ILE B 312 -15.30 33.31 -15.86
C ILE B 312 -16.66 32.59 -15.87
N ILE B 313 -17.09 32.08 -17.05
CA ILE B 313 -18.32 31.32 -17.21
C ILE B 313 -18.33 30.08 -16.28
N LEU B 314 -17.26 29.26 -16.32
CA LEU B 314 -17.12 28.06 -15.49
C LEU B 314 -17.14 28.37 -13.99
N ALA B 315 -16.32 29.35 -13.56
CA ALA B 315 -16.23 29.78 -12.15
C ALA B 315 -17.62 30.18 -11.66
N PHE B 316 -18.37 30.93 -12.50
CA PHE B 316 -19.73 31.35 -12.21
C PHE B 316 -20.65 30.12 -12.06
N LEU B 317 -20.57 29.17 -13.03
CA LEU B 317 -21.36 27.93 -13.05
C LEU B 317 -21.17 27.05 -11.81
N PHE B 318 -19.91 26.90 -11.35
CA PHE B 318 -19.63 26.05 -10.18
C PHE B 318 -19.78 26.78 -8.85
N PHE B 319 -19.58 28.11 -8.82
CA PHE B 319 -19.68 28.88 -7.56
C PHE B 319 -20.70 30.04 -7.63
N VAL C 9 -9.14 -2.60 41.16
CA VAL C 9 -9.21 -2.51 42.62
C VAL C 9 -9.93 -1.20 43.01
N SER C 10 -9.18 -0.12 43.37
CA SER C 10 -9.66 1.20 43.80
C SER C 10 -8.43 2.10 43.99
N PRO C 11 -8.47 3.42 43.67
CA PRO C 11 -7.26 4.24 43.81
C PRO C 11 -6.72 4.36 45.24
N PRO C 12 -5.40 4.56 45.45
CA PRO C 12 -4.89 4.70 46.83
C PRO C 12 -5.45 5.93 47.54
N PRO C 13 -5.57 5.89 48.87
CA PRO C 13 -6.11 7.05 49.59
C PRO C 13 -5.08 8.13 49.96
N PRO C 14 -5.49 9.43 49.96
CA PRO C 14 -4.52 10.49 50.26
C PRO C 14 -4.23 10.65 51.75
N ILE C 15 -2.94 10.85 52.11
CA ILE C 15 -2.52 11.09 53.50
C ILE C 15 -3.15 12.36 54.04
N ALA C 16 -3.09 13.42 53.25
CA ALA C 16 -3.71 14.72 53.38
C ALA C 16 -4.45 14.77 52.06
N ASP C 17 -4.87 15.98 51.67
CA ASP C 17 -5.64 16.34 50.49
C ASP C 17 -4.92 16.30 49.10
N GLU C 18 -3.62 15.92 49.10
CA GLU C 18 -2.74 15.88 47.94
C GLU C 18 -3.25 15.03 46.73
N PRO C 19 -2.89 15.37 45.47
CA PRO C 19 -3.26 14.49 44.34
C PRO C 19 -2.23 13.36 44.17
N LEU C 20 -2.62 12.26 43.51
CA LEU C 20 -1.69 11.15 43.30
C LEU C 20 -0.73 11.48 42.17
N THR C 21 0.58 11.49 42.48
CA THR C 21 1.62 11.78 41.49
C THR C 21 2.18 10.47 40.91
N VAL C 22 2.00 10.30 39.59
CA VAL C 22 2.52 9.16 38.83
C VAL C 22 3.76 9.63 38.09
N ASN C 23 4.90 9.02 38.42
CA ASN C 23 6.19 9.30 37.82
C ASN C 23 6.34 8.47 36.57
N THR C 24 6.47 9.16 35.44
CA THR C 24 6.56 8.58 34.11
C THR C 24 7.96 8.67 33.55
N GLY C 25 8.20 7.91 32.49
CA GLY C 25 9.48 7.83 31.80
C GLY C 25 9.38 6.94 30.60
N ILE C 26 9.78 7.47 29.43
CA ILE C 26 9.77 6.72 28.18
C ILE C 26 11.19 6.50 27.75
N TYR C 27 11.59 5.24 27.47
CA TYR C 27 12.92 4.93 26.98
C TYR C 27 12.80 4.33 25.58
N LEU C 28 13.15 5.11 24.50
CA LEU C 28 13.09 4.61 23.11
C LEU C 28 14.05 3.51 22.86
N ILE C 29 13.53 2.36 22.45
CA ILE C 29 14.33 1.18 22.09
C ILE C 29 14.60 1.25 20.57
N GLU C 30 13.51 1.43 19.79
CA GLU C 30 13.52 1.53 18.34
C GLU C 30 12.57 2.64 17.88
N SER C 31 13.03 3.35 16.85
CA SER C 31 12.26 4.37 16.15
C SER C 31 12.38 3.91 14.73
N TYR C 32 11.27 3.92 14.02
CA TYR C 32 11.23 3.47 12.63
C TYR C 32 10.04 4.07 11.92
N SER C 33 9.86 3.68 10.64
CA SER C 33 8.80 4.08 9.74
C SER C 33 8.30 5.52 9.95
N LEU C 34 9.22 6.50 9.75
CA LEU C 34 8.82 7.90 9.80
C LEU C 34 8.29 8.19 8.42
N ASP C 35 6.97 8.42 8.34
CA ASP C 35 6.25 8.71 7.10
C ASP C 35 6.05 10.22 7.03
N ASP C 36 6.82 10.88 6.18
CA ASP C 36 6.72 12.34 6.03
C ASP C 36 5.33 12.74 5.54
N CYS C 37 4.75 11.92 4.65
CA CYS C 37 3.42 12.11 4.05
C CYS C 37 2.32 11.97 5.07
N ALA C 38 2.26 10.79 5.76
CA ALA C 38 1.23 10.49 6.75
C ALA C 38 1.40 11.21 8.10
N GLU C 39 2.53 11.91 8.29
CA GLU C 39 2.89 12.65 9.51
C GLU C 39 2.84 11.74 10.73
N THR C 40 3.38 10.53 10.56
CA THR C 40 3.42 9.51 11.60
C THR C 40 4.77 8.87 11.65
N PHE C 41 5.08 8.22 12.79
CA PHE C 41 6.33 7.49 13.01
C PHE C 41 6.04 6.37 14.04
N LYS C 42 6.74 5.25 13.87
CA LYS C 42 6.54 4.12 14.75
C LYS C 42 7.66 4.06 15.76
N VAL C 43 7.33 3.58 16.98
CA VAL C 43 8.24 3.51 18.12
C VAL C 43 8.06 2.20 18.89
N ASN C 44 9.15 1.66 19.45
CA ASN C 44 9.22 0.53 20.39
C ASN C 44 9.86 1.18 21.58
N ALA C 45 9.21 1.18 22.70
CA ALA C 45 9.78 1.82 23.87
C ALA C 45 9.31 1.19 25.17
N PHE C 46 9.98 1.55 26.28
CA PHE C 46 9.62 1.15 27.62
C PHE C 46 8.85 2.32 28.20
N LEU C 47 7.75 2.05 28.91
CA LEU C 47 6.99 3.06 29.62
C LEU C 47 7.08 2.66 31.08
N SER C 48 7.73 3.49 31.90
CA SER C 48 7.89 3.18 33.30
C SER C 48 7.00 4.10 34.12
N LEU C 49 6.17 3.50 34.98
CA LEU C 49 5.26 4.21 35.85
C LEU C 49 5.59 3.92 37.29
N SER C 50 5.43 4.93 38.14
CA SER C 50 5.72 4.80 39.56
C SER C 50 4.87 5.71 40.44
N TRP C 51 4.17 5.11 41.40
CA TRP C 51 3.30 5.82 42.33
C TRP C 51 3.41 5.16 43.70
N LYS C 52 2.85 5.81 44.73
CA LYS C 52 2.85 5.28 46.11
C LYS C 52 1.44 4.84 46.53
N ASP C 53 1.28 3.52 46.74
CA ASP C 53 0.03 2.91 47.23
C ASP C 53 0.29 2.27 48.60
N ARG C 54 -0.04 3.01 49.69
CA ARG C 54 0.17 2.62 51.09
C ARG C 54 -0.50 1.31 51.46
N ARG C 55 -1.60 0.99 50.75
CA ARG C 55 -2.35 -0.26 50.92
C ARG C 55 -1.41 -1.45 50.70
N LEU C 56 -0.33 -1.25 49.93
CA LEU C 56 0.66 -2.28 49.59
C LEU C 56 1.91 -2.26 50.44
N ALA C 57 2.00 -1.31 51.41
CA ALA C 57 3.16 -1.22 52.29
C ALA C 57 3.35 -2.50 53.09
N PHE C 58 4.61 -2.83 53.40
CA PHE C 58 4.97 -4.01 54.17
C PHE C 58 6.24 -3.79 55.00
N ASP C 59 6.52 -4.70 55.94
CA ASP C 59 7.74 -4.64 56.73
C ASP C 59 8.69 -5.67 56.12
N PRO C 60 9.89 -5.26 55.64
CA PRO C 60 10.82 -6.23 55.03
C PRO C 60 11.30 -7.34 55.98
N VAL C 61 11.25 -7.09 57.30
CA VAL C 61 11.65 -8.01 58.36
C VAL C 61 10.59 -9.13 58.50
N ARG C 62 9.31 -8.74 58.68
CA ARG C 62 8.17 -9.65 58.80
C ARG C 62 7.90 -10.40 57.50
N SER C 63 8.24 -9.79 56.34
CA SER C 63 8.04 -10.37 55.01
C SER C 63 9.21 -11.21 54.52
N GLY C 64 10.42 -10.86 54.97
CA GLY C 64 11.63 -11.55 54.55
C GLY C 64 12.20 -10.95 53.29
N VAL C 65 11.31 -10.67 52.30
CA VAL C 65 11.62 -10.06 51.01
C VAL C 65 11.82 -8.56 51.11
N ARG C 66 12.79 -8.06 50.34
CA ARG C 66 13.13 -6.65 50.26
C ARG C 66 12.25 -5.95 49.22
N VAL C 67 11.67 -6.73 48.28
CA VAL C 67 10.76 -6.29 47.21
C VAL C 67 9.73 -7.41 46.91
N LYS C 68 8.46 -7.02 46.68
CA LYS C 68 7.37 -7.92 46.32
C LYS C 68 6.97 -7.65 44.85
N THR C 69 6.79 -8.73 44.07
CA THR C 69 6.39 -8.68 42.67
C THR C 69 4.90 -9.01 42.59
N TYR C 70 4.14 -8.22 41.83
CA TYR C 70 2.70 -8.43 41.62
C TYR C 70 2.35 -8.60 40.15
N GLU C 71 1.15 -9.14 39.91
CA GLU C 71 0.58 -9.30 38.58
C GLU C 71 -0.37 -8.10 38.35
N PRO C 72 -0.45 -7.56 37.11
CA PRO C 72 -1.31 -6.37 36.85
C PRO C 72 -2.71 -6.39 37.45
N GLU C 73 -3.33 -7.58 37.46
CA GLU C 73 -4.68 -7.86 37.95
C GLU C 73 -4.76 -7.63 39.46
N ALA C 74 -3.73 -8.11 40.19
CA ALA C 74 -3.62 -8.05 41.66
C ALA C 74 -3.66 -6.65 42.26
N ILE C 75 -3.12 -5.63 41.57
CA ILE C 75 -3.08 -4.29 42.14
C ILE C 75 -3.69 -3.20 41.26
N TRP C 76 -3.93 -2.02 41.88
CA TRP C 76 -4.45 -0.83 41.23
C TRP C 76 -3.31 -0.19 40.43
N ILE C 77 -3.50 -0.07 39.10
CA ILE C 77 -2.56 0.57 38.19
C ILE C 77 -3.28 1.76 37.52
N PRO C 78 -2.67 2.98 37.45
CA PRO C 78 -3.37 4.10 36.81
C PRO C 78 -3.53 3.91 35.30
N GLU C 79 -4.68 4.35 34.77
CA GLU C 79 -4.96 4.25 33.33
C GLU C 79 -4.23 5.36 32.56
N ILE C 80 -2.94 5.09 32.19
CA ILE C 80 -2.11 6.01 31.39
C ILE C 80 -2.36 5.69 29.94
N ARG C 81 -2.67 6.72 29.14
CA ARG C 81 -2.95 6.57 27.71
C ARG C 81 -2.11 7.58 26.91
N PHE C 82 -1.97 7.33 25.59
CA PHE C 82 -1.26 8.26 24.69
C PHE C 82 -2.29 9.08 23.98
N VAL C 83 -2.02 10.37 23.79
CA VAL C 83 -2.98 11.26 23.14
C VAL C 83 -2.96 11.10 21.61
N ASN C 84 -1.76 11.12 21.03
CA ASN C 84 -1.58 11.09 19.61
C ASN C 84 -1.14 9.73 19.02
N VAL C 85 -1.87 8.64 19.35
CA VAL C 85 -1.54 7.37 18.72
C VAL C 85 -2.63 6.96 17.73
N GLU C 86 -2.31 6.22 16.62
CA GLU C 86 -3.35 5.82 15.64
C GLU C 86 -4.24 4.77 16.30
N ASN C 87 -3.75 3.52 16.42
CA ASN C 87 -4.50 2.50 17.15
C ASN C 87 -3.95 2.52 18.57
N ALA C 88 -4.71 1.99 19.53
CA ALA C 88 -4.28 1.88 20.93
C ALA C 88 -2.96 1.09 20.99
N ARG C 89 -1.99 1.57 21.81
CA ARG C 89 -0.66 0.96 21.94
C ARG C 89 -0.67 -0.57 22.24
N ASP C 90 0.31 -1.30 21.69
CA ASP C 90 0.47 -2.74 21.91
C ASP C 90 1.41 -2.85 23.09
N ALA C 91 0.87 -3.03 24.30
CA ALA C 91 1.63 -3.08 25.53
C ALA C 91 1.82 -4.49 26.07
N ASP C 92 2.95 -4.70 26.73
CA ASP C 92 3.30 -5.95 27.39
C ASP C 92 3.98 -5.57 28.69
N VAL C 93 3.39 -5.96 29.85
CA VAL C 93 3.96 -5.66 31.16
C VAL C 93 5.21 -6.49 31.36
N VAL C 94 6.33 -5.81 31.59
CA VAL C 94 7.65 -6.39 31.79
C VAL C 94 7.81 -6.75 33.27
N ASP C 95 7.49 -5.80 34.17
CA ASP C 95 7.66 -5.96 35.60
C ASP C 95 6.84 -4.96 36.42
N ILE C 96 6.34 -5.45 37.57
CA ILE C 96 5.64 -4.70 38.62
C ILE C 96 6.35 -5.08 39.92
N SER C 97 6.84 -4.07 40.66
CA SER C 97 7.59 -4.28 41.90
C SER C 97 7.23 -3.27 42.98
N VAL C 98 6.76 -3.79 44.13
CA VAL C 98 6.40 -2.96 45.27
C VAL C 98 7.49 -3.04 46.34
N SER C 99 7.98 -1.87 46.76
CA SER C 99 8.99 -1.69 47.80
C SER C 99 8.26 -1.65 49.16
N PRO C 100 8.96 -1.88 50.31
CA PRO C 100 8.26 -1.91 51.59
C PRO C 100 7.37 -0.71 51.92
N ASP C 101 7.70 0.51 51.45
CA ASP C 101 6.86 1.68 51.74
C ASP C 101 5.57 1.75 50.90
N GLY C 102 5.47 0.88 49.90
CA GLY C 102 4.31 0.79 49.02
C GLY C 102 4.48 1.50 47.70
N THR C 103 5.75 1.79 47.32
CA THR C 103 6.03 2.46 46.06
C THR C 103 6.06 1.42 44.93
N VAL C 104 5.11 1.56 44.00
CA VAL C 104 4.97 0.66 42.86
C VAL C 104 5.89 1.07 41.73
N GLN C 105 6.59 0.09 41.16
CA GLN C 105 7.48 0.31 40.04
C GLN C 105 7.02 -0.59 38.91
N TYR C 106 6.22 0.02 38.02
CA TYR C 106 5.65 -0.58 36.82
C TYR C 106 6.56 -0.27 35.65
N LEU C 107 6.69 -1.24 34.72
CA LEU C 107 7.45 -1.13 33.48
C LEU C 107 6.82 -2.02 32.44
N GLU C 108 6.53 -1.44 31.29
CA GLU C 108 5.93 -2.15 30.17
C GLU C 108 6.64 -1.80 28.90
N ARG C 109 6.63 -2.72 27.95
CA ARG C 109 7.21 -2.48 26.64
C ARG C 109 6.07 -2.31 25.65
N PHE C 110 6.06 -1.18 24.93
CA PHE C 110 5.01 -0.88 23.97
C PHE C 110 5.54 -0.50 22.61
N SER C 111 4.69 -0.59 21.59
CA SER C 111 4.98 -0.15 20.24
C SER C 111 3.77 0.68 19.83
N ALA C 112 4.00 1.84 19.21
CA ALA C 112 2.91 2.74 18.79
C ALA C 112 3.21 3.55 17.53
N ARG C 113 2.20 3.77 16.68
CA ARG C 113 2.32 4.63 15.50
C ARG C 113 1.81 5.99 15.96
N VAL C 114 2.74 6.91 16.21
CA VAL C 114 2.51 8.25 16.76
C VAL C 114 2.27 9.26 15.65
N LEU C 115 1.20 10.05 15.80
CA LEU C 115 0.83 11.11 14.86
C LEU C 115 1.45 12.44 15.30
N SER C 116 2.45 12.93 14.59
CA SER C 116 3.02 14.22 14.91
C SER C 116 3.20 15.02 13.62
N PRO C 117 2.63 16.25 13.57
CA PRO C 117 2.73 17.04 12.33
C PRO C 117 4.16 17.45 11.98
N LEU C 118 4.41 17.66 10.68
CA LEU C 118 5.73 18.07 10.21
C LEU C 118 5.68 19.38 9.43
N ASP C 119 6.71 20.23 9.60
CA ASP C 119 6.84 21.54 8.95
C ASP C 119 7.91 21.49 7.87
N PHE C 120 7.47 21.41 6.61
CA PHE C 120 8.35 21.30 5.44
C PHE C 120 8.79 22.63 4.84
N ARG C 121 8.39 23.78 5.45
CA ARG C 121 8.75 25.10 4.99
C ARG C 121 10.26 25.25 4.68
N ARG C 122 11.14 24.67 5.51
CA ARG C 122 12.60 24.75 5.31
C ARG C 122 13.23 23.47 4.74
N TYR C 123 12.42 22.56 4.17
CA TYR C 123 12.90 21.32 3.55
C TYR C 123 13.85 21.64 2.37
N PRO C 124 14.97 20.90 2.17
CA PRO C 124 15.47 19.72 2.93
C PRO C 124 16.46 20.06 4.04
N PHE C 125 16.45 21.32 4.50
CA PHE C 125 17.33 21.80 5.56
C PHE C 125 16.51 21.99 6.84
N ASP C 126 15.47 21.14 7.00
CA ASP C 126 14.55 21.22 8.12
C ASP C 126 14.93 20.33 9.28
N SER C 127 14.45 20.78 10.45
CA SER C 127 14.53 20.11 11.73
C SER C 127 13.10 19.97 12.18
N GLN C 128 12.80 18.86 12.85
CA GLN C 128 11.47 18.54 13.33
C GLN C 128 11.50 18.16 14.80
N THR C 129 10.39 18.42 15.50
CA THR C 129 10.19 18.04 16.89
C THR C 129 9.01 17.09 16.95
N LEU C 130 9.28 15.79 17.06
CA LEU C 130 8.25 14.75 17.14
C LEU C 130 7.70 14.69 18.58
N HIS C 131 6.36 14.53 18.72
CA HIS C 131 5.72 14.54 20.04
C HIS C 131 5.11 13.23 20.45
N ILE C 132 5.19 12.91 21.73
CA ILE C 132 4.56 11.74 22.32
C ILE C 132 3.89 12.29 23.56
N TYR C 133 2.56 12.42 23.52
CA TYR C 133 1.77 12.94 24.63
C TYR C 133 1.19 11.84 25.52
N LEU C 134 1.52 11.90 26.81
CA LEU C 134 1.04 10.97 27.84
C LEU C 134 -0.07 11.66 28.59
N ILE C 135 -1.18 10.96 28.84
CA ILE C 135 -2.30 11.57 29.55
C ILE C 135 -2.87 10.62 30.59
N VAL C 136 -3.39 11.18 31.71
CA VAL C 136 -4.09 10.43 32.75
C VAL C 136 -5.35 11.19 33.16
N ARG C 137 -6.49 10.47 33.24
CA ARG C 137 -7.72 11.12 33.63
C ARG C 137 -7.97 10.86 35.11
N SER C 138 -8.23 11.95 35.86
CA SER C 138 -8.51 11.96 37.30
C SER C 138 -9.81 11.27 37.63
N VAL C 139 -9.73 10.35 38.62
CA VAL C 139 -10.85 9.54 39.10
C VAL C 139 -11.73 10.31 40.09
N ASP C 140 -12.93 9.76 40.42
CA ASP C 140 -13.85 10.42 41.34
C ASP C 140 -13.31 10.56 42.77
N THR C 141 -12.71 9.48 43.31
CA THR C 141 -12.11 9.47 44.64
C THR C 141 -11.01 10.50 44.76
N ARG C 142 -10.04 10.49 43.83
CA ARG C 142 -8.93 11.45 43.89
C ARG C 142 -8.38 11.88 42.53
N ASN C 143 -7.66 13.02 42.52
CA ASN C 143 -7.05 13.58 41.32
C ASN C 143 -5.68 12.96 41.08
N ILE C 144 -5.37 12.69 39.79
CA ILE C 144 -4.08 12.12 39.39
C ILE C 144 -3.33 13.09 38.48
N VAL C 145 -2.05 13.34 38.87
CA VAL C 145 -1.11 14.24 38.23
C VAL C 145 0.14 13.45 37.77
N LEU C 146 0.60 13.70 36.53
CA LEU C 146 1.79 13.08 35.94
C LEU C 146 3.04 13.90 36.26
N ALA C 147 4.18 13.22 36.41
CA ALA C 147 5.47 13.81 36.74
C ALA C 147 6.52 13.05 35.96
N VAL C 148 7.67 13.68 35.71
CA VAL C 148 8.72 13.03 34.91
C VAL C 148 9.87 12.55 35.79
N ASP C 149 10.25 11.27 35.63
CA ASP C 149 11.41 10.70 36.30
C ASP C 149 12.49 10.81 35.25
N LEU C 150 13.34 11.85 35.34
CA LEU C 150 14.39 12.09 34.33
C LEU C 150 15.41 10.95 34.18
N GLU C 151 15.56 10.14 35.25
CA GLU C 151 16.45 8.98 35.26
C GLU C 151 15.89 7.83 34.39
N LYS C 152 14.57 7.89 34.08
CA LYS C 152 13.81 6.89 33.33
C LYS C 152 13.41 7.32 31.87
N VAL C 153 13.93 8.47 31.40
CA VAL C 153 13.69 9.03 30.06
C VAL C 153 15.01 9.02 29.31
N GLY C 154 15.04 8.33 28.19
CA GLY C 154 16.21 8.23 27.33
C GLY C 154 15.94 7.51 26.03
N LYS C 155 17.03 7.08 25.38
CA LYS C 155 16.97 6.35 24.11
C LYS C 155 18.22 5.51 23.94
N ASN C 156 18.08 4.36 23.28
CA ASN C 156 19.19 3.47 22.97
C ASN C 156 20.11 4.23 21.97
N ASP C 157 21.44 4.06 22.05
CA ASP C 157 22.39 4.76 21.17
C ASP C 157 22.18 4.39 19.68
N ASP C 158 21.83 3.10 19.43
CA ASP C 158 21.52 2.50 18.13
C ASP C 158 20.26 3.07 17.47
N VAL C 159 19.35 3.75 18.24
CA VAL C 159 18.09 4.34 17.74
C VAL C 159 18.42 5.29 16.60
N PHE C 160 17.86 4.96 15.41
CA PHE C 160 18.08 5.64 14.13
C PHE C 160 16.81 5.85 13.33
N LEU C 161 16.82 6.85 12.47
CA LEU C 161 15.78 7.12 11.49
C LEU C 161 16.58 7.45 10.23
N THR C 162 16.53 6.58 9.20
CA THR C 162 17.37 6.79 8.00
C THR C 162 17.10 8.18 7.42
N GLY C 163 18.19 8.92 7.18
CA GLY C 163 18.13 10.27 6.64
C GLY C 163 17.92 11.38 7.65
N TRP C 164 18.04 11.09 8.94
CA TRP C 164 17.89 12.08 9.99
C TRP C 164 18.93 11.90 11.05
N ASP C 165 19.33 13.00 11.69
CA ASP C 165 20.24 12.97 12.82
C ASP C 165 19.32 13.09 14.03
N ILE C 166 19.35 12.10 14.93
CA ILE C 166 18.52 12.11 16.13
C ILE C 166 19.28 12.88 17.22
N GLU C 167 18.86 14.15 17.41
CA GLU C 167 19.48 15.08 18.35
C GLU C 167 19.22 14.72 19.81
N SER C 168 17.94 14.76 20.24
CA SER C 168 17.57 14.49 21.64
C SER C 168 16.20 13.89 21.83
N PHE C 169 16.06 13.19 22.97
CA PHE C 169 14.78 12.65 23.47
C PHE C 169 14.68 13.14 24.91
N THR C 170 13.77 14.13 25.11
CA THR C 170 13.56 14.81 26.38
C THR C 170 12.07 15.01 26.64
N ALA C 171 11.72 15.28 27.90
CA ALA C 171 10.32 15.52 28.27
C ALA C 171 10.15 16.87 28.97
N VAL C 172 9.04 17.56 28.64
CA VAL C 172 8.64 18.84 29.24
C VAL C 172 8.06 18.46 30.61
N VAL C 173 8.94 18.56 31.64
CA VAL C 173 8.75 18.17 33.03
C VAL C 173 7.47 18.73 33.71
N LYS C 174 7.00 19.92 33.28
CA LYS C 174 5.77 20.51 33.83
C LYS C 174 4.54 20.00 33.06
N PRO C 175 3.67 19.18 33.69
CA PRO C 175 2.48 18.68 32.98
C PRO C 175 1.42 19.75 32.74
N ALA C 176 0.62 19.53 31.71
CA ALA C 176 -0.47 20.41 31.30
C ALA C 176 -1.76 19.90 31.95
N ASN C 177 -2.00 20.32 33.19
CA ASN C 177 -3.20 19.94 33.94
C ASN C 177 -4.33 20.87 33.52
N PHE C 178 -5.47 20.28 33.11
CA PHE C 178 -6.64 21.00 32.59
C PHE C 178 -7.92 20.20 32.82
N ALA C 179 -9.06 20.87 32.75
CA ALA C 179 -10.34 20.22 32.95
C ALA C 179 -10.97 19.84 31.64
N LEU C 180 -11.50 18.63 31.58
CA LEU C 180 -12.17 18.07 30.42
C LEU C 180 -13.34 17.24 30.91
N GLU C 181 -14.56 17.57 30.44
CA GLU C 181 -15.84 16.92 30.77
C GLU C 181 -16.02 16.72 32.30
N ASP C 182 -15.83 17.83 33.04
CA ASP C 182 -15.91 17.97 34.50
C ASP C 182 -14.93 17.05 35.29
N ARG C 183 -13.77 16.70 34.69
CA ARG C 183 -12.72 15.92 35.35
C ARG C 183 -11.32 16.46 35.00
N LEU C 184 -10.35 16.30 35.92
CA LEU C 184 -8.99 16.79 35.69
C LEU C 184 -8.16 15.85 34.82
N GLU C 185 -7.38 16.45 33.92
CA GLU C 185 -6.51 15.73 32.97
CA GLU C 185 -6.50 15.70 33.02
C GLU C 185 -5.06 16.21 33.11
N SER C 186 -4.10 15.29 33.24
CA SER C 186 -2.68 15.60 33.37
C SER C 186 -1.92 15.16 32.12
N LYS C 187 -1.49 16.11 31.27
CA LYS C 187 -0.79 15.79 30.02
C LYS C 187 0.74 16.06 30.05
N LEU C 188 1.56 15.07 29.63
CA LEU C 188 3.02 15.22 29.55
C LEU C 188 3.50 15.18 28.11
N ASP C 189 4.46 16.07 27.77
CA ASP C 189 5.02 16.16 26.42
C ASP C 189 6.44 15.61 26.29
N TYR C 190 6.59 14.52 25.52
CA TYR C 190 7.88 13.89 25.23
C TYR C 190 8.24 14.31 23.83
N GLN C 191 9.45 14.86 23.64
CA GLN C 191 9.92 15.41 22.38
C GLN C 191 11.14 14.71 21.81
N LEU C 192 11.00 14.29 20.54
CA LEU C 192 12.07 13.68 19.77
C LEU C 192 12.54 14.68 18.72
N ARG C 193 13.69 15.32 18.96
CA ARG C 193 14.27 16.28 18.05
C ARG C 193 15.20 15.61 17.04
N ILE C 194 14.85 15.78 15.77
CA ILE C 194 15.56 15.22 14.63
C ILE C 194 15.83 16.35 13.62
N SER C 195 16.98 16.31 12.96
CA SER C 195 17.32 17.27 11.91
C SER C 195 17.62 16.44 10.66
N ARG C 196 17.38 17.01 9.46
CA ARG C 196 17.55 16.28 8.21
C ARG C 196 19.02 16.15 7.70
N GLN C 197 19.29 15.04 6.98
CA GLN C 197 20.55 14.70 6.32
C GLN C 197 20.49 15.10 4.80
N TYR C 198 20.58 16.42 4.55
CA TYR C 198 20.47 17.08 3.25
C TYR C 198 21.67 16.96 2.28
N PHE C 199 22.73 16.17 2.55
CA PHE C 199 23.83 16.26 1.60
C PHE C 199 23.52 15.62 0.26
N SER C 200 23.02 14.38 0.23
CA SER C 200 22.72 13.75 -1.06
C SER C 200 21.75 14.56 -1.96
N TYR C 201 21.10 15.64 -1.44
CA TYR C 201 20.14 16.46 -2.20
C TYR C 201 20.76 17.21 -3.31
N ILE C 202 21.97 17.74 -3.04
CA ILE C 202 22.76 18.49 -4.02
C ILE C 202 23.05 17.65 -5.28
N PRO C 203 23.79 16.51 -5.20
CA PRO C 203 24.07 15.75 -6.43
C PRO C 203 22.88 15.03 -7.04
N ASN C 204 21.92 14.59 -6.19
CA ASN C 204 20.77 13.82 -6.66
C ASN C 204 19.64 14.68 -7.24
N ILE C 205 19.28 15.79 -6.55
CA ILE C 205 18.17 16.62 -7.00
C ILE C 205 18.55 18.00 -7.51
N ILE C 206 19.23 18.84 -6.71
CA ILE C 206 19.54 20.24 -7.07
C ILE C 206 20.42 20.39 -8.31
N LEU C 207 21.51 19.64 -8.40
CA LEU C 207 22.42 19.82 -9.50
C LEU C 207 21.87 19.36 -10.85
N PRO C 208 21.23 18.17 -11.00
CA PRO C 208 20.71 17.80 -12.33
C PRO C 208 19.57 18.73 -12.73
N MET C 209 18.73 19.17 -11.77
CA MET C 209 17.63 20.06 -12.09
C MET C 209 18.11 21.38 -12.65
N LEU C 210 19.26 21.88 -12.10
CA LEU C 210 19.98 23.10 -12.45
C LEU C 210 20.60 23.06 -13.84
N PHE C 211 21.26 21.92 -14.19
CA PHE C 211 21.87 21.67 -15.49
C PHE C 211 20.81 21.81 -16.57
N ILE C 212 19.67 21.12 -16.39
CA ILE C 212 18.52 21.15 -17.29
C ILE C 212 18.08 22.59 -17.55
N LEU C 213 18.11 23.45 -16.52
CA LEU C 213 17.77 24.85 -16.68
C LEU C 213 18.84 25.58 -17.52
N PHE C 214 20.13 25.33 -17.21
CA PHE C 214 21.26 25.93 -17.93
C PHE C 214 21.21 25.52 -19.39
N ILE C 215 20.82 24.26 -19.69
CA ILE C 215 20.71 23.79 -21.07
C ILE C 215 19.74 24.69 -21.86
N SER C 216 18.66 25.15 -21.20
CA SER C 216 17.70 26.07 -21.84
C SER C 216 18.37 27.41 -22.13
N TRP C 217 19.17 27.96 -21.17
CA TRP C 217 19.87 29.24 -21.34
C TRP C 217 20.87 29.26 -22.54
N THR C 218 21.26 28.10 -23.12
CA THR C 218 22.15 28.09 -24.28
C THR C 218 21.43 28.69 -25.52
N ALA C 219 20.09 28.88 -25.47
CA ALA C 219 19.32 29.49 -26.55
C ALA C 219 19.64 31.00 -26.68
N PHE C 220 20.42 31.55 -25.71
CA PHE C 220 20.86 32.94 -25.75
C PHE C 220 22.15 33.09 -26.56
N TRP C 221 22.65 31.98 -27.12
CA TRP C 221 23.86 31.91 -27.93
C TRP C 221 23.55 31.33 -29.31
N SER C 222 22.26 31.30 -29.64
CA SER C 222 21.77 30.81 -30.93
C SER C 222 20.73 31.78 -31.47
N THR C 223 20.60 31.84 -32.82
CA THR C 223 19.63 32.66 -33.53
C THR C 223 18.59 31.80 -34.25
N SER C 224 18.82 30.46 -34.25
CA SER C 224 17.94 29.49 -34.89
C SER C 224 16.69 29.34 -34.06
N TYR C 225 15.56 29.95 -34.50
CA TYR C 225 14.28 29.86 -33.79
C TYR C 225 13.84 28.41 -33.64
N GLU C 226 14.10 27.58 -34.65
CA GLU C 226 13.77 26.17 -34.59
C GLU C 226 14.59 25.41 -33.53
N ALA C 227 15.91 25.71 -33.44
CA ALA C 227 16.77 25.12 -32.43
C ALA C 227 16.47 25.66 -31.03
N ASN C 228 16.05 26.94 -30.94
CA ASN C 228 15.71 27.61 -29.69
C ASN C 228 14.38 27.15 -29.13
N VAL C 229 13.36 26.92 -29.99
CA VAL C 229 12.06 26.40 -29.56
C VAL C 229 12.31 25.03 -28.93
N THR C 230 13.07 24.19 -29.64
CA THR C 230 13.47 22.84 -29.24
C THR C 230 14.21 22.92 -27.90
N LEU C 231 15.25 23.75 -27.78
CA LEU C 231 15.95 23.95 -26.51
C LEU C 231 15.05 24.24 -25.31
N VAL C 232 14.42 25.44 -25.25
CA VAL C 232 13.58 25.80 -24.09
C VAL C 232 12.41 24.82 -23.84
N VAL C 233 11.61 24.45 -24.86
CA VAL C 233 10.47 23.55 -24.64
C VAL C 233 10.92 22.14 -24.23
N SER C 234 11.89 21.53 -24.96
CA SER C 234 12.39 20.18 -24.64
C SER C 234 13.02 20.10 -23.27
N THR C 235 13.75 21.17 -22.83
CA THR C 235 14.27 21.23 -21.45
C THR C 235 13.12 21.39 -20.46
N LEU C 236 12.03 22.11 -20.83
CA LEU C 236 10.88 22.21 -19.93
C LEU C 236 10.25 20.82 -19.70
N ILE C 237 10.19 19.95 -20.76
CA ILE C 237 9.69 18.57 -20.61
C ILE C 237 10.66 17.79 -19.72
N ALA C 238 11.99 17.92 -20.00
CA ALA C 238 13.04 17.25 -19.21
C ALA C 238 12.95 17.62 -17.73
N HIS C 239 12.77 18.92 -17.43
CA HIS C 239 12.58 19.44 -16.07
C HIS C 239 11.44 18.71 -15.36
N ILE C 240 10.24 18.63 -16.02
CA ILE C 240 9.04 17.98 -15.47
C ILE C 240 9.31 16.50 -15.28
N ALA C 241 9.83 15.80 -16.31
CA ALA C 241 10.14 14.36 -16.22
C ALA C 241 11.11 14.11 -15.07
N PHE C 242 12.14 14.98 -14.90
CA PHE C 242 13.09 14.85 -13.81
C PHE C 242 12.38 14.97 -12.45
N ASN C 243 11.41 15.91 -12.32
CA ASN C 243 10.63 16.11 -11.10
C ASN C 243 9.70 14.92 -10.79
N ILE C 244 9.21 14.22 -11.85
CA ILE C 244 8.42 12.98 -11.72
C ILE C 244 9.39 11.88 -11.19
N LEU C 245 10.66 11.91 -11.64
CA LEU C 245 11.70 10.97 -11.23
C LEU C 245 12.10 11.14 -9.76
N VAL C 246 12.21 12.38 -9.27
CA VAL C 246 12.65 12.64 -7.89
C VAL C 246 11.46 12.97 -6.91
N GLU C 247 10.21 12.74 -7.38
CA GLU C 247 8.92 12.93 -6.69
C GLU C 247 8.97 12.47 -5.23
N THR C 248 8.51 13.35 -4.31
CA THR C 248 8.43 13.09 -2.85
C THR C 248 7.34 12.03 -2.51
N ASN C 249 6.39 11.73 -3.47
CA ASN C 249 5.23 10.81 -3.41
C ASN C 249 4.19 11.21 -2.31
N CYS C 250 4.41 12.43 -1.74
CA CYS C 250 3.63 13.07 -0.68
C CYS C 250 2.51 13.91 -1.27
N PRO C 251 1.29 13.93 -0.63
CA PRO C 251 0.24 14.83 -1.11
C PRO C 251 0.76 16.27 -1.10
N LYS C 252 0.17 17.12 -1.93
CA LYS C 252 0.62 18.50 -1.98
C LYS C 252 0.42 19.16 -0.60
N THR C 253 1.44 19.94 -0.24
CA THR C 253 1.53 20.65 1.02
C THR C 253 0.65 21.91 0.89
N PRO C 254 -0.28 22.16 1.85
CA PRO C 254 -1.18 23.35 1.76
C PRO C 254 -0.50 24.73 1.79
N TYR C 255 0.70 24.79 2.41
CA TYR C 255 1.56 25.96 2.58
C TYR C 255 2.75 25.97 1.61
N MET C 256 3.33 27.17 1.39
CA MET C 256 4.46 27.37 0.50
C MET C 256 5.76 27.05 1.24
N THR C 257 6.55 26.13 0.66
CA THR C 257 7.84 25.66 1.13
C THR C 257 8.97 26.38 0.37
N TYR C 258 10.22 26.27 0.88
CA TYR C 258 11.39 26.87 0.27
C TYR C 258 11.63 26.27 -1.11
N THR C 259 11.65 24.93 -1.20
CA THR C 259 11.82 24.19 -2.46
C THR C 259 10.64 24.38 -3.37
N GLY C 260 9.45 24.60 -2.82
CA GLY C 260 8.23 24.87 -3.58
C GLY C 260 8.34 26.14 -4.39
N ALA C 261 8.91 27.18 -3.74
CA ALA C 261 9.17 28.51 -4.30
C ALA C 261 10.22 28.42 -5.42
N ILE C 262 11.36 27.76 -5.16
CA ILE C 262 12.44 27.57 -6.13
C ILE C 262 11.88 26.96 -7.42
N ILE C 263 11.13 25.85 -7.28
CA ILE C 263 10.51 25.14 -8.40
C ILE C 263 9.54 26.07 -9.15
N PHE C 264 8.69 26.84 -8.40
CA PHE C 264 7.80 27.80 -9.03
C PHE C 264 8.59 28.80 -9.85
N MET C 265 9.68 29.34 -9.27
CA MET C 265 10.57 30.30 -9.90
C MET C 265 11.21 29.72 -11.19
N ILE C 266 11.60 28.41 -11.15
CA ILE C 266 12.14 27.68 -12.31
C ILE C 266 11.12 27.64 -13.45
N TYR C 267 9.83 27.36 -13.12
CA TYR C 267 8.74 27.35 -14.11
C TYR C 267 8.59 28.72 -14.72
N LEU C 268 8.72 29.77 -13.89
CA LEU C 268 8.64 31.14 -14.36
C LEU C 268 9.82 31.50 -15.29
N PHE C 269 11.02 30.92 -14.98
CA PHE C 269 12.23 31.13 -15.79
C PHE C 269 12.13 30.47 -17.16
N TYR C 270 11.42 29.31 -17.25
CA TYR C 270 11.22 28.62 -18.52
C TYR C 270 10.27 29.46 -19.35
N PHE C 271 9.30 30.10 -18.68
CA PHE C 271 8.31 30.94 -19.32
C PHE C 271 8.91 32.16 -19.93
N VAL C 272 9.69 32.90 -19.14
CA VAL C 272 10.39 34.12 -19.55
C VAL C 272 11.40 33.82 -20.69
N ALA C 273 12.12 32.67 -20.60
CA ALA C 273 13.06 32.22 -21.63
C ALA C 273 12.36 32.07 -22.98
N VAL C 274 11.13 31.50 -22.99
CA VAL C 274 10.30 31.35 -24.20
C VAL C 274 9.96 32.74 -24.73
N ILE C 275 9.58 33.69 -23.81
CA ILE C 275 9.28 35.08 -24.21
C ILE C 275 10.47 35.66 -24.97
N GLU C 276 11.69 35.58 -24.37
CA GLU C 276 12.92 36.06 -25.02
C GLU C 276 13.07 35.48 -26.43
N VAL C 277 13.02 34.13 -26.55
CA VAL C 277 13.17 33.39 -27.81
C VAL C 277 12.18 33.89 -28.83
N THR C 278 10.90 34.04 -28.39
CA THR C 278 9.82 34.54 -29.24
C THR C 278 10.14 35.97 -29.76
N VAL C 279 10.48 36.89 -28.81
CA VAL C 279 10.84 38.29 -29.09
C VAL C 279 12.00 38.39 -30.08
N GLN C 280 13.15 37.75 -29.75
CA GLN C 280 14.35 37.68 -30.58
C GLN C 280 14.00 37.34 -32.03
N HIS C 281 13.17 36.30 -32.24
CA HIS C 281 12.70 35.89 -33.56
C HIS C 281 11.82 36.94 -34.21
N TYR C 282 10.81 37.46 -33.47
CA TYR C 282 9.89 38.48 -34.01
C TYR C 282 10.60 39.72 -34.48
N LEU C 283 11.60 40.19 -33.72
CA LEU C 283 12.43 41.35 -34.07
C LEU C 283 13.26 41.05 -35.31
N LYS C 284 13.79 39.81 -35.43
CA LYS C 284 14.57 39.40 -36.59
C LYS C 284 13.68 39.36 -37.81
N VAL C 285 12.47 38.77 -37.69
CA VAL C 285 11.53 38.72 -38.81
C VAL C 285 11.08 40.14 -39.23
N GLU C 286 10.87 41.06 -38.23
CA GLU C 286 10.50 42.46 -38.46
C GLU C 286 11.72 43.35 -38.86
N SER C 287 12.81 42.69 -39.33
CA SER C 287 14.07 43.31 -39.75
C SER C 287 14.52 44.41 -38.78
N GLN C 288 14.82 43.99 -37.55
CA GLN C 288 15.31 44.82 -36.45
C GLN C 288 16.36 43.96 -35.72
N PRO C 289 17.43 43.51 -36.42
CA PRO C 289 18.39 42.62 -35.78
C PRO C 289 19.32 43.31 -34.78
N ALA C 290 19.12 44.62 -34.58
CA ALA C 290 19.87 45.41 -33.62
C ALA C 290 19.30 45.14 -32.21
N ARG C 291 17.95 45.22 -32.08
CA ARG C 291 17.22 44.98 -30.84
C ARG C 291 17.22 43.49 -30.53
N ALA C 292 17.06 42.64 -31.56
CA ALA C 292 17.09 41.19 -31.42
C ALA C 292 18.42 40.74 -30.81
N ALA C 293 19.55 41.26 -31.32
CA ALA C 293 20.89 40.94 -30.80
C ALA C 293 21.18 41.49 -29.44
N SER C 294 20.70 42.70 -29.13
CA SER C 294 20.95 43.32 -27.83
C SER C 294 20.24 42.58 -26.68
N ILE C 295 18.95 42.19 -26.90
CA ILE C 295 18.13 41.46 -25.94
C ILE C 295 18.82 40.16 -25.60
N THR C 296 19.12 39.33 -26.63
CA THR C 296 19.81 38.04 -26.49
C THR C 296 21.11 38.21 -25.71
N ARG C 297 21.92 39.24 -26.07
CA ARG C 297 23.18 39.54 -25.39
C ARG C 297 22.99 39.86 -23.90
N ALA C 298 21.91 40.60 -23.55
CA ALA C 298 21.58 40.96 -22.16
C ALA C 298 21.20 39.69 -21.37
N SER C 299 20.25 38.92 -21.92
CA SER C 299 19.74 37.66 -21.40
C SER C 299 20.85 36.70 -20.95
N ARG C 300 22.01 36.71 -21.65
CA ARG C 300 23.17 35.87 -21.34
C ARG C 300 23.68 36.13 -19.92
N ILE C 301 23.52 37.37 -19.42
CA ILE C 301 23.91 37.80 -18.08
C ILE C 301 22.66 37.99 -17.18
N ALA C 302 21.57 38.53 -17.77
CA ALA C 302 20.29 38.79 -17.10
C ALA C 302 19.72 37.55 -16.42
N PHE C 303 19.64 36.44 -17.15
CA PHE C 303 19.11 35.19 -16.63
C PHE C 303 19.94 34.64 -15.47
N PRO C 304 21.27 34.40 -15.60
CA PRO C 304 22.03 33.90 -14.44
C PRO C 304 21.99 34.81 -13.21
N VAL C 305 22.16 36.14 -13.43
CA VAL C 305 22.17 37.14 -12.36
C VAL C 305 20.83 37.18 -11.62
N VAL C 306 19.72 37.40 -12.34
CA VAL C 306 18.40 37.45 -11.72
C VAL C 306 18.12 36.14 -10.96
N PHE C 307 18.44 34.97 -11.55
CA PHE C 307 18.28 33.67 -10.92
C PHE C 307 19.05 33.62 -9.59
N LEU C 308 20.38 33.93 -9.63
CA LEU C 308 21.25 33.97 -8.45
C LEU C 308 20.73 34.89 -7.33
N LEU C 309 20.33 36.14 -7.68
CA LEU C 309 19.77 37.11 -6.73
C LEU C 309 18.45 36.62 -6.15
N ALA C 310 17.49 36.19 -7.01
CA ALA C 310 16.18 35.68 -6.62
C ALA C 310 16.28 34.49 -5.67
N ASN C 311 17.32 33.65 -5.85
CA ASN C 311 17.59 32.54 -4.95
C ASN C 311 18.10 33.03 -3.60
N ILE C 312 19.01 34.05 -3.60
CA ILE C 312 19.55 34.70 -2.41
C ILE C 312 18.39 35.31 -1.60
N ILE C 313 17.47 36.01 -2.29
CA ILE C 313 16.29 36.60 -1.67
C ILE C 313 15.44 35.51 -0.97
N LEU C 314 15.10 34.42 -1.70
CA LEU C 314 14.31 33.30 -1.16
C LEU C 314 14.96 32.62 0.04
N ALA C 315 16.27 32.26 -0.10
CA ALA C 315 17.04 31.62 0.96
C ALA C 315 17.00 32.47 2.22
N PHE C 316 17.16 33.80 2.04
CA PHE C 316 17.10 34.77 3.13
C PHE C 316 15.69 34.76 3.78
N LEU C 317 14.62 34.81 2.95
CA LEU C 317 13.22 34.80 3.39
C LEU C 317 12.85 33.56 4.20
N PHE C 318 13.31 32.37 3.80
CA PHE C 318 12.98 31.13 4.51
C PHE C 318 13.91 30.82 5.69
N PHE C 319 15.17 31.28 5.64
CA PHE C 319 16.14 30.98 6.69
C PHE C 319 16.77 32.26 7.29
N VAL D 9 5.43 -19.80 39.52
CA VAL D 9 5.52 -18.49 38.88
C VAL D 9 6.28 -17.51 39.78
N SER D 10 7.60 -17.75 39.86
CA SER D 10 8.66 -17.00 40.57
C SER D 10 9.98 -17.55 40.01
N PRO D 11 11.08 -16.76 39.83
CA PRO D 11 12.31 -17.32 39.26
C PRO D 11 12.94 -18.45 40.06
N PRO D 12 13.67 -19.43 39.43
CA PRO D 12 14.31 -20.49 40.23
C PRO D 12 15.37 -19.95 41.18
N PRO D 13 15.57 -20.59 42.36
CA PRO D 13 16.54 -20.05 43.31
C PRO D 13 17.99 -20.47 43.04
N PRO D 14 18.97 -19.57 43.31
CA PRO D 14 20.36 -19.94 43.05
C PRO D 14 20.97 -20.83 44.13
N ILE D 15 21.74 -21.86 43.71
CA ILE D 15 22.42 -22.78 44.64
C ILE D 15 23.42 -22.01 45.48
N ALA D 16 24.19 -21.15 44.83
CA ALA D 16 25.11 -20.16 45.34
C ALA D 16 24.58 -18.93 44.66
N ASP D 17 25.38 -17.88 44.62
CA ASP D 17 25.17 -16.54 44.10
C ASP D 17 25.09 -16.38 42.54
N GLU D 18 25.25 -17.50 41.79
CA GLU D 18 25.30 -17.57 40.34
C GLU D 18 24.06 -16.96 39.59
N PRO D 19 24.24 -16.41 38.34
CA PRO D 19 23.08 -15.93 37.60
C PRO D 19 22.44 -17.07 36.80
N LEU D 20 21.17 -16.91 36.39
CA LEU D 20 20.47 -17.95 35.63
C LEU D 20 20.87 -17.87 34.17
N THR D 21 21.54 -18.92 33.66
CA THR D 21 21.97 -18.96 32.26
C THR D 21 20.88 -19.63 31.42
N VAL D 22 20.29 -18.86 30.49
CA VAL D 22 19.29 -19.34 29.55
C VAL D 22 19.99 -19.58 28.22
N ASN D 23 19.98 -20.83 27.77
CA ASN D 23 20.57 -21.25 26.52
C ASN D 23 19.56 -21.05 25.40
N THR D 24 19.94 -20.22 24.44
CA THR D 24 19.12 -19.81 23.31
C THR D 24 19.58 -20.45 22.01
N GLY D 25 18.73 -20.36 21.01
CA GLY D 25 18.97 -20.88 19.67
C GLY D 25 17.82 -20.54 18.75
N ILE D 26 18.15 -19.95 17.60
CA ILE D 26 17.15 -19.60 16.60
C ILE D 26 17.40 -20.46 15.37
N TYR D 27 16.34 -21.11 14.87
CA TYR D 27 16.44 -21.92 13.65
C TYR D 27 15.49 -21.35 12.59
N LEU D 28 16.03 -20.65 11.55
CA LEU D 28 15.21 -20.06 10.48
C LEU D 28 14.53 -21.12 9.68
N ILE D 29 13.20 -21.04 9.62
CA ILE D 29 12.37 -21.94 8.83
C ILE D 29 12.14 -21.28 7.47
N GLU D 30 11.73 -19.99 7.50
CA GLU D 30 11.46 -19.16 6.32
C GLU D 30 11.92 -17.74 6.57
N SER D 31 12.52 -17.14 5.54
CA SER D 31 12.94 -15.75 5.51
C SER D 31 12.21 -15.22 4.30
N TYR D 32 11.63 -14.05 4.42
CA TYR D 32 10.86 -13.45 3.34
C TYR D 32 10.75 -11.95 3.51
N SER D 33 9.98 -11.30 2.61
CA SER D 33 9.68 -9.87 2.56
C SER D 33 10.82 -8.97 3.05
N LEU D 34 11.98 -9.03 2.36
CA LEU D 34 13.09 -8.14 2.67
C LEU D 34 12.80 -6.85 1.92
N ASP D 35 12.49 -5.79 2.64
CA ASP D 35 12.14 -4.50 2.07
C ASP D 35 13.35 -3.58 2.20
N ASP D 36 14.06 -3.37 1.08
CA ASP D 36 15.26 -2.55 1.03
C ASP D 36 14.98 -1.13 1.48
N CYS D 37 13.80 -0.57 1.10
CA CYS D 37 13.34 0.78 1.43
C CYS D 37 13.08 0.93 2.90
N ALA D 38 12.27 0.01 3.48
CA ALA D 38 11.88 0.00 4.90
C ALA D 38 12.95 -0.47 5.87
N GLU D 39 13.95 -1.23 5.36
CA GLU D 39 15.08 -1.84 6.07
C GLU D 39 14.59 -2.91 7.04
N THR D 40 13.56 -3.64 6.59
CA THR D 40 12.91 -4.69 7.35
C THR D 40 12.92 -6.00 6.60
N PHE D 41 12.78 -7.09 7.32
CA PHE D 41 12.67 -8.41 6.72
C PHE D 41 11.84 -9.28 7.67
N LYS D 42 11.07 -10.19 7.10
CA LYS D 42 10.22 -11.05 7.89
C LYS D 42 10.86 -12.42 8.00
N VAL D 43 10.61 -13.09 9.14
CA VAL D 43 11.19 -14.39 9.47
C VAL D 43 10.16 -15.27 10.17
N ASN D 44 10.22 -16.57 9.88
CA ASN D 44 9.42 -17.65 10.49
CA ASN D 44 9.43 -17.61 10.51
C ASN D 44 10.52 -18.52 11.07
N ALA D 45 10.59 -18.64 12.41
CA ALA D 45 11.68 -19.42 13.01
C ALA D 45 11.29 -20.08 14.31
N PHE D 46 12.15 -20.99 14.80
CA PHE D 46 11.99 -21.68 16.07
C PHE D 46 12.91 -20.94 17.02
N LEU D 47 12.44 -20.69 18.25
CA LEU D 47 13.25 -20.09 19.31
C LEU D 47 13.28 -21.13 20.39
N SER D 48 14.47 -21.67 20.66
CA SER D 48 14.60 -22.71 21.68
C SER D 48 15.28 -22.13 22.90
N LEU D 49 14.64 -22.27 24.06
CA LEU D 49 15.18 -21.78 25.32
C LEU D 49 15.41 -22.96 26.28
N SER D 50 16.52 -22.94 27.04
CA SER D 50 16.83 -23.97 28.05
C SER D 50 17.46 -23.38 29.31
N TRP D 51 16.91 -23.73 30.49
CA TRP D 51 17.39 -23.25 31.80
C TRP D 51 17.18 -24.30 32.89
N LYS D 52 17.90 -24.19 34.04
CA LYS D 52 17.79 -25.14 35.16
C LYS D 52 16.95 -24.60 36.31
N ASP D 53 15.77 -25.24 36.51
CA ASP D 53 14.80 -24.93 37.57
C ASP D 53 14.68 -26.16 38.45
N ARG D 54 15.39 -26.16 39.60
CA ARG D 54 15.43 -27.26 40.57
C ARG D 54 14.08 -27.59 41.18
N ARG D 55 13.21 -26.58 41.38
CA ARG D 55 11.85 -26.74 41.93
C ARG D 55 11.03 -27.78 41.14
N LEU D 56 11.54 -28.12 39.93
CA LEU D 56 10.93 -29.02 38.97
C LEU D 56 11.67 -30.34 38.77
N ALA D 57 12.77 -30.54 39.52
CA ALA D 57 13.53 -31.80 39.48
C ALA D 57 12.65 -32.96 39.97
N PHE D 58 12.93 -34.19 39.49
CA PHE D 58 12.17 -35.39 39.86
C PHE D 58 13.01 -36.68 39.72
N ASP D 59 12.64 -37.74 40.47
CA ASP D 59 13.30 -39.05 40.37
C ASP D 59 12.55 -39.84 39.30
N PRO D 60 13.25 -40.26 38.22
CA PRO D 60 12.57 -41.00 37.14
C PRO D 60 11.94 -42.33 37.56
N VAL D 61 12.45 -42.92 38.66
CA VAL D 61 11.98 -44.19 39.23
C VAL D 61 10.62 -44.00 39.92
N ARG D 62 10.55 -43.06 40.88
CA ARG D 62 9.33 -42.75 41.66
C ARG D 62 8.28 -41.95 40.87
N SER D 63 8.61 -41.58 39.61
CA SER D 63 7.74 -40.84 38.72
C SER D 63 7.34 -41.68 37.50
N GLY D 64 8.20 -42.61 37.11
CA GLY D 64 7.97 -43.52 36.00
C GLY D 64 8.47 -42.96 34.68
N VAL D 65 8.16 -41.67 34.43
CA VAL D 65 8.53 -40.92 33.24
C VAL D 65 9.98 -40.45 33.29
N ARG D 66 10.63 -40.46 32.12
CA ARG D 66 12.01 -40.01 31.96
C ARG D 66 12.04 -38.50 31.65
N VAL D 67 10.88 -37.94 31.19
CA VAL D 67 10.65 -36.54 30.84
C VAL D 67 9.19 -36.16 31.16
N LYS D 68 8.99 -34.96 31.74
CA LYS D 68 7.68 -34.41 32.06
C LYS D 68 7.39 -33.20 31.15
N THR D 69 6.18 -33.13 30.59
CA THR D 69 5.73 -32.05 29.71
C THR D 69 4.84 -31.10 30.51
N TYR D 70 5.08 -29.78 30.39
CA TYR D 70 4.29 -28.76 31.07
C TYR D 70 3.63 -27.78 30.11
N GLU D 71 2.63 -27.04 30.64
CA GLU D 71 1.94 -25.97 29.91
C GLU D 71 2.60 -24.65 30.33
N PRO D 72 2.77 -23.68 29.39
CA PRO D 72 3.44 -22.40 29.74
C PRO D 72 3.03 -21.74 31.06
N GLU D 73 1.73 -21.82 31.38
CA GLU D 73 1.10 -21.27 32.58
C GLU D 73 1.64 -21.92 33.84
N ALA D 74 1.77 -23.26 33.81
CA ALA D 74 2.20 -24.12 34.92
C ALA D 74 3.58 -23.83 35.47
N ILE D 75 4.53 -23.39 34.63
CA ILE D 75 5.88 -23.13 35.13
C ILE D 75 6.42 -21.73 34.82
N TRP D 76 7.54 -21.39 35.51
CA TRP D 76 8.26 -20.15 35.33
C TRP D 76 9.07 -20.23 34.04
N ILE D 77 8.78 -19.31 33.08
CA ILE D 77 9.49 -19.20 31.81
C ILE D 77 10.09 -17.78 31.75
N PRO D 78 11.40 -17.62 31.37
CA PRO D 78 11.99 -16.27 31.32
C PRO D 78 11.37 -15.42 30.24
N GLU D 79 11.17 -14.13 30.50
CA GLU D 79 10.61 -13.20 29.52
C GLU D 79 11.70 -12.79 28.50
N ILE D 80 11.87 -13.58 27.43
CA ILE D 80 12.81 -13.31 26.34
C ILE D 80 12.06 -12.50 25.32
N ARG D 81 12.65 -11.38 24.89
CA ARG D 81 12.06 -10.46 23.92
C ARG D 81 13.08 -10.15 22.81
N PHE D 82 12.60 -9.64 21.66
CA PHE D 82 13.47 -9.22 20.56
C PHE D 82 13.63 -7.73 20.65
N VAL D 83 14.84 -7.23 20.37
CA VAL D 83 15.10 -5.79 20.50
C VAL D 83 14.58 -5.02 19.28
N ASN D 84 14.94 -5.50 18.08
CA ASN D 84 14.61 -4.83 16.82
C ASN D 84 13.41 -5.42 16.05
N VAL D 85 12.26 -5.60 16.73
CA VAL D 85 11.09 -6.09 15.99
C VAL D 85 10.08 -4.95 15.86
N GLU D 86 9.27 -4.89 14.77
CA GLU D 86 8.26 -3.81 14.61
C GLU D 86 7.14 -4.03 15.67
N ASN D 87 6.25 -5.00 15.44
CA ASN D 87 5.26 -5.34 16.44
C ASN D 87 5.83 -6.49 17.24
N ALA D 88 5.31 -6.75 18.45
CA ALA D 88 5.73 -7.86 19.31
C ALA D 88 5.56 -9.19 18.53
N ARG D 89 6.57 -10.10 18.59
CA ARG D 89 6.55 -11.38 17.84
C ARG D 89 5.27 -12.23 18.05
N ASP D 90 4.83 -12.94 16.99
CA ASP D 90 3.66 -13.82 17.03
C ASP D 90 4.22 -15.19 17.38
N ALA D 91 4.15 -15.56 18.67
CA ALA D 91 4.71 -16.81 19.17
C ALA D 91 3.66 -17.86 19.46
N ASP D 92 4.04 -19.14 19.24
CA ASP D 92 3.21 -20.32 19.50
CA ASP D 92 3.21 -20.32 19.50
C ASP D 92 4.13 -21.35 20.13
N VAL D 93 3.85 -21.74 21.40
CA VAL D 93 4.67 -22.73 22.11
C VAL D 93 4.45 -24.10 21.50
N VAL D 94 5.56 -24.70 21.04
CA VAL D 94 5.60 -26.00 20.38
C VAL D 94 5.71 -27.08 21.43
N ASP D 95 6.66 -26.92 22.37
CA ASP D 95 6.94 -27.90 23.40
C ASP D 95 7.72 -27.32 24.59
N ILE D 96 7.38 -27.81 25.80
CA ILE D 96 8.04 -27.55 27.08
C ILE D 96 8.29 -28.92 27.70
N SER D 97 9.56 -29.25 28.01
CA SER D 97 9.97 -30.55 28.55
C SER D 97 11.01 -30.45 29.66
N VAL D 98 10.70 -31.07 30.81
CA VAL D 98 11.59 -31.10 31.99
C VAL D 98 12.26 -32.45 32.13
N SER D 99 13.60 -32.42 32.24
CA SER D 99 14.45 -33.59 32.43
C SER D 99 14.58 -33.84 33.96
N PRO D 100 14.91 -35.07 34.43
CA PRO D 100 14.95 -35.32 35.89
C PRO D 100 15.67 -34.30 36.77
N ASP D 101 16.78 -33.71 36.28
CA ASP D 101 17.56 -32.74 37.05
C ASP D 101 16.90 -31.35 37.21
N GLY D 102 15.95 -31.05 36.33
CA GLY D 102 15.22 -29.79 36.33
C GLY D 102 15.60 -28.88 35.17
N THR D 103 16.17 -29.45 34.10
CA THR D 103 16.55 -28.71 32.90
C THR D 103 15.31 -28.56 31.99
N VAL D 104 14.79 -27.33 31.89
CA VAL D 104 13.64 -27.02 31.05
C VAL D 104 14.11 -26.91 29.60
N GLN D 105 13.30 -27.45 28.69
CA GLN D 105 13.55 -27.40 27.26
C GLN D 105 12.30 -26.86 26.59
N TYR D 106 12.33 -25.54 26.35
CA TYR D 106 11.28 -24.74 25.74
C TYR D 106 11.59 -24.61 24.26
N LEU D 107 10.55 -24.62 23.43
CA LEU D 107 10.63 -24.42 21.99
C LEU D 107 9.34 -23.79 21.52
N GLU D 108 9.46 -22.70 20.78
CA GLU D 108 8.32 -21.98 20.24
C GLU D 108 8.57 -21.64 18.80
N ARG D 109 7.49 -21.52 18.04
CA ARG D 109 7.61 -21.09 16.67
C ARG D 109 7.07 -19.65 16.58
N PHE D 110 7.90 -18.74 16.04
CA PHE D 110 7.54 -17.32 15.93
C PHE D 110 7.74 -16.78 14.53
N SER D 111 7.08 -15.66 14.27
CA SER D 111 7.24 -14.91 13.03
C SER D 111 7.42 -13.46 13.48
N ALA D 112 8.42 -12.76 12.89
CA ALA D 112 8.70 -11.37 13.25
C ALA D 112 9.22 -10.53 12.11
N ARG D 113 8.78 -9.25 12.05
CA ARG D 113 9.28 -8.29 11.06
C ARG D 113 10.43 -7.56 11.77
N VAL D 114 11.65 -7.93 11.42
CA VAL D 114 12.90 -7.48 12.02
C VAL D 114 13.43 -6.24 11.32
N LEU D 115 13.75 -5.21 12.08
CA LEU D 115 14.32 -3.97 11.56
C LEU D 115 15.85 -4.03 11.58
N SER D 116 16.48 -4.12 10.43
CA SER D 116 17.93 -4.11 10.39
C SER D 116 18.39 -3.15 9.30
N PRO D 117 19.25 -2.16 9.62
CA PRO D 117 19.67 -1.19 8.61
C PRO D 117 20.48 -1.80 7.47
N LEU D 118 20.43 -1.15 6.29
CA LEU D 118 21.14 -1.62 5.10
C LEU D 118 22.08 -0.55 4.53
N ASP D 119 23.27 -0.99 4.05
CA ASP D 119 24.30 -0.14 3.45
C ASP D 119 24.35 -0.31 1.93
N PHE D 120 23.78 0.66 1.21
CA PHE D 120 23.68 0.64 -0.25
C PHE D 120 24.83 1.28 -0.99
N ARG D 121 25.86 1.72 -0.27
CA ARG D 121 27.03 2.35 -0.86
C ARG D 121 27.63 1.56 -2.04
N ARG D 122 27.70 0.21 -1.91
CA ARG D 122 28.25 -0.65 -2.96
C ARG D 122 27.18 -1.37 -3.82
N TYR D 123 25.91 -0.93 -3.77
CA TYR D 123 24.81 -1.49 -4.57
C TYR D 123 25.14 -1.34 -6.08
N PRO D 124 24.86 -2.36 -6.94
CA PRO D 124 24.22 -3.66 -6.69
C PRO D 124 25.17 -4.81 -6.40
N PHE D 125 26.39 -4.47 -5.98
CA PHE D 125 27.43 -5.45 -5.66
C PHE D 125 27.62 -5.48 -4.13
N ASP D 126 26.53 -5.19 -3.39
CA ASP D 126 26.54 -5.11 -1.93
C ASP D 126 26.25 -6.41 -1.21
N SER D 127 26.76 -6.51 0.02
CA SER D 127 26.55 -7.59 0.98
C SER D 127 26.06 -6.92 2.25
N GLN D 128 25.15 -7.62 2.94
CA GLN D 128 24.47 -7.13 4.15
C GLN D 128 24.55 -8.16 5.26
N THR D 129 24.55 -7.66 6.50
CA THR D 129 24.51 -8.49 7.71
C THR D 129 23.23 -8.13 8.47
N LEU D 130 22.21 -8.97 8.35
CA LEU D 130 20.92 -8.77 9.02
C LEU D 130 21.01 -9.21 10.49
N HIS D 131 20.43 -8.43 11.42
CA HIS D 131 20.53 -8.73 12.84
C HIS D 131 19.24 -9.10 13.52
N ILE D 132 19.32 -10.02 14.46
CA ILE D 132 18.19 -10.44 15.27
C ILE D 132 18.73 -10.41 16.68
N TYR D 133 18.34 -9.39 17.46
CA TYR D 133 18.78 -9.21 18.83
C TYR D 133 17.79 -9.78 19.85
N LEU D 134 18.29 -10.72 20.69
CA LEU D 134 17.54 -11.37 21.77
C LEU D 134 17.90 -10.67 23.08
N ILE D 135 16.92 -10.36 23.92
CA ILE D 135 17.21 -9.69 25.18
C ILE D 135 16.40 -10.27 26.33
N VAL D 136 16.95 -10.20 27.55
CA VAL D 136 16.29 -10.65 28.78
C VAL D 136 16.57 -9.66 29.88
N ARG D 137 15.51 -9.27 30.60
CA ARG D 137 15.69 -8.35 31.70
C ARG D 137 15.79 -9.13 33.00
N SER D 138 16.88 -8.87 33.76
CA SER D 138 17.17 -9.49 35.05
C SER D 138 16.15 -9.06 36.11
N VAL D 139 15.60 -10.05 36.83
CA VAL D 139 14.59 -9.84 37.87
C VAL D 139 15.19 -9.43 39.22
N ASP D 140 14.28 -9.13 40.15
CA ASP D 140 14.48 -8.69 41.53
C ASP D 140 15.31 -9.71 42.30
N THR D 141 14.82 -10.97 42.34
CA THR D 141 15.43 -12.08 43.06
C THR D 141 16.82 -12.46 42.50
N ARG D 142 16.95 -12.70 41.17
CA ARG D 142 18.26 -13.02 40.60
C ARG D 142 18.46 -12.47 39.17
N ASN D 143 19.73 -12.44 38.72
CA ASN D 143 20.11 -11.98 37.40
C ASN D 143 20.00 -13.07 36.36
N ILE D 144 19.55 -12.70 35.14
CA ILE D 144 19.40 -13.61 34.00
C ILE D 144 20.39 -13.24 32.87
N VAL D 145 21.22 -14.23 32.47
CA VAL D 145 22.23 -14.12 31.42
C VAL D 145 21.88 -15.10 30.27
N LEU D 146 21.98 -14.62 29.02
CA LEU D 146 21.72 -15.42 27.82
C LEU D 146 23.00 -16.10 27.34
N ALA D 147 22.87 -17.28 26.76
CA ALA D 147 23.97 -18.08 26.23
C ALA D 147 23.53 -18.71 24.93
N VAL D 148 24.46 -19.09 24.05
CA VAL D 148 24.08 -19.71 22.77
C VAL D 148 24.31 -21.23 22.77
N ASP D 149 23.30 -22.00 22.35
CA ASP D 149 23.43 -23.43 22.17
C ASP D 149 23.63 -23.58 20.68
N LEU D 150 24.89 -23.77 20.23
CA LEU D 150 25.25 -23.83 18.81
C LEU D 150 24.56 -24.98 18.04
N GLU D 151 24.14 -26.03 18.76
CA GLU D 151 23.42 -27.17 18.18
C GLU D 151 21.98 -26.78 17.81
N LYS D 152 21.48 -25.67 18.43
CA LYS D 152 20.12 -25.17 18.26
C LYS D 152 20.00 -23.90 17.34
N VAL D 153 21.11 -23.51 16.68
CA VAL D 153 21.21 -22.41 15.72
C VAL D 153 21.44 -22.99 14.33
N GLY D 154 20.69 -22.49 13.35
CA GLY D 154 20.78 -22.90 11.96
C GLY D 154 19.66 -22.32 11.11
N LYS D 155 19.51 -22.89 9.93
CA LYS D 155 18.50 -22.51 8.95
C LYS D 155 18.19 -23.69 8.04
N ASN D 156 16.94 -23.79 7.58
CA ASN D 156 16.50 -24.81 6.64
C ASN D 156 17.24 -24.53 5.31
N ASP D 157 17.61 -25.57 4.54
CA ASP D 157 18.34 -25.40 3.27
C ASP D 157 17.53 -24.63 2.23
N ASP D 158 16.19 -24.84 2.23
CA ASP D 158 15.19 -24.16 1.40
C ASP D 158 15.07 -22.64 1.68
N VAL D 159 15.68 -22.13 2.79
CA VAL D 159 15.62 -20.70 3.19
C VAL D 159 16.23 -19.84 2.09
N PHE D 160 15.39 -18.96 1.51
CA PHE D 160 15.74 -18.12 0.39
C PHE D 160 15.22 -16.69 0.51
N LEU D 161 15.93 -15.80 -0.16
CA LEU D 161 15.54 -14.42 -0.38
C LEU D 161 15.79 -14.25 -1.86
N THR D 162 14.71 -13.99 -2.64
CA THR D 162 14.83 -13.80 -4.08
C THR D 162 15.79 -12.66 -4.35
N GLY D 163 16.75 -12.92 -5.22
CA GLY D 163 17.78 -11.96 -5.60
C GLY D 163 18.88 -11.71 -4.60
N TRP D 164 19.10 -12.68 -3.67
CA TRP D 164 20.13 -12.62 -2.65
C TRP D 164 20.67 -14.01 -2.44
N ASP D 165 22.00 -14.15 -2.20
CA ASP D 165 22.56 -15.47 -1.90
C ASP D 165 22.77 -15.48 -0.41
N ILE D 166 22.10 -16.43 0.30
CA ILE D 166 22.13 -16.54 1.77
C ILE D 166 23.37 -17.31 2.18
N GLU D 167 24.38 -16.58 2.65
CA GLU D 167 25.67 -17.12 3.03
C GLU D 167 25.62 -17.92 4.34
N SER D 168 25.30 -17.25 5.47
CA SER D 168 25.28 -17.89 6.79
C SER D 168 24.26 -17.30 7.78
N PHE D 169 23.90 -18.13 8.80
CA PHE D 169 23.07 -17.73 9.95
C PHE D 169 23.77 -18.26 11.18
N THR D 170 24.44 -17.34 11.87
CA THR D 170 25.29 -17.60 13.03
C THR D 170 25.00 -16.64 14.16
N ALA D 171 25.43 -16.97 15.38
CA ALA D 171 25.22 -16.11 16.53
C ALA D 171 26.52 -15.78 17.24
N VAL D 172 26.62 -14.51 17.71
CA VAL D 172 27.74 -13.98 18.48
C VAL D 172 27.53 -14.51 19.89
N VAL D 173 28.19 -15.65 20.18
CA VAL D 173 28.12 -16.47 21.40
C VAL D 173 28.30 -15.70 22.73
N LYS D 174 29.10 -14.62 22.74
CA LYS D 174 29.29 -13.80 23.95
C LYS D 174 28.20 -12.71 24.03
N PRO D 175 27.28 -12.80 25.02
CA PRO D 175 26.23 -11.76 25.13
C PRO D 175 26.74 -10.41 25.60
N ALA D 176 26.02 -9.37 25.23
CA ALA D 176 26.36 -8.00 25.57
C ALA D 176 25.58 -7.60 26.79
N ASN D 177 26.11 -7.93 27.98
CA ASN D 177 25.48 -7.61 29.26
C ASN D 177 25.71 -6.13 29.58
N PHE D 178 24.64 -5.44 30.04
CA PHE D 178 24.62 -3.99 30.34
C PHE D 178 23.45 -3.61 31.25
N ALA D 179 23.53 -2.43 31.88
CA ALA D 179 22.52 -1.92 32.80
C ALA D 179 21.59 -0.95 32.13
N LEU D 180 20.29 -1.24 32.23
CA LEU D 180 19.24 -0.39 31.68
C LEU D 180 18.15 -0.21 32.73
N GLU D 181 17.89 1.08 33.09
CA GLU D 181 16.91 1.53 34.10
C GLU D 181 17.05 0.76 35.44
N ASP D 182 18.28 0.77 35.96
CA ASP D 182 18.73 0.14 37.19
C ASP D 182 18.53 -1.41 37.21
N ARG D 183 18.54 -2.08 36.04
CA ARG D 183 18.45 -3.55 35.97
C ARG D 183 19.37 -4.11 34.90
N LEU D 184 19.88 -5.33 35.09
CA LEU D 184 20.79 -5.96 34.13
C LEU D 184 20.07 -6.60 32.96
N GLU D 185 20.65 -6.43 31.77
CA GLU D 185 20.06 -6.96 30.54
C GLU D 185 21.12 -7.74 29.76
N SER D 186 20.78 -8.96 29.36
CA SER D 186 21.68 -9.79 28.56
C SER D 186 21.15 -9.75 27.11
N LYS D 187 21.96 -9.21 26.18
CA LYS D 187 21.60 -9.08 24.77
C LYS D 187 22.42 -10.00 23.85
N LEU D 188 21.76 -10.82 23.03
CA LEU D 188 22.42 -11.72 22.08
C LEU D 188 22.27 -11.29 20.60
N ASP D 189 23.35 -11.44 19.77
CA ASP D 189 23.32 -11.05 18.36
C ASP D 189 23.34 -12.23 17.37
N TYR D 190 22.23 -12.40 16.64
CA TYR D 190 22.08 -13.43 15.60
C TYR D 190 22.23 -12.69 14.28
N GLN D 191 23.13 -13.20 13.41
CA GLN D 191 23.48 -12.57 12.14
C GLN D 191 23.19 -13.40 10.91
N LEU D 192 22.43 -12.78 9.97
CA LEU D 192 22.08 -13.37 8.70
C LEU D 192 22.86 -12.65 7.60
N ARG D 193 23.92 -13.31 7.10
CA ARG D 193 24.76 -12.77 6.04
C ARG D 193 24.25 -13.15 4.66
N ILE D 194 23.93 -12.10 3.88
CA ILE D 194 23.38 -12.16 2.52
C ILE D 194 24.15 -11.23 1.59
N SER D 195 24.46 -11.68 0.38
CA SER D 195 25.15 -10.88 -0.63
C SER D 195 24.23 -10.76 -1.82
N ARG D 196 24.27 -9.63 -2.53
CA ARG D 196 23.38 -9.47 -3.68
C ARG D 196 23.72 -10.45 -4.79
N GLN D 197 22.64 -11.01 -5.36
CA GLN D 197 22.64 -11.96 -6.45
C GLN D 197 22.02 -11.22 -7.62
N TYR D 198 22.51 -9.99 -7.95
N TYR D 198 22.82 -10.23 -7.99
CA TYR D 198 21.91 -9.23 -9.07
CA TYR D 198 22.75 -9.24 -9.02
C TYR D 198 22.86 -9.18 -10.31
C TYR D 198 23.34 -9.81 -10.28
N PHE D 199 22.56 -10.08 -11.29
CA PHE D 199 23.27 -10.43 -12.53
C PHE D 199 22.68 -9.63 -13.64
N SER D 200 21.37 -9.78 -13.78
CA SER D 200 20.51 -9.13 -14.74
C SER D 200 20.51 -7.59 -14.62
N TYR D 201 21.29 -7.04 -13.69
CA TYR D 201 21.42 -5.59 -13.49
C TYR D 201 22.10 -4.93 -14.70
N ILE D 202 23.10 -5.62 -15.28
CA ILE D 202 23.85 -5.16 -16.44
C ILE D 202 22.93 -5.01 -17.68
N PRO D 203 22.29 -6.08 -18.21
CA PRO D 203 21.45 -5.92 -19.41
C PRO D 203 20.16 -5.15 -19.20
N ASN D 204 19.63 -5.14 -17.97
CA ASN D 204 18.36 -4.49 -17.68
C ASN D 204 18.50 -3.01 -17.35
N ILE D 205 19.56 -2.59 -16.61
CA ILE D 205 19.79 -1.19 -16.19
C ILE D 205 21.02 -0.51 -16.84
N ILE D 206 22.26 -1.04 -16.63
CA ILE D 206 23.49 -0.40 -17.12
C ILE D 206 23.56 -0.25 -18.63
N LEU D 207 23.43 -1.37 -19.36
CA LEU D 207 23.58 -1.38 -20.80
C LEU D 207 22.58 -0.47 -21.53
N PRO D 208 21.24 -0.48 -21.25
CA PRO D 208 20.34 0.43 -21.98
C PRO D 208 20.65 1.88 -21.66
N MET D 209 20.96 2.21 -20.40
CA MET D 209 21.35 3.57 -19.96
C MET D 209 22.57 4.14 -20.73
N LEU D 210 23.57 3.26 -20.96
CA LEU D 210 24.81 3.49 -21.69
C LEU D 210 24.60 3.66 -23.18
N PHE D 211 23.65 2.90 -23.78
CA PHE D 211 23.27 3.02 -25.19
C PHE D 211 22.74 4.41 -25.42
N ILE D 212 21.84 4.88 -24.53
CA ILE D 212 21.22 6.21 -24.59
C ILE D 212 22.29 7.30 -24.50
N LEU D 213 23.27 7.12 -23.57
CA LEU D 213 24.39 8.07 -23.43
C LEU D 213 25.24 8.12 -24.72
N PHE D 214 25.52 6.95 -25.32
CA PHE D 214 26.27 6.86 -26.56
C PHE D 214 25.54 7.53 -27.70
N ILE D 215 24.19 7.35 -27.77
CA ILE D 215 23.35 7.98 -28.80
C ILE D 215 23.59 9.51 -28.82
N SER D 216 23.78 10.13 -27.63
CA SER D 216 24.08 11.57 -27.52
C SER D 216 25.44 11.89 -28.15
N TRP D 217 26.46 11.02 -27.93
CA TRP D 217 27.82 11.21 -28.44
C TRP D 217 27.92 11.15 -29.99
N THR D 218 26.85 10.73 -30.69
CA THR D 218 26.87 10.75 -32.16
C THR D 218 26.80 12.21 -32.68
N ALA D 219 26.49 13.19 -31.81
CA ALA D 219 26.46 14.61 -32.17
C ALA D 219 27.87 15.16 -32.43
N PHE D 220 28.91 14.35 -32.13
CA PHE D 220 30.31 14.70 -32.39
C PHE D 220 30.71 14.32 -33.82
N TRP D 221 29.75 13.79 -34.61
CA TRP D 221 29.94 13.38 -36.00
C TRP D 221 28.95 14.09 -36.90
N SER D 222 28.33 15.16 -36.38
CA SER D 222 27.37 15.99 -37.09
C SER D 222 27.69 17.46 -36.85
N THR D 223 27.32 18.31 -37.83
CA THR D 223 27.50 19.78 -37.79
C THR D 223 26.14 20.49 -37.75
N SER D 224 25.04 19.71 -37.90
CA SER D 224 23.68 20.22 -37.90
C SER D 224 23.29 20.53 -36.47
N TYR D 225 23.30 21.85 -36.11
CA TYR D 225 22.95 22.29 -34.76
C TYR D 225 21.54 21.85 -34.39
N GLU D 226 20.61 21.85 -35.37
CA GLU D 226 19.24 21.39 -35.15
C GLU D 226 19.18 19.88 -34.85
N ALA D 227 19.96 19.06 -35.58
CA ALA D 227 20.04 17.61 -35.34
C ALA D 227 20.80 17.31 -34.04
N ASN D 228 21.79 18.14 -33.69
CA ASN D 228 22.59 17.99 -32.47
C ASN D 228 21.83 18.38 -31.22
N VAL D 229 21.02 19.46 -31.28
CA VAL D 229 20.19 19.88 -30.15
C VAL D 229 19.24 18.73 -29.84
N THR D 230 18.58 18.21 -30.91
CA THR D 230 17.65 17.08 -30.85
C THR D 230 18.35 15.86 -30.25
N LEU D 231 19.52 15.46 -30.77
CA LEU D 231 20.32 14.37 -30.19
C LEU D 231 20.56 14.47 -28.68
N VAL D 232 21.40 15.45 -28.21
CA VAL D 232 21.69 15.57 -26.78
C VAL D 232 20.43 15.78 -25.89
N VAL D 233 19.53 16.73 -26.22
CA VAL D 233 18.36 16.99 -25.38
C VAL D 233 17.38 15.79 -25.36
N SER D 234 17.03 15.22 -26.56
CA SER D 234 16.11 14.07 -26.63
C SER D 234 16.64 12.86 -25.93
N THR D 235 17.98 12.60 -26.00
CA THR D 235 18.58 11.51 -25.22
C THR D 235 18.55 11.85 -23.74
N LEU D 236 18.67 13.14 -23.35
CA LEU D 236 18.56 13.49 -21.93
C LEU D 236 17.15 13.15 -21.40
N ILE D 237 16.08 13.38 -22.23
CA ILE D 237 14.70 13.02 -21.84
C ILE D 237 14.61 11.50 -21.74
N ALA D 238 15.14 10.78 -22.77
CA ALA D 238 15.16 9.30 -22.80
C ALA D 238 15.83 8.73 -21.55
N HIS D 239 17.00 9.29 -21.17
CA HIS D 239 17.75 8.91 -19.98
C HIS D 239 16.86 9.00 -18.74
N ILE D 240 16.19 10.15 -18.53
CA ILE D 240 15.29 10.39 -17.38
C ILE D 240 14.11 9.41 -17.43
N ALA D 241 13.43 9.29 -18.59
CA ALA D 241 12.29 8.37 -18.73
C ALA D 241 12.72 6.94 -18.43
N PHE D 242 13.93 6.54 -18.88
CA PHE D 242 14.47 5.21 -18.60
C PHE D 242 14.66 5.02 -17.09
N ASN D 243 15.16 6.06 -16.38
CA ASN D 243 15.37 6.04 -14.92
C ASN D 243 14.05 5.98 -14.15
N ILE D 244 12.95 6.56 -14.71
CA ILE D 244 11.60 6.48 -14.13
C ILE D 244 11.13 5.02 -14.30
N LEU D 245 11.52 4.38 -15.43
CA LEU D 245 11.19 2.99 -15.76
C LEU D 245 11.89 2.00 -14.86
N VAL D 246 13.17 2.21 -14.51
CA VAL D 246 13.92 1.29 -13.67
C VAL D 246 14.04 1.73 -12.18
N GLU D 247 13.24 2.76 -11.77
CA GLU D 247 13.14 3.36 -10.44
C GLU D 247 13.16 2.31 -9.33
N THR D 248 14.05 2.51 -8.31
CA THR D 248 14.21 1.63 -7.13
C THR D 248 12.98 1.67 -6.20
N ASN D 249 12.07 2.71 -6.36
CA ASN D 249 10.83 3.01 -5.60
C ASN D 249 11.10 3.31 -4.09
N CYS D 250 12.42 3.41 -3.76
CA CYS D 250 13.00 3.69 -2.45
C CYS D 250 13.19 5.19 -2.24
N PRO D 251 12.97 5.71 -1.00
CA PRO D 251 13.25 7.13 -0.76
C PRO D 251 14.72 7.39 -1.06
N LYS D 252 15.07 8.65 -1.34
CA LYS D 252 16.47 8.96 -1.61
C LYS D 252 17.31 8.60 -0.35
N THR D 253 18.45 7.99 -0.62
CA THR D 253 19.41 7.54 0.35
C THR D 253 20.16 8.79 0.84
N PRO D 254 20.30 9.00 2.18
CA PRO D 254 21.00 10.21 2.69
C PRO D 254 22.47 10.37 2.30
N TYR D 255 23.14 9.24 2.05
CA TYR D 255 24.54 9.10 1.66
C TYR D 255 24.70 8.80 0.14
N MET D 256 25.90 9.07 -0.38
CA MET D 256 26.22 8.86 -1.78
C MET D 256 26.62 7.40 -2.00
N THR D 257 25.92 6.75 -2.95
CA THR D 257 26.11 5.37 -3.37
C THR D 257 26.95 5.34 -4.66
N TYR D 258 27.45 4.15 -5.02
CA TYR D 258 28.27 3.95 -6.23
C TYR D 258 27.47 4.28 -7.49
N THR D 259 26.25 3.69 -7.59
CA THR D 259 25.29 3.89 -8.68
CA THR D 259 25.29 3.90 -8.67
C THR D 259 24.80 5.35 -8.70
N GLY D 260 24.70 5.97 -7.52
CA GLY D 260 24.28 7.37 -7.38
C GLY D 260 25.24 8.33 -8.06
N ALA D 261 26.55 8.05 -7.87
CA ALA D 261 27.67 8.80 -8.42
C ALA D 261 27.69 8.66 -9.94
N ILE D 262 27.59 7.40 -10.46
CA ILE D 262 27.59 7.12 -11.91
C ILE D 262 26.51 7.96 -12.60
N ILE D 263 25.26 7.88 -12.05
CA ILE D 263 24.10 8.63 -12.56
C ILE D 263 24.38 10.14 -12.52
N PHE D 264 24.95 10.65 -11.39
CA PHE D 264 25.29 12.06 -11.31
C PHE D 264 26.24 12.45 -12.44
N MET D 265 27.28 11.62 -12.63
CA MET D 265 28.31 11.81 -13.65
C MET D 265 27.70 11.83 -15.06
N ILE D 266 26.69 10.94 -15.32
CA ILE D 266 25.93 10.85 -16.58
C ILE D 266 25.19 12.18 -16.85
N TYR D 267 24.55 12.77 -15.80
CA TYR D 267 23.88 14.06 -15.93
C TYR D 267 24.88 15.14 -16.28
N LEU D 268 26.06 15.06 -15.67
CA LEU D 268 27.13 16.01 -15.96
C LEU D 268 27.64 15.87 -17.40
N PHE D 269 27.65 14.62 -17.92
CA PHE D 269 28.09 14.33 -19.29
C PHE D 269 27.11 14.86 -20.31
N TYR D 270 25.80 14.86 -19.99
CA TYR D 270 24.77 15.41 -20.89
C TYR D 270 24.92 16.91 -20.92
N PHE D 271 25.32 17.50 -19.77
CA PHE D 271 25.52 18.93 -19.65
C PHE D 271 26.68 19.41 -20.47
N VAL D 272 27.84 18.76 -20.31
CA VAL D 272 29.07 19.07 -21.04
C VAL D 272 28.88 18.87 -22.56
N ALA D 273 28.14 17.80 -22.96
CA ALA D 273 27.82 17.51 -24.37
C ALA D 273 27.08 18.68 -24.99
N VAL D 274 26.10 19.30 -24.25
CA VAL D 274 25.35 20.48 -24.70
C VAL D 274 26.33 21.64 -24.86
N ILE D 275 27.27 21.82 -23.89
CA ILE D 275 28.28 22.88 -24.00
C ILE D 275 29.04 22.76 -25.32
N GLU D 276 29.59 21.54 -25.60
CA GLU D 276 30.30 21.26 -26.86
C GLU D 276 29.46 21.68 -28.07
N VAL D 277 28.21 21.16 -28.16
CA VAL D 277 27.26 21.40 -29.26
C VAL D 277 27.07 22.88 -29.44
N THR D 278 26.86 23.60 -28.30
CA THR D 278 26.65 25.05 -28.32
C THR D 278 27.90 25.78 -28.89
N VAL D 279 29.11 25.45 -28.33
CA VAL D 279 30.41 26.00 -28.74
C VAL D 279 30.65 25.77 -30.24
N GLN D 280 30.62 24.49 -30.69
CA GLN D 280 30.78 24.07 -32.08
C GLN D 280 29.96 24.97 -33.03
N HIS D 281 28.67 25.18 -32.70
CA HIS D 281 27.77 26.03 -33.47
C HIS D 281 28.21 27.50 -33.43
N TYR D 282 28.49 28.04 -32.21
CA TYR D 282 28.90 29.45 -32.06
C TYR D 282 30.14 29.79 -32.84
N LEU D 283 31.14 28.88 -32.83
CA LEU D 283 32.39 29.00 -33.58
C LEU D 283 32.12 28.99 -35.08
N LYS D 284 31.19 28.13 -35.53
CA LYS D 284 30.82 28.03 -36.94
C LYS D 284 30.14 29.30 -37.37
N VAL D 285 29.18 29.80 -36.56
CA VAL D 285 28.48 31.06 -36.86
C VAL D 285 29.48 32.25 -36.90
N GLU D 286 30.46 32.27 -35.95
CA GLU D 286 31.51 33.30 -35.87
C GLU D 286 32.66 33.07 -36.90
N SER D 287 32.38 32.28 -37.95
CA SER D 287 33.29 31.92 -39.03
C SER D 287 34.68 31.56 -38.49
N GLN D 288 34.73 30.49 -37.74
CA GLN D 288 35.93 29.91 -37.14
C GLN D 288 35.76 28.38 -37.22
N PRO D 289 35.55 27.83 -38.44
CA PRO D 289 35.31 26.38 -38.55
C PRO D 289 36.54 25.51 -38.32
N ALA D 290 37.68 26.13 -38.01
CA ALA D 290 38.92 25.44 -37.69
C ALA D 290 38.85 24.95 -36.25
N ARG D 291 38.45 25.86 -35.30
CA ARG D 291 38.29 25.55 -33.88
C ARG D 291 37.05 24.69 -33.66
N ALA D 292 35.95 25.00 -34.40
CA ALA D 292 34.72 24.24 -34.33
C ALA D 292 34.98 22.78 -34.67
N ALA D 293 35.72 22.51 -35.77
CA ALA D 293 36.07 21.15 -36.19
C ALA D 293 37.03 20.44 -35.27
N SER D 294 38.02 21.15 -34.72
CA SER D 294 39.00 20.54 -33.83
C SER D 294 38.38 20.06 -32.51
N ILE D 295 37.51 20.90 -31.89
CA ILE D 295 36.80 20.61 -30.64
C ILE D 295 35.99 19.33 -30.83
N THR D 296 35.10 19.31 -31.85
CA THR D 296 34.24 18.17 -32.20
C THR D 296 35.08 16.92 -32.38
N ARG D 297 36.19 17.03 -33.14
CA ARG D 297 37.13 15.92 -33.38
C ARG D 297 37.73 15.37 -32.08
N ALA D 298 38.10 16.26 -31.13
CA ALA D 298 38.65 15.88 -29.83
C ALA D 298 37.59 15.13 -29.00
N SER D 299 36.39 15.73 -28.87
CA SER D 299 35.23 15.22 -28.16
C SER D 299 34.90 13.77 -28.51
N ARG D 300 35.17 13.35 -29.78
CA ARG D 300 34.96 11.98 -30.26
C ARG D 300 35.76 10.96 -29.46
N ILE D 301 36.92 11.38 -28.92
CA ILE D 301 37.82 10.56 -28.08
C ILE D 301 37.73 11.01 -26.62
N ALA D 302 37.65 12.36 -26.38
CA ALA D 302 37.58 13.00 -25.07
C ALA D 302 36.45 12.45 -24.22
N PHE D 303 35.23 12.38 -24.78
CA PHE D 303 34.06 11.88 -24.07
C PHE D 303 34.20 10.42 -23.68
N PRO D 304 34.45 9.46 -24.61
CA PRO D 304 34.59 8.06 -24.17
C PRO D 304 35.72 7.81 -23.16
N VAL D 305 36.90 8.43 -23.39
CA VAL D 305 38.07 8.29 -22.53
C VAL D 305 37.80 8.84 -21.12
N VAL D 306 37.40 10.11 -21.00
CA VAL D 306 37.11 10.71 -19.70
C VAL D 306 36.05 9.88 -18.96
N PHE D 307 34.97 9.46 -19.65
CA PHE D 307 33.92 8.61 -19.08
C PHE D 307 34.51 7.32 -18.51
N LEU D 308 35.28 6.57 -19.34
CA LEU D 308 35.96 5.32 -18.95
C LEU D 308 36.89 5.49 -17.73
N LEU D 309 37.74 6.52 -17.73
CA LEU D 309 38.64 6.81 -16.61
C LEU D 309 37.85 7.17 -15.36
N ALA D 310 36.90 8.13 -15.46
CA ALA D 310 36.06 8.58 -14.35
C ALA D 310 35.29 7.43 -13.69
N ASN D 311 34.89 6.42 -14.50
CA ASN D 311 34.25 5.23 -13.98
C ASN D 311 35.23 4.33 -13.24
N ILE D 312 36.46 4.19 -13.78
CA ILE D 312 37.57 3.42 -13.16
C ILE D 312 37.88 4.05 -11.80
N ILE D 313 37.97 5.40 -11.74
CA ILE D 313 38.20 6.15 -10.50
C ILE D 313 37.11 5.83 -9.47
N LEU D 314 35.82 5.96 -9.85
CA LEU D 314 34.68 5.67 -8.98
C LEU D 314 34.65 4.24 -8.46
N ALA D 315 34.79 3.26 -9.37
CA ALA D 315 34.81 1.84 -9.04
C ALA D 315 35.90 1.56 -8.01
N PHE D 316 37.08 2.16 -8.22
CA PHE D 316 38.21 2.06 -7.29
C PHE D 316 37.84 2.66 -5.91
N LEU D 317 37.26 3.89 -5.90
CA LEU D 317 36.83 4.61 -4.70
C LEU D 317 35.81 3.83 -3.86
N PHE D 318 34.82 3.20 -4.50
CA PHE D 318 33.79 2.46 -3.76
C PHE D 318 34.20 1.02 -3.41
N PHE D 319 35.06 0.39 -4.21
CA PHE D 319 35.47 -1.01 -4.00
C PHE D 319 36.99 -1.19 -3.90
N VAL E 9 -5.40 -34.76 27.38
CA VAL E 9 -4.36 -33.86 26.88
C VAL E 9 -2.97 -34.44 27.17
N SER E 10 -2.64 -35.48 26.40
CA SER E 10 -1.40 -36.27 26.33
C SER E 10 -1.52 -37.11 25.05
N PRO E 11 -0.45 -37.38 24.27
CA PRO E 11 -0.61 -38.17 23.03
C PRO E 11 -1.15 -39.59 23.24
N PRO E 12 -1.86 -40.19 22.24
CA PRO E 12 -2.37 -41.55 22.42
C PRO E 12 -1.25 -42.57 22.53
N PRO E 13 -1.43 -43.67 23.29
CA PRO E 13 -0.35 -44.66 23.41
C PRO E 13 -0.28 -45.68 22.25
N PRO E 14 0.94 -46.07 21.83
CA PRO E 14 1.07 -47.04 20.73
C PRO E 14 0.67 -48.46 21.13
N ILE E 15 0.13 -49.27 20.17
CA ILE E 15 -0.21 -50.69 20.40
C ILE E 15 1.13 -51.36 20.76
N ALA E 16 2.08 -51.26 19.82
CA ALA E 16 3.46 -51.69 19.85
C ALA E 16 4.23 -50.41 19.70
N ASP E 17 5.40 -50.48 19.09
CA ASP E 17 6.34 -49.37 18.84
C ASP E 17 6.05 -48.45 17.62
N GLU E 18 4.89 -48.63 16.95
CA GLU E 18 4.49 -47.87 15.73
C GLU E 18 4.30 -46.33 15.95
N PRO E 19 4.55 -45.49 14.91
CA PRO E 19 4.31 -44.05 15.08
C PRO E 19 2.85 -43.70 14.81
N LEU E 20 2.41 -42.54 15.31
CA LEU E 20 1.02 -42.10 15.10
C LEU E 20 0.85 -41.49 13.71
N THR E 21 0.00 -42.12 12.88
CA THR E 21 -0.25 -41.62 11.53
C THR E 21 -1.47 -40.70 11.56
N VAL E 22 -1.24 -39.44 11.20
CA VAL E 22 -2.28 -38.43 11.10
C VAL E 22 -2.58 -38.29 9.59
N ASN E 23 -3.83 -38.54 9.22
CA ASN E 23 -4.31 -38.45 7.84
C ASN E 23 -4.80 -37.03 7.57
N THR E 24 -4.16 -36.38 6.61
CA THR E 24 -4.41 -35.00 6.23
C THR E 24 -5.14 -34.88 4.89
N GLY E 25 -5.63 -33.69 4.61
CA GLY E 25 -6.36 -33.34 3.40
C GLY E 25 -6.76 -31.88 3.41
N ILE E 26 -6.42 -31.18 2.33
CA ILE E 26 -6.72 -29.77 2.14
C ILE E 26 -7.71 -29.65 1.00
N TYR E 27 -8.85 -28.96 1.24
CA TYR E 27 -9.85 -28.73 0.22
C TYR E 27 -9.96 -27.22 -0.02
N LEU E 28 -9.41 -26.71 -1.16
CA LEU E 28 -9.47 -25.28 -1.49
C LEU E 28 -10.87 -24.81 -1.73
N ILE E 29 -11.30 -23.81 -0.96
CA ILE E 29 -12.61 -23.18 -1.10
C ILE E 29 -12.46 -21.96 -2.01
N GLU E 30 -11.49 -21.09 -1.69
CA GLU E 30 -11.16 -19.87 -2.43
C GLU E 30 -9.67 -19.67 -2.47
N SER E 31 -9.17 -19.21 -3.63
CA SER E 31 -7.78 -18.84 -3.89
C SER E 31 -7.91 -17.45 -4.37
N TYR E 32 -7.06 -16.59 -3.87
CA TYR E 32 -7.09 -15.18 -4.24
C TYR E 32 -5.74 -14.51 -4.02
N SER E 33 -5.69 -13.19 -4.25
CA SER E 33 -4.52 -12.32 -4.09
C SER E 33 -3.16 -13.02 -4.39
N LEU E 34 -3.00 -13.52 -5.64
CA LEU E 34 -1.71 -14.06 -6.06
C LEU E 34 -0.90 -12.85 -6.43
N ASP E 35 0.16 -12.57 -5.65
CA ASP E 35 1.09 -11.45 -5.85
C ASP E 35 2.35 -11.98 -6.48
N ASP E 36 2.54 -11.68 -7.76
CA ASP E 36 3.70 -12.12 -8.52
C ASP E 36 4.98 -11.56 -7.93
N CYS E 37 4.95 -10.28 -7.49
CA CYS E 37 6.07 -9.54 -6.89
C CYS E 37 6.48 -10.13 -5.56
N ALA E 38 5.50 -10.30 -4.65
CA ALA E 38 5.69 -10.81 -3.30
C ALA E 38 5.88 -12.32 -3.20
N GLU E 39 5.55 -13.08 -4.27
CA GLU E 39 5.64 -14.55 -4.31
C GLU E 39 4.72 -15.17 -3.28
N THR E 40 3.57 -14.52 -3.08
CA THR E 40 2.55 -14.95 -2.13
C THR E 40 1.20 -15.10 -2.79
N PHE E 41 0.33 -15.87 -2.15
CA PHE E 41 -1.04 -16.08 -2.58
C PHE E 41 -1.87 -16.43 -1.35
N LYS E 42 -3.12 -15.96 -1.34
CA LYS E 42 -3.99 -16.20 -0.22
C LYS E 42 -4.95 -17.33 -0.56
N VAL E 43 -5.35 -18.10 0.47
CA VAL E 43 -6.21 -19.28 0.36
C VAL E 43 -7.20 -19.33 1.50
N ASN E 44 -8.43 -19.83 1.23
CA ASN E 44 -9.52 -20.13 2.17
C ASN E 44 -9.72 -21.63 1.93
N ALA E 45 -9.46 -22.48 2.91
CA ALA E 45 -9.59 -23.92 2.69
C ALA E 45 -9.99 -24.68 3.95
N PHE E 46 -10.36 -25.96 3.77
CA PHE E 46 -10.68 -26.87 4.86
C PHE E 46 -9.42 -27.71 5.07
N LEU E 47 -9.06 -27.95 6.34
CA LEU E 47 -7.93 -28.82 6.70
C LEU E 47 -8.57 -29.93 7.49
N SER E 48 -8.53 -31.16 6.96
CA SER E 48 -9.13 -32.28 7.64
C SER E 48 -8.04 -33.18 8.20
N LEU E 49 -8.13 -33.47 9.49
CA LEU E 49 -7.16 -34.33 10.19
C LEU E 49 -7.87 -35.54 10.75
N SER E 50 -7.18 -36.70 10.75
CA SER E 50 -7.76 -37.95 11.24
C SER E 50 -6.71 -38.93 11.81
N TRP E 51 -6.87 -39.27 13.09
CA TRP E 51 -5.97 -40.17 13.79
C TRP E 51 -6.74 -41.12 14.68
N LYS E 52 -6.05 -42.09 15.32
CA LYS E 52 -6.66 -43.08 16.22
C LYS E 52 -6.14 -42.97 17.64
N ASP E 53 -7.07 -42.68 18.57
CA ASP E 53 -6.80 -42.57 20.00
C ASP E 53 -7.70 -43.57 20.73
N ARG E 54 -7.13 -44.70 21.14
CA ARG E 54 -7.87 -45.77 21.84
C ARG E 54 -8.54 -45.31 23.14
N ARG E 55 -7.92 -44.35 23.85
CA ARG E 55 -8.44 -43.73 25.08
C ARG E 55 -9.86 -43.19 24.88
N LEU E 56 -10.23 -42.99 23.60
CA LEU E 56 -11.51 -42.43 23.15
C LEU E 56 -12.51 -43.44 22.62
N ALA E 57 -12.08 -44.72 22.46
CA ALA E 57 -12.93 -45.80 21.98
C ALA E 57 -14.18 -45.97 22.84
N PHE E 58 -15.30 -46.29 22.20
CA PHE E 58 -16.57 -46.49 22.86
C PHE E 58 -17.39 -47.64 22.25
N ASP E 59 -18.40 -48.10 22.99
CA ASP E 59 -19.34 -49.12 22.52
C ASP E 59 -20.62 -48.36 22.17
N PRO E 60 -21.10 -48.48 20.89
CA PRO E 60 -22.32 -47.75 20.50
C PRO E 60 -23.59 -48.12 21.28
N VAL E 61 -23.61 -49.34 21.87
CA VAL E 61 -24.71 -49.88 22.67
C VAL E 61 -24.75 -49.18 24.05
N ARG E 62 -23.61 -49.19 24.77
CA ARG E 62 -23.45 -48.54 26.08
C ARG E 62 -23.57 -47.00 25.98
N SER E 63 -23.20 -46.44 24.81
CA SER E 63 -23.23 -45.00 24.58
C SER E 63 -24.55 -44.50 23.98
N GLY E 64 -25.22 -45.35 23.21
CA GLY E 64 -26.45 -45.01 22.52
C GLY E 64 -26.19 -44.39 21.17
N VAL E 65 -25.19 -43.46 21.13
CA VAL E 65 -24.72 -42.72 19.95
C VAL E 65 -23.80 -43.57 19.08
N ARG E 66 -23.91 -43.37 17.77
CA ARG E 66 -23.14 -44.03 16.72
C ARG E 66 -21.82 -43.27 16.46
N VAL E 67 -21.78 -41.97 16.85
CA VAL E 67 -20.64 -41.05 16.77
C VAL E 67 -20.70 -40.04 17.94
N LYS E 68 -19.54 -39.72 18.54
CA LYS E 68 -19.42 -38.75 19.63
C LYS E 68 -18.72 -37.48 19.13
N THR E 69 -19.26 -36.30 19.47
CA THR E 69 -18.71 -35.00 19.10
C THR E 69 -17.99 -34.41 20.30
N TYR E 70 -16.78 -33.90 20.11
CA TYR E 70 -15.97 -33.28 21.16
C TYR E 70 -15.59 -31.83 20.84
N GLU E 71 -15.18 -31.10 21.88
CA GLU E 71 -14.66 -29.74 21.78
C GLU E 71 -13.12 -29.83 21.76
N PRO E 72 -12.43 -28.97 20.96
CA PRO E 72 -10.96 -29.07 20.86
C PRO E 72 -10.18 -29.24 22.17
N GLU E 73 -10.67 -28.58 23.23
CA GLU E 73 -10.10 -28.56 24.58
C GLU E 73 -10.17 -29.95 25.21
N ALA E 74 -11.33 -30.64 25.05
CA ALA E 74 -11.64 -31.96 25.60
C ALA E 74 -10.70 -33.08 25.20
N ILE E 75 -10.15 -33.04 23.97
CA ILE E 75 -9.28 -34.14 23.53
C ILE E 75 -7.92 -33.68 22.99
N TRP E 76 -7.01 -34.67 22.85
CA TRP E 76 -5.68 -34.48 22.31
C TRP E 76 -5.78 -34.37 20.79
N ILE E 77 -5.32 -33.20 20.25
CA ILE E 77 -5.27 -32.91 18.82
C ILE E 77 -3.80 -32.66 18.44
N PRO E 78 -3.26 -33.28 17.36
CA PRO E 78 -1.86 -33.03 17.00
C PRO E 78 -1.62 -31.62 16.51
N GLU E 79 -0.46 -31.05 16.89
CA GLU E 79 -0.08 -29.70 16.49
C GLU E 79 0.41 -29.69 15.03
N ILE E 80 -0.52 -29.56 14.08
CA ILE E 80 -0.22 -29.45 12.64
C ILE E 80 -0.02 -27.97 12.33
N ARG E 81 1.07 -27.65 11.68
CA ARG E 81 1.43 -26.28 11.31
C ARG E 81 1.80 -26.21 9.83
N PHE E 82 1.77 -24.99 9.25
CA PHE E 82 2.18 -24.78 7.87
C PHE E 82 3.59 -24.25 7.88
N VAL E 83 4.42 -24.69 6.93
CA VAL E 83 5.81 -24.28 6.88
C VAL E 83 5.95 -22.89 6.26
N ASN E 84 5.32 -22.68 5.09
CA ASN E 84 5.45 -21.46 4.32
C ASN E 84 4.27 -20.48 4.43
N VAL E 85 3.86 -20.13 5.65
CA VAL E 85 2.82 -19.11 5.79
C VAL E 85 3.43 -17.82 6.34
N GLU E 86 2.90 -16.62 5.99
CA GLU E 86 3.45 -15.34 6.50
C GLU E 86 3.08 -15.26 8.00
N ASN E 87 1.82 -14.92 8.30
CA ASN E 87 1.37 -14.93 9.70
C ASN E 87 0.78 -16.31 9.95
N ALA E 88 0.64 -16.70 11.23
CA ALA E 88 0.03 -17.99 11.59
C ALA E 88 -1.39 -18.05 11.03
N ARG E 89 -1.81 -19.21 10.47
CA ARG E 89 -3.14 -19.39 9.87
C ARG E 89 -4.32 -19.00 10.79
N ASP E 90 -5.39 -18.45 10.20
CA ASP E 90 -6.60 -18.07 10.93
C ASP E 90 -7.51 -19.28 10.84
N ALA E 91 -7.51 -20.12 11.88
CA ALA E 91 -8.28 -21.37 11.93
C ALA E 91 -9.54 -21.27 12.76
N ASP E 92 -10.56 -22.03 12.34
CA ASP E 92 -11.85 -22.13 13.00
C ASP E 92 -12.26 -23.59 12.92
N VAL E 93 -12.39 -24.28 14.07
CA VAL E 93 -12.79 -25.70 14.10
C VAL E 93 -14.24 -25.80 13.70
N VAL E 94 -14.49 -26.58 12.64
CA VAL E 94 -15.80 -26.82 12.06
C VAL E 94 -16.47 -27.97 12.80
N ASP E 95 -15.76 -29.12 12.95
CA ASP E 95 -16.27 -30.33 13.58
C ASP E 95 -15.16 -31.31 14.01
N ILE E 96 -15.38 -31.95 15.17
CA ILE E 96 -14.56 -33.02 15.74
C ILE E 96 -15.51 -34.16 16.02
N SER E 97 -15.23 -35.36 15.48
CA SER E 97 -16.08 -36.54 15.61
C SER E 97 -15.29 -37.84 15.85
N VAL E 98 -15.60 -38.53 16.97
CA VAL E 98 -14.99 -39.81 17.37
C VAL E 98 -15.94 -40.95 17.06
N SER E 99 -15.45 -41.92 16.28
CA SER E 99 -16.18 -43.13 15.90
C SER E 99 -15.90 -44.19 16.98
N PRO E 100 -16.74 -45.27 17.08
CA PRO E 100 -16.55 -46.26 18.14
C PRO E 100 -15.13 -46.77 18.40
N ASP E 101 -14.30 -46.97 17.36
CA ASP E 101 -12.94 -47.50 17.57
C ASP E 101 -11.90 -46.50 18.16
N GLY E 102 -12.25 -45.22 18.20
CA GLY E 102 -11.39 -44.16 18.71
C GLY E 102 -10.77 -43.32 17.61
N THR E 103 -11.27 -43.50 16.37
CA THR E 103 -10.83 -42.77 15.20
C THR E 103 -11.45 -41.36 15.22
N VAL E 104 -10.58 -40.35 15.32
CA VAL E 104 -10.94 -38.94 15.40
C VAL E 104 -11.03 -38.36 14.00
N GLN E 105 -12.04 -37.53 13.74
CA GLN E 105 -12.26 -36.85 12.47
C GLN E 105 -12.43 -35.36 12.77
N TYR E 106 -11.31 -34.64 12.62
CA TYR E 106 -11.16 -33.20 12.81
C TYR E 106 -11.30 -32.53 11.46
N LEU E 107 -11.92 -31.34 11.45
CA LEU E 107 -12.09 -30.49 10.28
C LEU E 107 -12.14 -29.06 10.73
N GLU E 108 -11.31 -28.23 10.12
CA GLU E 108 -11.23 -26.81 10.41
C GLU E 108 -11.21 -26.02 9.12
N ARG E 109 -11.70 -24.80 9.19
CA ARG E 109 -11.65 -23.90 8.05
C ARG E 109 -10.60 -22.85 8.34
N PHE E 110 -9.62 -22.70 7.43
CA PHE E 110 -8.53 -21.75 7.60
C PHE E 110 -8.33 -20.86 6.40
N SER E 111 -7.64 -19.73 6.61
CA SER E 111 -7.24 -18.81 5.56
C SER E 111 -5.77 -18.52 5.84
N ALA E 112 -4.93 -18.53 4.79
CA ALA E 112 -3.48 -18.30 4.94
C ALA E 112 -2.82 -17.61 3.75
N ARG E 113 -1.85 -16.70 4.00
CA ARG E 113 -1.06 -16.07 2.94
C ARG E 113 0.20 -16.94 2.81
N VAL E 114 0.23 -17.77 1.76
CA VAL E 114 1.26 -18.76 1.49
C VAL E 114 2.39 -18.17 0.64
N LEU E 115 3.64 -18.38 1.08
CA LEU E 115 4.83 -17.93 0.36
C LEU E 115 5.34 -19.06 -0.56
N SER E 116 5.21 -18.87 -1.85
CA SER E 116 5.74 -19.84 -2.79
C SER E 116 6.46 -19.11 -3.92
N PRO E 117 7.74 -19.45 -4.17
CA PRO E 117 8.51 -18.74 -5.22
C PRO E 117 7.95 -18.95 -6.62
N LEU E 118 8.21 -17.97 -7.51
CA LEU E 118 7.75 -18.04 -8.89
C LEU E 118 8.90 -17.91 -9.89
N ASP E 119 8.81 -18.66 -11.01
CA ASP E 119 9.82 -18.68 -12.06
C ASP E 119 9.30 -17.95 -13.31
N PHE E 120 9.77 -16.71 -13.52
CA PHE E 120 9.35 -15.85 -14.63
C PHE E 120 10.18 -15.98 -15.89
N ARG E 121 11.15 -16.91 -15.92
CA ARG E 121 11.99 -17.15 -17.07
C ARG E 121 11.21 -17.29 -18.40
N ARG E 122 10.05 -17.99 -18.38
CA ARG E 122 9.21 -18.19 -19.57
C ARG E 122 7.96 -17.30 -19.63
N TYR E 123 7.91 -16.22 -18.82
CA TYR E 123 6.80 -15.28 -18.82
C TYR E 123 6.65 -14.61 -20.19
N PRO E 124 5.41 -14.39 -20.74
CA PRO E 124 4.08 -14.65 -20.15
C PRO E 124 3.48 -16.00 -20.53
N PHE E 125 4.32 -16.93 -20.96
CA PHE E 125 3.91 -18.28 -21.36
C PHE E 125 4.34 -19.28 -20.27
N ASP E 126 4.35 -18.80 -19.00
CA ASP E 126 4.80 -19.58 -17.87
C ASP E 126 3.69 -20.32 -17.16
N SER E 127 4.09 -21.42 -16.52
CA SER E 127 3.30 -22.28 -15.66
C SER E 127 4.03 -22.28 -14.33
N GLN E 128 3.26 -22.33 -13.24
CA GLN E 128 3.80 -22.29 -11.88
C GLN E 128 3.22 -23.42 -11.04
N THR E 129 3.98 -23.86 -10.03
CA THR E 129 3.57 -24.87 -9.07
C THR E 129 3.62 -24.23 -7.69
N LEU E 130 2.45 -23.86 -7.16
CA LEU E 130 2.33 -23.23 -5.84
C LEU E 130 2.37 -24.32 -4.75
N HIS E 131 3.08 -24.06 -3.64
CA HIS E 131 3.24 -25.06 -2.59
C HIS E 131 2.59 -24.72 -1.29
N ILE E 132 2.05 -25.72 -0.60
CA ILE E 132 1.47 -25.59 0.72
C ILE E 132 2.07 -26.74 1.49
N TYR E 133 3.03 -26.43 2.38
CA TYR E 133 3.72 -27.42 3.20
C TYR E 133 3.10 -27.58 4.59
N LEU E 134 2.68 -28.82 4.90
CA LEU E 134 2.12 -29.21 6.19
C LEU E 134 3.21 -29.89 7.01
N ILE E 135 3.35 -29.56 8.29
CA ILE E 135 4.38 -30.16 9.12
C ILE E 135 3.86 -30.53 10.50
N VAL E 136 4.47 -31.57 11.13
CA VAL E 136 4.17 -32.03 12.48
C VAL E 136 5.45 -32.42 13.20
N ARG E 137 5.66 -31.88 14.42
CA ARG E 137 6.84 -32.19 15.20
C ARG E 137 6.52 -33.29 16.17
N SER E 138 7.30 -34.39 16.07
CA SER E 138 7.16 -35.57 16.92
C SER E 138 7.35 -35.23 18.39
N VAL E 139 6.52 -35.86 19.23
CA VAL E 139 6.51 -35.64 20.67
C VAL E 139 7.55 -36.49 21.41
N ASP E 140 7.56 -36.33 22.75
CA ASP E 140 8.41 -37.03 23.69
C ASP E 140 8.03 -38.49 23.73
N THR E 141 6.76 -38.77 24.09
CA THR E 141 6.19 -40.11 24.26
C THR E 141 6.21 -40.92 22.94
N ARG E 142 5.70 -40.37 21.81
CA ARG E 142 5.79 -41.09 20.53
C ARG E 142 6.03 -40.13 19.32
N ASN E 143 6.35 -40.74 18.18
CA ASN E 143 6.61 -40.07 16.91
C ASN E 143 5.33 -39.93 16.12
N ILE E 144 5.17 -38.79 15.43
CA ILE E 144 4.01 -38.51 14.61
C ILE E 144 4.44 -38.38 13.15
N VAL E 145 3.72 -39.09 12.27
CA VAL E 145 3.93 -39.13 10.82
C VAL E 145 2.64 -38.69 10.10
N LEU E 146 2.78 -37.83 9.07
CA LEU E 146 1.66 -37.35 8.24
C LEU E 146 1.42 -38.28 7.05
N ALA E 147 0.15 -38.39 6.65
CA ALA E 147 -0.30 -39.24 5.55
C ALA E 147 -1.38 -38.49 4.82
N VAL E 148 -1.60 -38.82 3.54
CA VAL E 148 -2.61 -38.12 2.76
C VAL E 148 -3.88 -38.95 2.58
N ASP E 149 -5.07 -38.40 2.94
CA ASP E 149 -6.34 -39.05 2.62
C ASP E 149 -6.74 -38.37 1.32
N LEU E 150 -6.61 -39.09 0.18
CA LEU E 150 -6.92 -38.52 -1.13
C LEU E 150 -8.39 -38.11 -1.30
N GLU E 151 -9.29 -38.71 -0.49
CA GLU E 151 -10.72 -38.38 -0.50
C GLU E 151 -10.98 -36.98 0.11
N LYS E 152 -10.02 -36.47 0.88
CA LYS E 152 -10.07 -35.20 1.60
C LYS E 152 -9.24 -34.06 0.95
N VAL E 153 -8.69 -34.32 -0.26
CA VAL E 153 -7.92 -33.37 -1.06
C VAL E 153 -8.74 -33.03 -2.31
N GLY E 154 -8.79 -31.75 -2.64
CA GLY E 154 -9.50 -31.21 -3.79
C GLY E 154 -9.65 -29.71 -3.76
N LYS E 155 -10.57 -29.19 -4.61
CA LYS E 155 -10.85 -27.77 -4.76
C LYS E 155 -12.25 -27.56 -5.33
N ASN E 156 -12.90 -26.47 -4.92
CA ASN E 156 -14.21 -26.08 -5.41
C ASN E 156 -14.06 -25.75 -6.91
N ASP E 157 -15.08 -26.05 -7.74
CA ASP E 157 -15.03 -25.81 -9.20
C ASP E 157 -14.92 -24.31 -9.53
N ASP E 158 -15.56 -23.47 -8.70
CA ASP E 158 -15.55 -22.00 -8.74
C ASP E 158 -14.16 -21.39 -8.45
N VAL E 159 -13.21 -22.17 -7.86
CA VAL E 159 -11.85 -21.71 -7.50
C VAL E 159 -11.18 -21.11 -8.76
N PHE E 160 -10.78 -19.82 -8.63
CA PHE E 160 -10.20 -19.02 -9.71
C PHE E 160 -9.08 -18.10 -9.23
N LEU E 161 -8.18 -17.79 -10.14
CA LEU E 161 -7.14 -16.77 -9.98
C LEU E 161 -7.24 -16.04 -11.30
N THR E 162 -7.61 -14.77 -11.29
CA THR E 162 -7.76 -14.03 -12.55
C THR E 162 -6.44 -14.03 -13.33
N GLY E 163 -6.54 -14.38 -14.61
CA GLY E 163 -5.40 -14.47 -15.51
C GLY E 163 -4.60 -15.76 -15.47
N TRP E 164 -5.14 -16.81 -14.83
CA TRP E 164 -4.50 -18.10 -14.76
C TRP E 164 -5.50 -19.20 -14.95
N ASP E 165 -5.04 -20.33 -15.52
CA ASP E 165 -5.87 -21.51 -15.66
C ASP E 165 -5.42 -22.40 -14.51
N ILE E 166 -6.35 -22.74 -13.60
CA ILE E 166 -6.03 -23.60 -12.45
C ILE E 166 -6.15 -25.04 -12.92
N GLU E 167 -4.99 -25.67 -13.16
CA GLU E 167 -4.88 -27.03 -13.66
C GLU E 167 -5.29 -28.08 -12.62
N SER E 168 -4.52 -28.18 -11.51
CA SER E 168 -4.76 -29.17 -10.46
C SER E 168 -4.35 -28.76 -9.06
N PHE E 169 -4.95 -29.41 -8.07
CA PHE E 169 -4.57 -29.29 -6.67
C PHE E 169 -4.45 -30.73 -6.20
N THR E 170 -3.21 -31.14 -5.95
CA THR E 170 -2.84 -32.51 -5.58
C THR E 170 -1.79 -32.50 -4.49
N ALA E 171 -1.57 -33.65 -3.83
CA ALA E 171 -0.57 -33.75 -2.77
C ALA E 171 0.41 -34.88 -3.02
N VAL E 172 1.69 -34.64 -2.67
CA VAL E 172 2.79 -35.60 -2.75
C VAL E 172 2.62 -36.48 -1.52
N VAL E 173 1.90 -37.62 -1.72
CA VAL E 173 1.46 -38.61 -0.74
C VAL E 173 2.57 -39.13 0.21
N LYS E 174 3.84 -39.19 -0.26
CA LYS E 174 4.96 -39.65 0.57
C LYS E 174 5.54 -38.46 1.37
N PRO E 175 5.39 -38.46 2.71
CA PRO E 175 5.95 -37.36 3.52
C PRO E 175 7.47 -37.39 3.62
N ALA E 176 8.06 -36.20 3.83
CA ALA E 176 9.50 -36.01 3.98
C ALA E 176 9.84 -36.03 5.47
N ASN E 177 10.05 -37.22 6.02
CA ASN E 177 10.38 -37.41 7.43
C ASN E 177 11.86 -37.19 7.62
N PHE E 178 12.24 -36.32 8.56
CA PHE E 178 13.62 -35.90 8.83
C PHE E 178 13.80 -35.47 10.27
N ALA E 179 15.05 -35.44 10.74
CA ALA E 179 15.36 -35.03 12.11
C ALA E 179 15.73 -33.57 12.17
N LEU E 180 15.17 -32.88 13.17
CA LEU E 180 15.42 -31.48 13.44
C LEU E 180 15.41 -31.28 14.96
N GLU E 181 16.55 -30.78 15.50
CA GLU E 181 16.78 -30.51 16.93
C GLU E 181 16.41 -31.72 17.83
N ASP E 182 16.95 -32.90 17.47
CA ASP E 182 16.76 -34.20 18.15
C ASP E 182 15.28 -34.70 18.13
N ARG E 183 14.45 -34.25 17.17
CA ARG E 183 13.05 -34.71 17.05
C ARG E 183 12.69 -34.95 15.60
N LEU E 184 11.80 -35.92 15.34
CA LEU E 184 11.35 -36.24 13.99
C LEU E 184 10.31 -35.21 13.53
N GLU E 185 10.40 -34.86 12.27
CA GLU E 185 9.48 -33.92 11.64
C GLU E 185 8.90 -34.64 10.40
N SER E 186 7.57 -34.62 10.23
CA SER E 186 6.89 -35.21 9.08
C SER E 186 6.32 -34.09 8.23
N LYS E 187 6.84 -33.90 7.00
CA LYS E 187 6.45 -32.81 6.09
C LYS E 187 5.65 -33.31 4.87
N LEU E 188 4.51 -32.64 4.53
CA LEU E 188 3.69 -32.97 3.35
C LEU E 188 3.63 -31.82 2.36
N ASP E 189 3.73 -32.13 1.05
CA ASP E 189 3.69 -31.14 -0.03
C ASP E 189 2.38 -31.14 -0.84
N TYR E 190 1.61 -30.04 -0.74
CA TYR E 190 0.38 -29.83 -1.49
C TYR E 190 0.74 -28.87 -2.60
N GLN E 191 0.40 -29.23 -3.84
CA GLN E 191 0.75 -28.46 -5.04
C GLN E 191 -0.44 -27.95 -5.83
N LEU E 192 -0.43 -26.63 -6.08
CA LEU E 192 -1.43 -25.94 -6.89
C LEU E 192 -0.79 -25.55 -8.22
N ARG E 193 -1.11 -26.31 -9.27
CA ARG E 193 -0.59 -26.07 -10.61
C ARG E 193 -1.48 -25.12 -11.40
N ILE E 194 -0.88 -24.01 -11.82
CA ILE E 194 -1.53 -22.95 -12.56
C ILE E 194 -0.69 -22.62 -13.79
N SER E 195 -1.32 -22.31 -14.92
CA SER E 195 -0.63 -21.87 -16.15
C SER E 195 -1.20 -20.49 -16.51
N ARG E 196 -0.40 -19.61 -17.15
CA ARG E 196 -0.88 -18.25 -17.44
C ARG E 196 -1.84 -18.15 -18.65
N GLN E 197 -2.61 -17.04 -18.68
CA GLN E 197 -3.56 -16.63 -19.72
C GLN E 197 -2.95 -15.47 -20.58
N TYR E 198 -1.99 -15.85 -21.44
CA TYR E 198 -1.19 -14.96 -22.27
C TYR E 198 -1.86 -14.33 -23.50
N PHE E 199 -3.18 -14.48 -23.75
CA PHE E 199 -3.66 -13.94 -25.02
C PHE E 199 -3.67 -12.42 -25.08
N SER E 200 -4.24 -11.74 -24.07
CA SER E 200 -4.27 -10.28 -24.13
C SER E 200 -2.87 -9.62 -24.22
N TYR E 201 -1.75 -10.38 -24.07
CA TYR E 201 -0.38 -9.84 -24.15
C TYR E 201 -0.04 -9.35 -25.51
N ILE E 202 -0.48 -10.08 -26.54
CA ILE E 202 -0.24 -9.74 -27.94
C ILE E 202 -0.81 -8.36 -28.29
N PRO E 203 -2.14 -8.11 -28.20
CA PRO E 203 -2.65 -6.78 -28.57
C PRO E 203 -2.31 -5.66 -27.59
N ASN E 204 -2.18 -5.98 -26.29
CA ASN E 204 -1.92 -4.98 -25.26
C ASN E 204 -0.46 -4.59 -25.13
N ILE E 205 0.48 -5.57 -25.14
CA ILE E 205 1.91 -5.28 -24.98
C ILE E 205 2.79 -5.50 -26.20
N ILE E 206 2.81 -6.70 -26.80
CA ILE E 206 3.72 -7.04 -27.90
C ILE E 206 3.51 -6.19 -29.17
N LEU E 207 2.28 -6.14 -29.71
CA LEU E 207 2.04 -5.42 -30.96
C LEU E 207 2.33 -3.93 -30.90
N PRO E 208 1.89 -3.18 -29.83
CA PRO E 208 2.16 -1.73 -29.82
C PRO E 208 3.65 -1.46 -29.70
N MET E 209 4.36 -2.20 -28.82
CA MET E 209 5.82 -2.07 -28.66
C MET E 209 6.57 -2.31 -30.00
N LEU E 210 6.05 -3.25 -30.83
CA LEU E 210 6.53 -3.60 -32.16
C LEU E 210 6.31 -2.51 -33.21
N PHE E 211 5.07 -1.88 -33.23
CA PHE E 211 4.68 -0.77 -34.11
C PHE E 211 5.66 0.36 -33.93
N ILE E 212 5.96 0.68 -32.66
CA ILE E 212 6.93 1.70 -32.22
C ILE E 212 8.31 1.37 -32.86
N LEU E 213 8.78 0.11 -32.70
CA LEU E 213 10.06 -0.30 -33.28
C LEU E 213 10.09 -0.14 -34.81
N PHE E 214 8.98 -0.53 -35.48
CA PHE E 214 8.85 -0.45 -36.94
C PHE E 214 8.87 1.01 -37.38
N ILE E 215 8.20 1.91 -36.62
CA ILE E 215 8.18 3.35 -36.93
C ILE E 215 9.63 3.88 -37.05
N SER E 216 10.55 3.36 -36.20
CA SER E 216 11.97 3.71 -36.24
C SER E 216 12.60 3.24 -37.56
N TRP E 217 12.25 2.03 -38.03
CA TRP E 217 12.80 1.46 -39.27
C TRP E 217 12.38 2.25 -40.55
N THR E 218 11.42 3.18 -40.47
CA THR E 218 11.09 3.99 -41.64
C THR E 218 12.24 4.99 -41.98
N ALA E 219 13.23 5.15 -41.07
CA ALA E 219 14.39 6.01 -41.30
C ALA E 219 15.33 5.40 -42.36
N PHE E 220 15.06 4.14 -42.77
CA PHE E 220 15.82 3.48 -43.82
C PHE E 220 15.24 3.81 -45.21
N TRP E 221 14.22 4.68 -45.26
CA TRP E 221 13.58 5.12 -46.49
C TRP E 221 13.65 6.64 -46.61
N SER E 222 14.51 7.25 -45.78
CA SER E 222 14.72 8.69 -45.75
C SER E 222 16.21 8.99 -45.71
N THR E 223 16.59 10.16 -46.25
CA THR E 223 17.96 10.69 -46.27
C THR E 223 18.08 11.96 -45.40
N SER E 224 16.94 12.45 -44.90
CA SER E 224 16.88 13.63 -44.04
C SER E 224 17.40 13.26 -42.66
N TYR E 225 18.66 13.65 -42.34
CA TYR E 225 19.28 13.36 -41.04
C TYR E 225 18.46 13.95 -39.93
N GLU E 226 17.87 15.14 -40.16
CA GLU E 226 17.00 15.79 -39.16
C GLU E 226 15.71 14.98 -38.91
N ALA E 227 15.08 14.46 -39.99
CA ALA E 227 13.88 13.61 -39.87
C ALA E 227 14.22 12.24 -39.30
N ASN E 228 15.43 11.72 -39.60
CA ASN E 228 15.90 10.42 -39.12
C ASN E 228 16.29 10.44 -37.65
N VAL E 229 16.93 11.52 -37.18
CA VAL E 229 17.29 11.69 -35.76
C VAL E 229 15.99 11.67 -34.96
N THR E 230 15.01 12.49 -35.42
CA THR E 230 13.66 12.60 -34.85
C THR E 230 13.01 11.21 -34.81
N LEU E 231 12.96 10.49 -35.95
CA LEU E 231 12.41 9.14 -36.00
C LEU E 231 12.98 8.17 -34.96
N VAL E 232 14.27 7.78 -35.07
CA VAL E 232 14.90 6.83 -34.12
C VAL E 232 14.81 7.30 -32.64
N VAL E 233 15.24 8.55 -32.32
CA VAL E 233 15.25 9.03 -30.93
C VAL E 233 13.83 9.13 -30.35
N SER E 234 12.88 9.79 -31.10
CA SER E 234 11.49 9.97 -30.64
C SER E 234 10.78 8.65 -30.43
N THR E 235 11.04 7.63 -31.31
CA THR E 235 10.49 6.28 -31.10
C THR E 235 11.17 5.63 -29.90
N LEU E 236 12.47 5.91 -29.64
CA LEU E 236 13.11 5.37 -28.43
C LEU E 236 12.43 5.91 -27.16
N ILE E 237 12.02 7.21 -27.15
CA ILE E 237 11.28 7.79 -26.02
C ILE E 237 9.92 7.09 -25.91
N ALA E 238 9.21 6.96 -27.06
CA ALA E 238 7.89 6.30 -27.13
C ALA E 238 7.95 4.90 -26.56
N HIS E 239 8.99 4.11 -26.96
CA HIS E 239 9.24 2.75 -26.50
C HIS E 239 9.31 2.73 -24.95
N ILE E 240 10.14 3.61 -24.35
CA ILE E 240 10.33 3.70 -22.90
C ILE E 240 9.02 4.09 -22.23
N ALA E 241 8.34 5.17 -22.74
CA ALA E 241 7.07 5.62 -22.16
C ALA E 241 6.03 4.50 -22.20
N PHE E 242 6.01 3.72 -23.31
CA PHE E 242 5.10 2.59 -23.43
C PHE E 242 5.40 1.53 -22.37
N ASN E 243 6.70 1.26 -22.10
CA ASN E 243 7.13 0.30 -21.08
C ASN E 243 6.78 0.75 -19.65
N ILE E 244 6.78 2.10 -19.41
CA ILE E 244 6.36 2.68 -18.13
C ILE E 244 4.83 2.44 -18.02
N LEU E 245 4.11 2.51 -19.15
CA LEU E 245 2.66 2.30 -19.21
C LEU E 245 2.26 0.87 -18.94
N VAL E 246 3.02 -0.12 -19.45
CA VAL E 246 2.68 -1.54 -19.29
C VAL E 246 3.51 -2.26 -18.16
N GLU E 247 4.27 -1.47 -17.36
CA GLU E 247 5.11 -1.84 -16.20
C GLU E 247 4.44 -2.91 -15.33
N THR E 248 5.21 -3.99 -15.02
CA THR E 248 4.79 -5.11 -14.17
C THR E 248 4.65 -4.70 -12.67
N ASN E 249 5.23 -3.51 -12.27
CA ASN E 249 5.26 -2.89 -10.92
C ASN E 249 5.99 -3.78 -9.86
N CYS E 250 6.67 -4.83 -10.38
CA CYS E 250 7.48 -5.83 -9.69
C CYS E 250 8.93 -5.39 -9.60
N PRO E 251 9.65 -5.68 -8.45
CA PRO E 251 11.09 -5.37 -8.41
C PRO E 251 11.77 -6.11 -9.55
N LYS E 252 12.92 -5.60 -10.00
CA LYS E 252 13.60 -6.30 -11.07
C LYS E 252 14.00 -7.72 -10.63
N THR E 253 13.81 -8.64 -11.55
CA THR E 253 14.04 -10.05 -11.38
C THR E 253 15.57 -10.28 -11.42
N PRO E 254 16.16 -11.00 -10.43
CA PRO E 254 17.62 -11.23 -10.42
C PRO E 254 18.21 -12.03 -11.59
N TYR E 255 17.37 -12.85 -12.22
CA TYR E 255 17.69 -13.70 -13.38
C TYR E 255 17.11 -13.13 -14.70
N MET E 256 17.68 -13.59 -15.82
CA MET E 256 17.27 -13.15 -17.15
C MET E 256 16.06 -13.98 -17.60
N THR E 257 14.97 -13.26 -17.95
CA THR E 257 13.71 -13.80 -18.45
C THR E 257 13.65 -13.70 -19.97
N TYR E 258 12.67 -14.39 -20.60
CA TYR E 258 12.46 -14.39 -22.04
C TYR E 258 12.14 -12.99 -22.53
N THR E 259 11.16 -12.34 -21.86
CA THR E 259 10.72 -10.97 -22.10
C THR E 259 11.82 -9.97 -21.80
N GLY E 260 12.66 -10.27 -20.82
CA GLY E 260 13.79 -9.43 -20.45
C GLY E 260 14.81 -9.29 -21.56
N ALA E 261 15.08 -10.44 -22.23
CA ALA E 261 16.00 -10.58 -23.35
C ALA E 261 15.47 -9.82 -24.56
N ILE E 262 14.18 -10.03 -24.92
CA ILE E 262 13.52 -9.35 -26.05
C ILE E 262 13.65 -7.84 -25.92
N ILE E 263 13.30 -7.31 -24.71
CA ILE E 263 13.38 -5.88 -24.43
C ILE E 263 14.83 -5.39 -24.55
N PHE E 264 15.81 -6.17 -24.01
CA PHE E 264 17.22 -5.82 -24.14
C PHE E 264 17.60 -5.69 -25.60
N MET E 265 17.19 -6.70 -26.40
CA MET E 265 17.44 -6.77 -27.84
C MET E 265 16.84 -5.56 -28.58
N ILE E 266 15.63 -5.11 -28.17
CA ILE E 266 14.94 -3.93 -28.71
C ILE E 266 15.77 -2.66 -28.46
N TYR E 267 16.33 -2.52 -27.23
CA TYR E 267 17.20 -1.39 -26.90
C TYR E 267 18.44 -1.41 -27.77
N LEU E 268 18.99 -2.60 -28.01
CA LEU E 268 20.15 -2.77 -28.87
C LEU E 268 19.82 -2.39 -30.33
N PHE E 269 18.59 -2.69 -30.78
CA PHE E 269 18.12 -2.37 -32.13
C PHE E 269 17.96 -0.88 -32.33
N TYR E 270 17.56 -0.13 -31.26
CA TYR E 270 17.43 1.32 -31.34
C TYR E 270 18.81 1.92 -31.42
N PHE E 271 19.79 1.28 -30.74
CA PHE E 271 21.18 1.72 -30.73
C PHE E 271 21.83 1.58 -32.09
N VAL E 272 21.71 0.39 -32.69
CA VAL E 272 22.24 0.06 -34.01
C VAL E 272 21.59 0.93 -35.09
N ALA E 273 20.25 1.18 -34.99
CA ALA E 273 19.51 2.05 -35.91
C ALA E 273 20.11 3.46 -35.91
N VAL E 274 20.50 4.01 -34.73
CA VAL E 274 21.15 5.31 -34.61
C VAL E 274 22.51 5.25 -35.30
N ILE E 275 23.28 4.13 -35.11
CA ILE E 275 24.57 3.96 -35.79
C ILE E 275 24.38 4.09 -37.31
N GLU E 276 23.42 3.32 -37.89
CA GLU E 276 23.09 3.39 -39.32
C GLU E 276 22.83 4.83 -39.74
N VAL E 277 21.89 5.52 -39.05
CA VAL E 277 21.47 6.90 -39.35
C VAL E 277 22.68 7.81 -39.37
N THR E 278 23.53 7.66 -38.32
CA THR E 278 24.75 8.45 -38.18
C THR E 278 25.71 8.20 -39.39
N VAL E 279 26.00 6.90 -39.71
CA VAL E 279 26.85 6.47 -40.82
C VAL E 279 26.36 7.06 -42.14
N GLN E 280 25.08 6.79 -42.49
CA GLN E 280 24.36 7.26 -43.69
C GLN E 280 24.70 8.74 -43.89
N HIS E 281 24.45 9.56 -42.86
CA HIS E 281 24.72 11.00 -42.88
C HIS E 281 26.18 11.32 -43.07
N TYR E 282 27.09 10.69 -42.27
CA TYR E 282 28.53 10.96 -42.36
C TYR E 282 29.10 10.68 -43.76
N LEU E 283 28.68 9.56 -44.38
CA LEU E 283 29.07 9.20 -45.74
C LEU E 283 28.49 10.19 -46.75
N LYS E 284 27.26 10.66 -46.51
CA LYS E 284 26.56 11.63 -47.34
C LYS E 284 27.24 12.98 -47.27
N VAL E 285 27.75 13.38 -46.09
CA VAL E 285 28.48 14.63 -45.91
C VAL E 285 29.88 14.51 -46.56
N GLU E 286 30.52 13.34 -46.38
CA GLU E 286 31.84 13.02 -46.94
C GLU E 286 31.75 12.60 -48.42
N SER E 287 30.71 13.10 -49.13
CA SER E 287 30.44 12.85 -50.54
C SER E 287 30.78 11.42 -50.97
N GLN E 288 30.04 10.46 -50.39
CA GLN E 288 30.14 9.03 -50.67
C GLN E 288 28.69 8.50 -50.71
N PRO E 289 27.82 9.06 -51.59
CA PRO E 289 26.41 8.64 -51.60
C PRO E 289 26.16 7.25 -52.15
N ALA E 290 27.22 6.56 -52.60
CA ALA E 290 27.14 5.20 -53.10
C ALA E 290 27.06 4.26 -51.91
N ARG E 291 27.95 4.45 -50.90
CA ARG E 291 28.01 3.64 -49.67
C ARG E 291 26.88 4.00 -48.74
N ALA E 292 26.53 5.31 -48.68
CA ALA E 292 25.43 5.80 -47.87
C ALA E 292 24.12 5.15 -48.32
N ALA E 293 23.86 5.10 -49.65
CA ALA E 293 22.66 4.49 -50.21
C ALA E 293 22.62 2.99 -50.10
N SER E 294 23.76 2.31 -50.27
CA SER E 294 23.81 0.85 -50.19
C SER E 294 23.51 0.33 -48.78
N ILE E 295 24.11 0.98 -47.73
CA ILE E 295 23.92 0.63 -46.33
C ILE E 295 22.44 0.74 -45.99
N THR E 296 21.82 1.91 -46.24
CA THR E 296 20.40 2.19 -46.00
C THR E 296 19.54 1.13 -46.69
N ARG E 297 19.85 0.82 -47.98
CA ARG E 297 19.14 -0.20 -48.76
C ARG E 297 19.20 -1.60 -48.10
N ALA E 298 20.38 -1.97 -47.54
CA ALA E 298 20.58 -3.25 -46.88
C ALA E 298 19.75 -3.30 -45.59
N SER E 299 19.89 -2.28 -44.74
CA SER E 299 19.20 -2.07 -43.47
C SER E 299 17.68 -2.30 -43.57
N ARG E 300 17.07 -1.96 -44.75
CA ARG E 300 15.65 -2.14 -45.04
C ARG E 300 15.23 -3.60 -44.89
N ILE E 301 16.16 -4.53 -45.19
CA ILE E 301 15.96 -5.99 -45.09
C ILE E 301 16.72 -6.56 -43.88
N ALA E 302 17.95 -6.03 -43.63
CA ALA E 302 18.85 -6.43 -42.54
C ALA E 302 18.17 -6.36 -41.17
N PHE E 303 17.53 -5.22 -40.87
CA PHE E 303 16.86 -5.02 -39.59
C PHE E 303 15.70 -5.98 -39.39
N PRO E 304 14.67 -6.07 -40.29
CA PRO E 304 13.59 -7.04 -40.05
C PRO E 304 14.04 -8.50 -39.95
N VAL E 305 14.96 -8.92 -40.85
CA VAL E 305 15.50 -10.28 -40.91
C VAL E 305 16.27 -10.63 -39.63
N VAL E 306 17.28 -9.83 -39.25
CA VAL E 306 18.05 -10.08 -38.03
C VAL E 306 17.13 -10.15 -36.82
N PHE E 307 16.17 -9.20 -36.71
CA PHE E 307 15.19 -9.16 -35.62
C PHE E 307 14.40 -10.49 -35.57
N LEU E 308 13.79 -10.90 -36.70
CA LEU E 308 13.03 -12.14 -36.83
C LEU E 308 13.84 -13.39 -36.43
N LEU E 309 15.08 -13.52 -36.94
CA LEU E 309 15.99 -14.64 -36.62
C LEU E 309 16.36 -14.63 -35.14
N ALA E 310 16.83 -13.47 -34.63
CA ALA E 310 17.22 -13.30 -33.22
C ALA E 310 16.09 -13.64 -32.25
N ASN E 311 14.83 -13.38 -32.64
CA ASN E 311 13.68 -13.75 -31.84
C ASN E 311 13.45 -15.24 -31.87
N ILE E 312 13.63 -15.88 -33.06
CA ILE E 312 13.52 -17.34 -33.26
C ILE E 312 14.56 -18.03 -32.37
N ILE E 313 15.81 -17.51 -32.37
CA ILE E 313 16.89 -18.02 -31.53
C ILE E 313 16.50 -17.97 -30.04
N LEU E 314 16.04 -16.80 -29.55
CA LEU E 314 15.61 -16.60 -28.15
C LEU E 314 14.48 -17.51 -27.74
N ALA E 315 13.40 -17.55 -28.56
CA ALA E 315 12.22 -18.38 -28.31
C ALA E 315 12.65 -19.84 -28.17
N PHE E 316 13.55 -20.29 -29.06
CA PHE E 316 14.10 -21.64 -29.01
C PHE E 316 14.89 -21.87 -27.69
N LEU E 317 15.76 -20.91 -27.31
CA LEU E 317 16.58 -20.95 -26.11
C LEU E 317 15.76 -21.04 -24.82
N PHE E 318 14.65 -20.28 -24.72
CA PHE E 318 13.82 -20.28 -23.51
C PHE E 318 12.77 -21.39 -23.49
N PHE E 319 12.30 -21.85 -24.67
CA PHE E 319 11.26 -22.88 -24.75
C PHE E 319 11.71 -24.11 -25.59
C1 LMT F . 5.13 7.11 -11.45
C2 LMT F . 4.57 6.98 -12.90
C3 LMT F . 5.50 7.85 -13.73
C4 LMT F . 4.96 8.15 -15.12
C5 LMT F . 5.96 9.09 -15.80
C6 LMT F . 5.99 8.95 -17.34
C7 LMT F . 6.95 10.00 -17.94
C8 LMT F . 6.75 10.13 -19.46
C9 LMT F . 7.34 11.44 -19.98
C10 LMT F . 7.33 11.44 -21.51
C11 LMT F . 8.49 12.34 -22.03
C12 LMT F . 8.49 12.63 -23.54
CL CL G . -17.46 -16.48 7.25
C ACT H . -23.11 -18.32 13.14
O ACT H . -24.37 -18.41 13.16
OXT ACT H . -22.47 -17.38 13.58
CH3 ACT H . -22.22 -19.39 12.63
CL CL I . -18.84 0.26 15.91
C ACT J . -20.96 -0.19 24.05
O ACT J . -20.26 -1.09 24.53
OXT ACT J . -21.42 0.80 24.68
CH3 ACT J . -21.30 -0.34 22.61
CL CL K . -2.67 4.64 24.14
CL CL L . 9.38 -9.72 20.88
O1 PFL M . 9.13 16.32 -30.31
C1 PFL M . 10.43 16.24 -29.87
C2 PFL M . 11.48 16.69 -30.70
C6 PFL M . 10.69 15.72 -28.58
C3 PFL M . 12.78 16.61 -30.22
C7 PFL M . 11.21 17.28 -32.07
C4 PFL M . 13.05 16.12 -28.95
C5 PFL M . 12.01 15.67 -28.15
C10 PFL M . 9.58 15.32 -27.65
C8 PFL M . 11.47 18.79 -32.07
C9 PFL M . 12.08 16.64 -33.14
C11 PFL M . 10.03 14.26 -26.64
C12 PFL M . 9.04 16.53 -26.90
C ACT N . 9.90 -16.14 26.33
O ACT N . 9.12 -17.06 26.46
OXT ACT N . 9.99 -15.41 25.40
CH3 ACT N . 10.82 -15.93 27.39
CL CL O . 0.27 -22.31 10.40
C ACT P . -3.69 -28.35 14.23
O ACT P . -2.61 -28.61 13.90
OXT ACT P . -4.00 -27.39 14.93
CH3 ACT P . -4.76 -29.25 13.74
#